data_8B48
#
_entry.id   8B48
#
_cell.length_a   70.740
_cell.length_b   79.570
_cell.length_c   86.010
_cell.angle_alpha   113.322
_cell.angle_beta   98.531
_cell.angle_gamma   94.440
#
_symmetry.space_group_name_H-M   'P 1'
#
loop_
_entity.id
_entity.type
_entity.pdbx_description
1 polymer 'Carbohydrate esterase family 15 protein'
2 branched alpha-D-mannopyranose-(1-3)-beta-D-mannopyranose-(1-4)-2-acetamido-2-deoxy-beta-D-glucopyranose-(1-4)-2-acetamido-2-deoxy-beta-D-glucopyranose
3 branched alpha-D-mannopyranose-(1-3)-[alpha-D-mannopyranose-(1-6)]beta-D-mannopyranose-(1-4)-2-acetamido-2-deoxy-beta-D-glucopyranose-(1-4)-2-acetamido-2-deoxy-beta-D-glucopyranose
4 branched alpha-D-mannopyranose-(1-3)-alpha-D-mannopyranose-(1-6)-[alpha-D-mannopyranose-(1-3)]beta-D-mannopyranose-(1-4)-2-acetamido-2-deoxy-beta-D-glucopyranose-(1-4)-2-acetamido-2-deoxy-beta-D-glucopyranose
5 non-polymer 'FORMIC ACID'
6 water water
#
_entity_poly.entity_id   1
_entity_poly.type   'polypeptide(L)'
_entity_poly.pdbx_seq_one_letter_code
;QAPSCPNLPASINYAANPKLPDPFLALSGTRLSKKDQWPCRKEEIRQLFQRYSYGTFPPRPESVTAAMSGNALKITVSEG
SKSMSFSVNIKLPSSGAAPYPAIIAYGSASLPIPNTVATITYQNFEMAADNGRGKGKFYEFYGSNHNAGGMIAAAWGVDR
IIDALEMTPAAKIDPKRVGVTGCSRNGKGSMIAGAFVDRIALALPQEGGQSAAGCWRIADEIQKNGTKVETAHQIVNGDS
WFSTDFSKYVDTVPTLPWDNHMLHALYAYPPRGLLIIENTAIDYLGPTSNYHCATAGRKVHEALGVKDYFGFSQNSHSDH
CGFPKAQQPELTAFIERFLLAKDTKTDVWKTDGKFTIDERRWIDWAVPSLSGLEQKLISEEDLNSAVDHHHHHH
;
_entity_poly.pdbx_strand_id   A,B,C,D
#
# COMPACT_ATOMS: atom_id res chain seq x y z
N SER A 4 29.66 9.63 -40.79
CA SER A 4 28.76 9.56 -41.97
C SER A 4 28.66 10.94 -42.63
N CYS A 5 28.49 12.03 -41.86
CA CYS A 5 28.37 13.43 -42.38
C CYS A 5 29.47 14.32 -41.82
N PRO A 6 29.97 15.33 -42.58
CA PRO A 6 31.00 16.25 -42.09
C PRO A 6 30.43 17.23 -41.05
N ASN A 7 31.30 17.91 -40.30
CA ASN A 7 30.92 19.01 -39.38
C ASN A 7 30.83 20.31 -40.16
N LEU A 8 30.27 21.36 -39.57
CA LEU A 8 30.13 22.69 -40.22
C LEU A 8 31.52 23.31 -40.40
N PRO A 9 31.72 24.11 -41.47
CA PRO A 9 32.85 25.05 -41.55
C PRO A 9 33.09 25.81 -40.23
N ALA A 10 34.34 26.18 -39.94
CA ALA A 10 34.71 26.94 -38.71
C ALA A 10 33.84 28.20 -38.63
N SER A 11 33.63 28.85 -39.78
CA SER A 11 32.82 30.10 -39.92
C SER A 11 31.95 29.99 -41.19
N ILE A 12 30.74 30.52 -41.09
CA ILE A 12 29.74 30.56 -42.20
C ILE A 12 29.52 32.04 -42.55
N ASN A 13 29.55 32.37 -43.83
CA ASN A 13 29.13 33.70 -44.34
C ASN A 13 27.77 33.54 -45.00
N TYR A 14 26.74 34.08 -44.37
CA TYR A 14 25.35 34.11 -44.90
C TYR A 14 24.97 35.58 -45.09
N ALA A 15 24.75 35.95 -46.34
CA ALA A 15 24.29 37.29 -46.76
C ALA A 15 22.87 37.52 -46.24
N ALA A 16 22.65 38.65 -45.57
CA ALA A 16 21.33 39.08 -45.05
C ALA A 16 20.26 38.61 -46.03
N ASN A 17 19.30 37.84 -45.54
CA ASN A 17 18.17 37.31 -46.35
C ASN A 17 16.89 37.61 -45.59
N PRO A 18 15.99 38.44 -46.16
CA PRO A 18 14.72 38.77 -45.48
C PRO A 18 13.66 37.67 -45.55
N LYS A 19 13.91 36.59 -46.32
CA LYS A 19 12.99 35.44 -46.46
C LYS A 19 13.57 34.22 -45.72
N LEU A 20 12.81 33.12 -45.66
CA LEU A 20 13.20 31.89 -44.90
C LEU A 20 14.25 31.16 -45.72
N PRO A 21 15.47 30.92 -45.20
CA PRO A 21 16.51 30.29 -46.00
C PRO A 21 15.99 29.00 -46.65
N ASP A 22 16.41 28.71 -47.88
CA ASP A 22 16.07 27.45 -48.58
C ASP A 22 16.58 26.28 -47.72
N PRO A 23 15.67 25.40 -47.22
CA PRO A 23 16.10 24.22 -46.45
C PRO A 23 16.83 23.16 -47.29
N PHE A 24 16.66 23.23 -48.62
CA PHE A 24 17.26 22.27 -49.58
C PHE A 24 18.62 22.77 -50.07
N LEU A 25 19.11 23.91 -49.59
CA LEU A 25 20.41 24.48 -50.05
C LEU A 25 21.48 24.20 -49.01
N ALA A 26 22.30 23.18 -49.24
CA ALA A 26 23.46 22.84 -48.39
C ALA A 26 24.42 24.04 -48.36
N LEU A 27 25.18 24.16 -47.27
CA LEU A 27 26.24 25.19 -47.11
C LEU A 27 27.35 24.95 -48.13
N SER A 28 27.59 23.67 -48.45
CA SER A 28 28.48 23.25 -49.57
C SER A 28 28.22 24.12 -50.81
N GLY A 29 26.95 24.39 -51.13
CA GLY A 29 26.53 25.18 -52.29
C GLY A 29 25.49 24.43 -53.11
N THR A 30 25.61 23.10 -53.19
CA THR A 30 24.71 22.23 -54.00
C THR A 30 23.34 22.18 -53.35
N ARG A 31 22.31 22.31 -54.17
CA ARG A 31 20.90 22.20 -53.78
C ARG A 31 20.50 20.73 -53.93
N LEU A 32 19.79 20.19 -52.93
CA LEU A 32 19.42 18.73 -52.88
C LEU A 32 18.52 18.38 -54.07
N SER A 33 18.84 17.26 -54.73
CA SER A 33 18.13 16.67 -55.88
C SER A 33 17.89 15.17 -55.67
N LYS A 34 18.57 14.56 -54.69
CA LYS A 34 18.52 13.11 -54.37
C LYS A 34 18.12 12.92 -52.90
N LYS A 35 17.20 11.99 -52.62
CA LYS A 35 16.74 11.68 -51.23
C LYS A 35 17.94 11.35 -50.32
N ASP A 36 18.91 10.58 -50.82
CA ASP A 36 20.06 10.05 -50.03
C ASP A 36 20.99 11.20 -49.60
N GLN A 37 20.77 12.42 -50.09
CA GLN A 37 21.51 13.62 -49.63
C GLN A 37 20.89 14.21 -48.34
N TRP A 38 19.61 13.92 -48.07
CA TRP A 38 18.84 14.60 -46.99
C TRP A 38 19.46 14.35 -45.61
N PRO A 39 19.85 13.10 -45.27
CA PRO A 39 20.48 12.81 -43.98
C PRO A 39 21.61 13.78 -43.59
N CYS A 40 22.45 14.17 -44.55
CA CYS A 40 23.63 15.03 -44.30
C CYS A 40 23.23 16.50 -44.17
N ARG A 41 22.17 16.91 -44.87
CA ARG A 41 21.56 18.25 -44.69
C ARG A 41 20.88 18.30 -43.32
N LYS A 42 20.14 17.23 -42.96
CA LYS A 42 19.49 17.12 -41.63
C LYS A 42 20.53 17.31 -40.51
N GLU A 43 21.73 16.73 -40.60
CA GLU A 43 22.79 16.91 -39.56
C GLU A 43 23.30 18.36 -39.59
N GLU A 44 23.60 18.89 -40.78
CA GLU A 44 23.97 20.31 -40.98
C GLU A 44 23.00 21.18 -40.14
N ILE A 45 21.70 21.02 -40.37
CA ILE A 45 20.62 21.79 -39.70
C ILE A 45 20.74 21.60 -38.18
N ARG A 46 20.81 20.35 -37.74
CA ARG A 46 20.96 19.98 -36.30
C ARG A 46 22.17 20.73 -35.72
N GLN A 47 23.28 20.72 -36.45
CA GLN A 47 24.55 21.35 -35.99
C GLN A 47 24.38 22.87 -35.98
N LEU A 48 23.65 23.44 -36.95
CA LEU A 48 23.42 24.90 -37.05
C LEU A 48 22.66 25.34 -35.79
N PHE A 49 21.53 24.69 -35.50
CA PHE A 49 20.68 24.99 -34.32
C PHE A 49 21.53 25.02 -33.05
N GLN A 50 22.39 24.02 -32.86
CA GLN A 50 23.21 23.86 -31.62
C GLN A 50 24.25 24.98 -31.55
N ARG A 51 24.87 25.35 -32.66
CA ARG A 51 25.91 26.41 -32.67
C ARG A 51 25.28 27.76 -32.36
N TYR A 52 24.20 28.12 -33.08
CA TYR A 52 23.64 29.49 -33.12
C TYR A 52 22.64 29.73 -31.96
N SER A 53 21.83 28.75 -31.54
CA SER A 53 20.65 28.98 -30.65
C SER A 53 20.65 28.08 -29.40
N TYR A 54 20.78 26.76 -29.57
CA TYR A 54 20.40 25.78 -28.52
C TYR A 54 21.56 25.48 -27.56
N GLY A 55 22.79 25.36 -28.06
CA GLY A 55 23.90 24.74 -27.31
C GLY A 55 24.07 23.30 -27.75
N THR A 56 25.15 22.62 -27.33
CA THR A 56 25.46 21.23 -27.75
C THR A 56 24.45 20.25 -27.11
N PHE A 57 23.77 19.45 -27.94
CA PHE A 57 22.93 18.29 -27.56
C PHE A 57 23.84 17.07 -27.43
N PRO A 58 24.24 16.67 -26.20
CA PRO A 58 25.30 15.68 -26.03
C PRO A 58 24.82 14.32 -26.53
N PRO A 59 25.75 13.39 -26.82
CA PRO A 59 25.39 12.01 -27.17
C PRO A 59 24.98 11.24 -25.90
N ARG A 60 24.44 10.02 -26.08
CA ARG A 60 24.23 9.04 -24.98
C ARG A 60 25.53 8.91 -24.17
N PRO A 61 25.48 9.07 -22.82
CA PRO A 61 26.68 8.94 -22.02
C PRO A 61 27.10 7.46 -21.93
N GLU A 62 28.29 7.20 -21.36
CA GLU A 62 28.90 5.86 -21.45
C GLU A 62 27.96 4.85 -20.78
N SER A 63 27.37 5.17 -19.63
CA SER A 63 26.36 4.31 -18.96
C SER A 63 24.98 4.99 -18.91
N VAL A 64 23.94 4.23 -19.27
CA VAL A 64 22.52 4.51 -18.91
C VAL A 64 21.95 3.24 -18.29
N THR A 65 21.41 3.30 -17.06
CA THR A 65 20.70 2.20 -16.37
C THR A 65 19.38 2.75 -15.79
N ALA A 66 18.37 1.90 -15.73
CA ALA A 66 17.00 2.25 -15.28
C ALA A 66 16.52 1.20 -14.28
N ALA A 67 15.45 1.50 -13.55
CA ALA A 67 14.91 0.68 -12.46
C ALA A 67 13.51 1.19 -12.08
N MET A 68 12.49 0.38 -12.36
CA MET A 68 11.12 0.60 -11.83
C MET A 68 11.16 0.48 -10.30
N SER A 69 10.48 1.37 -9.59
CA SER A 69 10.40 1.44 -8.10
C SER A 69 9.03 1.99 -7.70
N GLY A 70 8.03 1.09 -7.61
CA GLY A 70 6.61 1.49 -7.65
C GLY A 70 6.26 2.01 -9.02
N ASN A 71 5.67 3.20 -9.13
CA ASN A 71 5.32 3.85 -10.42
C ASN A 71 6.51 4.67 -10.94
N ALA A 72 7.51 4.96 -10.11
CA ALA A 72 8.72 5.74 -10.50
C ALA A 72 9.62 4.87 -11.38
N LEU A 73 10.01 5.39 -12.55
CA LEU A 73 11.15 4.88 -13.37
C LEU A 73 12.39 5.73 -13.06
N LYS A 74 13.32 5.21 -12.25
CA LYS A 74 14.52 5.95 -11.79
C LYS A 74 15.68 5.68 -12.77
N ILE A 75 16.12 6.70 -13.49
CA ILE A 75 17.15 6.61 -14.57
C ILE A 75 18.46 7.18 -14.02
N THR A 76 19.49 6.33 -13.93
CA THR A 76 20.86 6.67 -13.50
C THR A 76 21.74 6.67 -14.76
N VAL A 77 22.63 7.65 -14.88
CA VAL A 77 23.62 7.74 -15.97
C VAL A 77 24.98 8.03 -15.33
N SER A 78 26.07 7.74 -16.02
CA SER A 78 27.43 8.12 -15.56
C SER A 78 28.36 8.29 -16.76
N GLU A 79 29.44 9.03 -16.55
CA GLU A 79 30.45 9.42 -17.56
C GLU A 79 31.73 9.78 -16.79
N GLY A 80 32.78 8.98 -16.94
CA GLY A 80 33.88 8.95 -15.96
C GLY A 80 33.32 8.75 -14.56
N SER A 81 33.85 9.45 -13.57
CA SER A 81 33.53 9.26 -12.12
C SER A 81 32.20 9.93 -11.77
N LYS A 82 31.65 10.76 -12.67
CA LYS A 82 30.39 11.50 -12.44
C LYS A 82 29.17 10.61 -12.73
N SER A 83 28.16 10.77 -11.90
CA SER A 83 26.88 10.02 -11.93
C SER A 83 25.74 10.97 -11.53
N MET A 84 24.58 10.83 -12.16
CA MET A 84 23.35 11.62 -11.88
C MET A 84 22.14 10.71 -12.01
N SER A 85 21.11 10.92 -11.18
CA SER A 85 19.84 10.18 -11.24
C SER A 85 18.70 11.17 -11.38
N PHE A 86 17.72 10.83 -12.21
CA PHE A 86 16.45 11.59 -12.33
C PHE A 86 15.33 10.56 -12.51
N SER A 87 14.18 10.86 -11.93
CA SER A 87 13.03 9.94 -11.84
C SER A 87 11.88 10.53 -12.66
N VAL A 88 11.13 9.70 -13.40
CA VAL A 88 9.89 10.14 -14.09
C VAL A 88 8.75 9.25 -13.59
N ASN A 89 7.59 9.86 -13.32
CA ASN A 89 6.37 9.10 -12.96
C ASN A 89 5.77 8.51 -14.25
N ILE A 90 5.43 7.22 -14.24
CA ILE A 90 4.61 6.59 -15.29
C ILE A 90 3.27 6.23 -14.67
N LYS A 91 2.18 6.78 -15.24
CA LYS A 91 0.79 6.39 -14.94
C LYS A 91 0.29 5.53 -16.11
N LEU A 92 0.29 4.21 -15.93
CA LEU A 92 -0.15 3.24 -16.97
C LEU A 92 -1.62 3.54 -17.29
N PRO A 93 -2.11 3.25 -18.51
CA PRO A 93 -3.50 3.55 -18.87
C PRO A 93 -4.42 2.46 -18.32
N SER A 94 -5.71 2.48 -18.66
CA SER A 94 -6.73 1.52 -18.16
C SER A 94 -7.46 0.84 -19.32
N SER A 95 -6.80 0.67 -20.46
CA SER A 95 -7.40 0.09 -21.69
C SER A 95 -6.30 -0.36 -22.66
N GLY A 96 -6.49 -1.52 -23.30
CA GLY A 96 -5.49 -2.20 -24.14
C GLY A 96 -4.53 -3.03 -23.29
N ALA A 97 -3.54 -3.66 -23.92
CA ALA A 97 -2.54 -4.57 -23.28
C ALA A 97 -1.12 -4.03 -23.49
N ALA A 98 -0.25 -4.24 -22.49
CA ALA A 98 1.21 -3.97 -22.56
C ALA A 98 1.80 -4.68 -23.78
N PRO A 99 2.96 -4.23 -24.31
CA PRO A 99 3.56 -2.96 -23.90
C PRO A 99 2.70 -1.81 -24.45
N TYR A 100 2.58 -0.73 -23.67
CA TYR A 100 1.61 0.38 -23.89
C TYR A 100 2.28 1.50 -24.69
N PRO A 101 1.50 2.25 -25.51
CA PRO A 101 1.97 3.52 -26.05
C PRO A 101 1.92 4.58 -24.93
N ALA A 102 2.87 5.53 -24.95
CA ALA A 102 3.02 6.58 -23.91
C ALA A 102 3.11 7.97 -24.55
N ILE A 103 2.91 8.99 -23.71
CA ILE A 103 3.23 10.42 -24.00
C ILE A 103 4.04 10.98 -22.83
N ILE A 104 5.27 11.44 -23.09
CA ILE A 104 6.09 12.23 -22.14
C ILE A 104 5.51 13.64 -22.11
N ALA A 105 5.08 14.11 -20.94
CA ALA A 105 4.57 15.48 -20.73
C ALA A 105 5.68 16.32 -20.09
N TYR A 106 6.06 17.44 -20.72
CA TYR A 106 6.96 18.45 -20.10
C TYR A 106 6.16 19.13 -18.98
N GLY A 107 6.45 18.77 -17.73
CA GLY A 107 5.77 19.26 -16.52
C GLY A 107 4.40 18.63 -16.35
N SER A 108 3.52 18.82 -17.33
CA SER A 108 2.13 18.31 -17.36
C SER A 108 1.56 18.47 -18.78
N ALA A 109 0.59 17.64 -19.13
CA ALA A 109 -0.17 17.78 -20.39
C ALA A 109 -1.23 18.85 -20.16
N SER A 110 -1.58 19.61 -21.20
CA SER A 110 -2.84 20.39 -21.28
C SER A 110 -3.66 19.93 -22.50
N LEU A 111 -3.28 18.78 -23.08
CA LEU A 111 -4.10 18.03 -24.06
C LEU A 111 -4.83 16.93 -23.31
N PRO A 112 -6.03 16.54 -23.75
CA PRO A 112 -6.65 15.29 -23.29
C PRO A 112 -5.91 14.07 -23.86
N ILE A 113 -5.16 13.36 -23.01
CA ILE A 113 -4.49 12.05 -23.32
C ILE A 113 -5.52 10.95 -23.10
N PRO A 114 -5.86 10.13 -24.13
CA PRO A 114 -6.83 9.04 -23.96
C PRO A 114 -6.42 8.04 -22.87
N ASN A 115 -7.36 7.17 -22.47
CA ASN A 115 -7.16 6.13 -21.42
C ASN A 115 -6.45 4.91 -22.02
N THR A 116 -6.09 4.96 -23.32
CA THR A 116 -5.36 3.89 -24.07
C THR A 116 -3.86 4.17 -24.08
N VAL A 117 -3.43 5.35 -23.61
CA VAL A 117 -2.03 5.86 -23.71
C VAL A 117 -1.53 6.24 -22.33
N ALA A 118 -0.34 5.76 -21.95
CA ALA A 118 0.31 6.05 -20.65
C ALA A 118 0.73 7.52 -20.60
N THR A 119 0.84 8.07 -19.40
CA THR A 119 1.27 9.47 -19.13
C THR A 119 2.59 9.43 -18.36
N ILE A 120 3.71 9.62 -19.05
CA ILE A 120 5.04 9.80 -18.41
C ILE A 120 5.18 11.28 -18.07
N THR A 121 5.29 11.62 -16.79
CA THR A 121 5.41 13.00 -16.27
C THR A 121 6.89 13.33 -16.05
N TYR A 122 7.45 14.14 -16.95
CA TYR A 122 8.89 14.51 -16.99
C TYR A 122 9.03 15.86 -16.29
N GLN A 123 9.94 15.93 -15.32
CA GLN A 123 10.30 17.17 -14.58
C GLN A 123 11.43 17.83 -15.38
N ASN A 124 11.05 18.54 -16.44
CA ASN A 124 11.98 19.12 -17.46
C ASN A 124 12.71 20.33 -16.87
N PHE A 125 12.07 21.12 -16.00
CA PHE A 125 12.70 22.29 -15.34
C PHE A 125 13.59 21.79 -14.20
N GLU A 126 13.30 20.60 -13.69
CA GLU A 126 14.15 19.88 -12.70
C GLU A 126 15.44 19.41 -13.39
N MET A 127 15.34 18.98 -14.65
CA MET A 127 16.47 18.51 -15.48
C MET A 127 17.39 19.70 -15.79
N ALA A 128 16.81 20.78 -16.33
CA ALA A 128 17.47 22.06 -16.63
C ALA A 128 16.46 23.20 -16.45
N ALA A 129 16.78 24.17 -15.59
CA ALA A 129 15.82 25.16 -15.02
C ALA A 129 15.29 26.13 -16.08
N ASP A 130 14.07 26.62 -15.83
CA ASP A 130 13.34 27.64 -16.62
C ASP A 130 14.18 28.93 -16.71
N ASN A 131 14.47 29.56 -15.56
CA ASN A 131 15.27 30.81 -15.50
C ASN A 131 16.42 30.65 -14.47
N GLY A 132 17.39 29.78 -14.79
CA GLY A 132 18.64 29.59 -14.05
C GLY A 132 19.72 29.06 -14.97
N ARG A 133 20.67 29.92 -15.35
CA ARG A 133 21.83 29.53 -16.19
C ARG A 133 22.59 28.43 -15.42
N GLY A 134 22.73 27.25 -16.03
CA GLY A 134 23.54 26.12 -15.52
C GLY A 134 22.97 25.43 -14.29
N LYS A 135 21.63 25.46 -14.12
CA LYS A 135 20.93 24.84 -12.97
C LYS A 135 20.07 23.69 -13.45
N GLY A 136 20.20 22.53 -12.80
CA GLY A 136 19.44 21.31 -13.11
C GLY A 136 20.31 20.08 -13.07
N LYS A 137 19.68 18.90 -13.10
CA LYS A 137 20.36 17.58 -13.08
C LYS A 137 21.39 17.54 -14.23
N PHE A 138 20.95 17.89 -15.44
CA PHE A 138 21.81 17.92 -16.65
C PHE A 138 23.17 18.57 -16.33
N TYR A 139 23.15 19.71 -15.62
CA TYR A 139 24.34 20.55 -15.36
C TYR A 139 25.12 20.01 -14.17
N GLU A 140 24.44 19.38 -13.19
CA GLU A 140 25.09 18.63 -12.08
C GLU A 140 25.98 17.56 -12.71
N PHE A 141 25.49 16.91 -13.77
CA PHE A 141 26.15 15.79 -14.47
C PHE A 141 27.26 16.28 -15.40
N TYR A 142 26.93 17.22 -16.30
CA TYR A 142 27.80 17.65 -17.45
C TYR A 142 28.66 18.86 -17.08
N GLY A 143 28.27 19.62 -16.05
CA GLY A 143 28.93 20.87 -15.64
C GLY A 143 28.02 22.07 -15.85
N SER A 144 28.06 23.04 -14.92
CA SER A 144 27.28 24.30 -14.97
C SER A 144 27.75 25.15 -16.16
N ASN A 145 29.02 25.03 -16.54
CA ASN A 145 29.62 25.83 -17.65
C ASN A 145 29.34 25.17 -19.01
N HIS A 146 28.68 24.01 -19.03
CA HIS A 146 28.24 23.37 -20.30
C HIS A 146 27.29 24.32 -21.05
N ASN A 147 27.54 24.49 -22.35
CA ASN A 147 26.95 25.57 -23.18
C ASN A 147 25.52 25.22 -23.58
N ALA A 148 25.02 24.02 -23.28
CA ALA A 148 23.63 23.63 -23.60
C ALA A 148 22.66 24.57 -22.86
N GLY A 149 21.59 24.97 -23.56
CA GLY A 149 20.46 25.69 -22.96
C GLY A 149 19.48 24.74 -22.34
N GLY A 150 18.61 25.23 -21.45
CA GLY A 150 17.63 24.42 -20.70
C GLY A 150 16.63 23.73 -21.60
N MET A 151 16.53 24.11 -22.88
CA MET A 151 15.57 23.50 -23.83
C MET A 151 16.18 22.24 -24.43
N ILE A 152 17.45 22.32 -24.84
CA ILE A 152 18.20 21.20 -25.49
C ILE A 152 18.68 20.21 -24.40
N ALA A 153 18.90 20.69 -23.17
CA ALA A 153 19.27 19.83 -22.02
C ALA A 153 18.05 19.01 -21.59
N ALA A 154 16.85 19.60 -21.63
CA ALA A 154 15.58 18.88 -21.36
C ALA A 154 15.39 17.79 -22.42
N ALA A 155 15.67 18.11 -23.69
CA ALA A 155 15.51 17.21 -24.86
C ALA A 155 16.45 15.99 -24.70
N TRP A 156 17.65 16.22 -24.15
CA TRP A 156 18.65 15.16 -23.85
C TRP A 156 18.05 14.18 -22.84
N GLY A 157 17.34 14.71 -21.85
CA GLY A 157 16.62 13.91 -20.85
C GLY A 157 15.58 13.01 -21.49
N VAL A 158 14.98 13.46 -22.60
CA VAL A 158 13.93 12.66 -23.29
C VAL A 158 14.63 11.52 -24.05
N ASP A 159 15.83 11.75 -24.56
CA ASP A 159 16.65 10.70 -25.21
C ASP A 159 16.95 9.64 -24.15
N ARG A 160 17.33 10.05 -22.94
CA ARG A 160 17.65 9.13 -21.82
C ARG A 160 16.36 8.45 -21.34
N ILE A 161 15.23 9.14 -21.31
CA ILE A 161 13.94 8.52 -20.88
C ILE A 161 13.70 7.29 -21.78
N ILE A 162 13.92 7.44 -23.09
CA ILE A 162 13.60 6.36 -24.07
C ILE A 162 14.67 5.26 -23.99
N ASP A 163 15.95 5.60 -23.84
CA ASP A 163 17.02 4.61 -23.55
C ASP A 163 16.53 3.69 -22.42
N ALA A 164 16.00 4.27 -21.36
CA ALA A 164 15.58 3.59 -20.11
C ALA A 164 14.33 2.74 -20.32
N LEU A 165 13.43 3.13 -21.24
CA LEU A 165 12.23 2.33 -21.58
C LEU A 165 12.61 1.12 -22.46
N GLU A 166 13.70 1.20 -23.22
CA GLU A 166 14.25 0.09 -24.05
C GLU A 166 14.89 -0.96 -23.14
N MET A 167 15.39 -0.55 -21.96
CA MET A 167 16.18 -1.37 -21.02
C MET A 167 15.26 -2.06 -20.01
N THR A 168 14.06 -1.50 -19.80
CA THR A 168 13.16 -1.83 -18.68
C THR A 168 11.78 -2.15 -19.22
N PRO A 169 11.56 -3.35 -19.79
CA PRO A 169 10.22 -3.74 -20.27
C PRO A 169 9.25 -3.73 -19.08
N ALA A 170 9.80 -3.95 -17.87
CA ALA A 170 9.13 -3.83 -16.55
C ALA A 170 8.19 -2.62 -16.52
N ALA A 171 8.58 -1.49 -17.12
CA ALA A 171 7.81 -0.23 -17.17
C ALA A 171 6.50 -0.43 -17.95
N LYS A 172 6.48 -1.36 -18.92
CA LYS A 172 5.29 -1.82 -19.69
C LYS A 172 5.00 -0.87 -20.85
N ILE A 173 6.03 -0.21 -21.37
CA ILE A 173 5.92 0.86 -22.39
C ILE A 173 6.66 0.43 -23.66
N ASP A 174 5.97 0.44 -24.80
CA ASP A 174 6.59 0.21 -26.13
C ASP A 174 7.51 1.39 -26.43
N PRO A 175 8.85 1.20 -26.44
CA PRO A 175 9.78 2.28 -26.74
C PRO A 175 9.61 2.96 -28.10
N LYS A 176 9.03 2.24 -29.07
CA LYS A 176 8.88 2.74 -30.46
C LYS A 176 7.66 3.66 -30.59
N ARG A 177 6.87 3.81 -29.53
CA ARG A 177 5.55 4.51 -29.54
C ARG A 177 5.43 5.45 -28.33
N VAL A 178 6.49 6.24 -28.08
CA VAL A 178 6.53 7.26 -27.00
C VAL A 178 6.35 8.64 -27.64
N GLY A 179 5.23 9.30 -27.36
CA GLY A 179 4.95 10.69 -27.76
C GLY A 179 5.53 11.70 -26.79
N VAL A 180 5.31 12.99 -27.07
CA VAL A 180 5.77 14.13 -26.22
C VAL A 180 4.84 15.32 -26.47
N THR A 181 4.55 16.09 -25.42
CA THR A 181 3.65 17.27 -25.43
C THR A 181 3.98 18.21 -24.26
N GLY A 182 3.56 19.46 -24.43
CA GLY A 182 3.65 20.54 -23.43
C GLY A 182 2.98 21.79 -23.96
N CYS A 183 2.66 22.72 -23.07
CA CYS A 183 1.98 23.99 -23.43
CA CYS A 183 1.97 23.99 -23.42
C CYS A 183 2.88 25.17 -23.07
N SER A 184 2.78 26.24 -23.87
CA SER A 184 3.50 27.50 -23.65
C SER A 184 5.01 27.17 -23.68
N ARG A 185 5.75 27.52 -22.62
CA ARG A 185 7.20 27.23 -22.50
C ARG A 185 7.49 25.78 -22.89
N ASN A 186 6.56 24.88 -22.60
CA ASN A 186 6.70 23.40 -22.79
C ASN A 186 6.16 22.99 -24.16
N GLY A 187 5.43 23.88 -24.83
CA GLY A 187 5.24 23.82 -26.28
C GLY A 187 6.59 23.90 -26.98
N LYS A 188 7.43 24.84 -26.53
CA LYS A 188 8.82 25.04 -27.04
C LYS A 188 9.64 23.78 -26.78
N GLY A 189 9.77 23.40 -25.50
CA GLY A 189 10.53 22.22 -25.05
C GLY A 189 10.16 20.98 -25.85
N SER A 190 8.87 20.66 -25.85
CA SER A 190 8.30 19.46 -26.54
C SER A 190 8.63 19.52 -28.03
N MET A 191 8.48 20.69 -28.66
CA MET A 191 8.81 20.85 -30.10
C MET A 191 10.29 20.48 -30.33
N ILE A 192 11.18 20.92 -29.44
CA ILE A 192 12.65 20.74 -29.61
C ILE A 192 13.01 19.27 -29.28
N ALA A 193 12.42 18.72 -28.22
CA ALA A 193 12.57 17.31 -27.84
C ALA A 193 12.29 16.42 -29.06
N GLY A 194 11.16 16.64 -29.74
CA GLY A 194 10.73 15.83 -30.87
C GLY A 194 11.64 16.02 -32.08
N ALA A 195 12.23 17.21 -32.22
CA ALA A 195 13.14 17.55 -33.34
C ALA A 195 14.48 16.82 -33.18
N PHE A 196 14.97 16.62 -31.97
CA PHE A 196 16.34 16.12 -31.71
C PHE A 196 16.37 14.64 -31.30
N VAL A 197 15.28 14.14 -30.73
CA VAL A 197 15.12 12.70 -30.36
C VAL A 197 14.34 12.01 -31.49
N ASP A 198 15.05 11.27 -32.33
CA ASP A 198 14.53 10.67 -33.60
C ASP A 198 13.54 9.55 -33.29
N ARG A 199 13.63 8.97 -32.09
CA ARG A 199 12.84 7.79 -31.65
C ARG A 199 11.45 8.21 -31.18
N ILE A 200 11.22 9.50 -30.93
CA ILE A 200 9.86 10.00 -30.54
C ILE A 200 8.92 9.72 -31.71
N ALA A 201 7.74 9.15 -31.41
CA ALA A 201 6.75 8.68 -32.40
C ALA A 201 5.89 9.85 -32.85
N LEU A 202 5.59 10.77 -31.93
CA LEU A 202 4.65 11.89 -32.13
C LEU A 202 4.93 13.02 -31.14
N ALA A 203 5.15 14.24 -31.64
CA ALA A 203 5.25 15.48 -30.83
C ALA A 203 3.92 16.23 -30.93
N LEU A 204 3.45 16.76 -29.79
CA LEU A 204 2.27 17.64 -29.71
C LEU A 204 2.68 18.91 -28.97
N PRO A 205 3.33 19.89 -29.65
CA PRO A 205 3.59 21.19 -29.05
C PRO A 205 2.28 21.98 -29.10
N GLN A 206 1.90 22.59 -27.97
CA GLN A 206 0.69 23.42 -27.81
C GLN A 206 1.09 24.84 -27.40
N GLU A 207 0.70 25.84 -28.20
CA GLU A 207 0.87 27.30 -27.91
C GLU A 207 2.33 27.56 -27.52
N GLY A 208 3.27 26.93 -28.21
CA GLY A 208 4.72 27.14 -28.04
C GLY A 208 5.18 28.43 -28.70
N GLY A 209 4.46 28.85 -29.75
CA GLY A 209 4.68 30.11 -30.47
C GLY A 209 6.08 30.19 -31.04
N GLN A 210 6.68 31.38 -31.00
CA GLN A 210 8.02 31.66 -31.56
C GLN A 210 9.05 30.76 -30.85
N SER A 211 10.11 30.39 -31.59
CA SER A 211 11.16 29.41 -31.23
C SER A 211 10.71 27.99 -31.58
N ALA A 212 9.40 27.75 -31.52
CA ALA A 212 8.73 26.44 -31.70
C ALA A 212 8.07 26.40 -33.08
N ALA A 213 6.82 26.88 -33.18
CA ALA A 213 6.00 26.87 -34.41
C ALA A 213 6.41 28.02 -35.33
N GLY A 214 6.80 29.15 -34.77
CA GLY A 214 7.06 30.40 -35.50
C GLY A 214 8.53 30.57 -35.88
N CYS A 215 8.76 31.35 -36.93
CA CYS A 215 10.09 31.68 -37.50
C CYS A 215 10.57 33.03 -36.92
N TRP A 216 11.87 33.19 -36.72
CA TRP A 216 12.47 34.41 -36.13
C TRP A 216 12.27 35.61 -37.07
N ARG A 217 12.37 35.42 -38.38
CA ARG A 217 12.28 36.52 -39.37
C ARG A 217 10.89 37.15 -39.36
N ILE A 218 9.86 36.31 -39.21
CA ILE A 218 8.43 36.77 -39.27
C ILE A 218 8.08 37.44 -37.94
N ALA A 219 8.60 36.93 -36.83
CA ALA A 219 8.49 37.60 -35.51
C ALA A 219 9.10 39.00 -35.62
N ASP A 220 10.27 39.11 -36.26
CA ASP A 220 10.98 40.40 -36.43
C ASP A 220 10.08 41.37 -37.21
N GLU A 221 9.42 40.89 -38.27
CA GLU A 221 8.53 41.73 -39.12
C GLU A 221 7.21 42.02 -38.39
N ILE A 222 6.69 41.11 -37.57
CA ILE A 222 5.47 41.38 -36.74
C ILE A 222 5.79 42.53 -35.80
N GLN A 223 6.95 42.48 -35.13
CA GLN A 223 7.46 43.54 -34.23
C GLN A 223 7.53 44.86 -35.00
N LYS A 224 8.16 44.83 -36.18
CA LYS A 224 8.46 46.02 -37.03
C LYS A 224 7.16 46.71 -37.44
N ASN A 225 6.06 45.95 -37.51
CA ASN A 225 4.72 46.41 -37.93
C ASN A 225 3.90 46.96 -36.75
N GLY A 226 4.43 46.92 -35.51
CA GLY A 226 3.82 47.61 -34.36
C GLY A 226 3.29 46.68 -33.27
N THR A 227 3.03 45.40 -33.54
CA THR A 227 2.44 44.47 -32.52
C THR A 227 3.55 43.80 -31.70
N LYS A 228 3.41 43.84 -30.38
CA LYS A 228 4.31 43.21 -29.38
C LYS A 228 4.24 41.68 -29.55
N VAL A 229 5.39 41.05 -29.77
CA VAL A 229 5.51 39.58 -30.05
C VAL A 229 6.84 39.08 -29.47
N GLU A 230 6.96 37.77 -29.30
CA GLU A 230 8.16 37.10 -28.73
C GLU A 230 9.23 37.02 -29.83
N THR A 231 10.03 38.08 -30.00
CA THR A 231 11.15 38.12 -30.97
C THR A 231 12.39 37.50 -30.34
N ALA A 232 13.41 37.23 -31.16
CA ALA A 232 14.72 36.72 -30.71
C ALA A 232 15.30 37.67 -29.67
N HIS A 233 15.21 38.99 -29.92
CA HIS A 233 15.73 40.05 -29.01
C HIS A 233 15.09 39.87 -27.61
N GLN A 234 13.79 39.56 -27.58
CA GLN A 234 12.97 39.48 -26.34
C GLN A 234 13.28 38.17 -25.58
N ILE A 235 13.35 37.06 -26.30
CA ILE A 235 13.24 35.69 -25.72
C ILE A 235 14.48 35.34 -24.89
N VAL A 236 15.62 36.00 -25.12
CA VAL A 236 16.88 35.65 -24.40
C VAL A 236 16.94 36.37 -23.05
N ASN A 237 15.82 36.84 -22.48
CA ASN A 237 15.85 37.75 -21.30
C ASN A 237 15.28 37.08 -20.04
N GLY A 238 14.06 36.58 -20.05
CA GLY A 238 13.37 36.09 -18.83
C GLY A 238 13.69 34.64 -18.50
N ASP A 239 14.73 34.05 -19.09
CA ASP A 239 14.92 32.56 -19.09
C ASP A 239 16.38 32.18 -19.39
N SER A 240 16.67 30.87 -19.26
CA SER A 240 17.93 30.22 -19.69
C SER A 240 17.59 29.12 -20.70
N TRP A 241 16.54 29.33 -21.51
CA TRP A 241 16.03 28.36 -22.51
C TRP A 241 17.07 28.09 -23.61
N PHE A 242 17.75 29.14 -24.07
CA PHE A 242 18.76 29.07 -25.16
C PHE A 242 20.15 29.24 -24.59
N SER A 243 21.16 28.84 -25.37
CA SER A 243 22.59 28.99 -25.01
C SER A 243 22.90 30.48 -24.85
N THR A 244 23.90 30.84 -24.04
CA THR A 244 24.34 32.24 -23.86
C THR A 244 24.82 32.77 -25.22
N ASP A 245 25.24 31.90 -26.14
CA ASP A 245 25.67 32.29 -27.51
C ASP A 245 24.50 32.86 -28.31
N PHE A 246 23.25 32.43 -28.08
CA PHE A 246 22.09 32.82 -28.95
C PHE A 246 21.97 34.34 -28.99
N SER A 247 22.34 35.03 -27.91
CA SER A 247 22.09 36.49 -27.76
C SER A 247 23.10 37.33 -28.55
N LYS A 248 24.12 36.72 -29.17
CA LYS A 248 24.97 37.43 -30.17
C LYS A 248 24.20 37.65 -31.48
N TYR A 249 23.27 36.75 -31.80
CA TYR A 249 22.66 36.65 -33.15
C TYR A 249 21.25 37.24 -33.17
N VAL A 250 20.62 37.46 -32.01
CA VAL A 250 19.16 37.83 -31.92
C VAL A 250 18.90 39.10 -32.72
N ASP A 251 19.91 39.96 -32.84
CA ASP A 251 19.78 41.31 -33.43
C ASP A 251 20.13 41.26 -34.93
N THR A 252 20.54 40.11 -35.46
CA THR A 252 21.03 39.96 -36.86
C THR A 252 20.37 38.74 -37.52
N VAL A 253 19.09 38.49 -37.19
CA VAL A 253 18.31 37.31 -37.67
C VAL A 253 18.51 37.11 -39.17
N PRO A 254 18.39 38.15 -40.04
CA PRO A 254 18.53 37.93 -41.48
C PRO A 254 19.85 37.23 -41.89
N THR A 255 20.90 37.34 -41.08
CA THR A 255 22.24 36.75 -41.41
C THR A 255 22.35 35.30 -40.88
N LEU A 256 21.32 34.76 -40.24
CA LEU A 256 21.30 33.36 -39.72
C LEU A 256 21.04 32.40 -40.88
N PRO A 257 21.94 31.42 -41.11
CA PRO A 257 21.78 30.49 -42.23
C PRO A 257 20.73 29.42 -41.94
N TRP A 258 19.64 29.81 -41.27
CA TRP A 258 18.56 28.91 -40.79
C TRP A 258 17.38 29.73 -40.27
N ASP A 259 16.23 29.06 -40.13
CA ASP A 259 15.09 29.54 -39.32
C ASP A 259 14.32 28.31 -38.82
N ASN A 260 13.32 28.52 -37.96
CA ASN A 260 12.61 27.44 -37.21
C ASN A 260 11.80 26.55 -38.15
N HIS A 261 11.59 26.93 -39.41
CA HIS A 261 10.96 26.03 -40.41
C HIS A 261 11.85 24.80 -40.61
N MET A 262 13.16 24.95 -40.40
CA MET A 262 14.15 23.85 -40.52
C MET A 262 14.16 22.98 -39.26
N LEU A 263 13.65 23.49 -38.12
CA LEU A 263 13.40 22.66 -36.92
C LEU A 263 12.31 21.64 -37.24
N HIS A 264 11.24 22.07 -37.90
CA HIS A 264 10.14 21.17 -38.33
C HIS A 264 10.68 20.12 -39.31
N ALA A 265 11.64 20.50 -40.15
CA ALA A 265 12.23 19.64 -41.20
C ALA A 265 12.92 18.42 -40.57
N LEU A 266 13.38 18.53 -39.33
CA LEU A 266 14.05 17.40 -38.62
C LEU A 266 13.06 16.25 -38.42
N TYR A 267 11.75 16.51 -38.45
CA TYR A 267 10.68 15.51 -38.24
C TYR A 267 10.38 14.69 -39.51
N ALA A 268 10.94 15.04 -40.68
CA ALA A 268 10.60 14.44 -41.99
C ALA A 268 11.44 13.19 -42.26
N TYR A 269 12.50 12.98 -41.46
CA TYR A 269 13.44 11.83 -41.56
C TYR A 269 14.20 11.64 -40.24
N PRO A 270 14.07 10.49 -39.55
CA PRO A 270 13.13 9.43 -39.91
C PRO A 270 11.73 9.97 -39.67
N PRO A 271 10.77 9.70 -40.59
CA PRO A 271 9.44 10.32 -40.52
C PRO A 271 8.75 10.01 -39.19
N ARG A 272 8.27 11.05 -38.51
CA ARG A 272 7.50 10.93 -37.23
C ARG A 272 6.44 12.03 -37.18
N GLY A 273 5.35 11.75 -36.45
CA GLY A 273 4.18 12.63 -36.28
C GLY A 273 4.55 13.95 -35.60
N LEU A 274 4.08 15.07 -36.15
CA LEU A 274 4.18 16.42 -35.54
C LEU A 274 2.84 17.13 -35.77
N LEU A 275 2.01 17.22 -34.74
CA LEU A 275 0.83 18.11 -34.78
C LEU A 275 1.16 19.34 -33.94
N ILE A 276 1.19 20.50 -34.58
CA ILE A 276 1.30 21.83 -33.91
C ILE A 276 -0.12 22.30 -33.62
N ILE A 277 -0.45 22.47 -32.34
CA ILE A 277 -1.72 23.07 -31.85
C ILE A 277 -1.40 24.49 -31.37
N GLU A 278 -2.06 25.48 -31.98
CA GLU A 278 -1.74 26.91 -31.77
C GLU A 278 -3.04 27.70 -31.55
N ASN A 279 -2.85 28.96 -31.15
CA ASN A 279 -3.90 29.89 -30.70
C ASN A 279 -3.75 31.21 -31.48
N THR A 280 -4.70 31.49 -32.36
CA THR A 280 -4.74 32.70 -33.22
C THR A 280 -4.99 33.94 -32.34
N ALA A 281 -5.54 33.77 -31.14
CA ALA A 281 -6.08 34.87 -30.32
C ALA A 281 -4.94 35.65 -29.62
N ILE A 282 -3.87 34.97 -29.19
CA ILE A 282 -2.80 35.57 -28.34
C ILE A 282 -1.69 36.16 -29.23
N ASP A 283 -1.51 37.48 -29.20
CA ASP A 283 -0.58 38.22 -30.08
C ASP A 283 0.86 37.71 -29.89
N TYR A 284 1.28 37.46 -28.64
CA TYR A 284 2.71 37.23 -28.26
C TYR A 284 3.23 35.90 -28.84
N LEU A 285 2.32 35.00 -29.25
CA LEU A 285 2.66 33.74 -29.96
C LEU A 285 3.09 34.05 -31.41
N GLY A 286 2.58 35.16 -31.99
CA GLY A 286 2.78 35.53 -33.41
C GLY A 286 1.99 34.61 -34.34
N PRO A 287 0.63 34.65 -34.31
CA PRO A 287 -0.19 33.73 -35.11
C PRO A 287 0.20 33.58 -36.57
N THR A 288 0.48 34.67 -37.29
CA THR A 288 0.82 34.63 -38.74
C THR A 288 2.25 34.08 -38.93
N SER A 289 3.16 34.28 -37.97
CA SER A 289 4.51 33.65 -37.97
C SER A 289 4.35 32.12 -37.91
N ASN A 290 3.72 31.62 -36.85
CA ASN A 290 3.45 30.17 -36.64
C ASN A 290 2.98 29.54 -37.96
N TYR A 291 1.97 30.12 -38.60
CA TYR A 291 1.32 29.51 -39.79
C TYR A 291 2.28 29.50 -40.98
N HIS A 292 2.92 30.64 -41.29
CA HIS A 292 3.80 30.81 -42.48
C HIS A 292 5.09 30.01 -42.29
N CYS A 293 5.59 29.96 -41.06
CA CYS A 293 6.82 29.22 -40.65
C CYS A 293 6.61 27.72 -40.81
N ALA A 294 5.52 27.20 -40.23
CA ALA A 294 5.10 25.78 -40.33
C ALA A 294 4.97 25.41 -41.81
N THR A 295 4.25 26.23 -42.59
CA THR A 295 3.92 25.98 -44.02
C THR A 295 5.21 25.82 -44.82
N ALA A 296 6.27 26.55 -44.44
CA ALA A 296 7.62 26.47 -45.04
C ALA A 296 8.31 25.18 -44.60
N GLY A 297 8.22 24.85 -43.31
CA GLY A 297 8.78 23.60 -42.75
C GLY A 297 8.24 22.38 -43.45
N ARG A 298 6.95 22.38 -43.80
CA ARG A 298 6.23 21.21 -44.38
C ARG A 298 6.70 20.97 -45.81
N LYS A 299 7.40 21.92 -46.42
CA LYS A 299 7.95 21.78 -47.79
C LYS A 299 8.95 20.62 -47.81
N VAL A 300 9.69 20.41 -46.71
CA VAL A 300 10.69 19.31 -46.60
C VAL A 300 9.93 17.99 -46.52
N HIS A 301 8.92 17.91 -45.65
CA HIS A 301 7.95 16.79 -45.59
C HIS A 301 7.40 16.51 -47.00
N GLU A 302 7.02 17.55 -47.75
CA GLU A 302 6.37 17.45 -49.10
C GLU A 302 7.36 16.79 -50.09
N ALA A 303 8.59 17.30 -50.14
CA ALA A 303 9.68 16.77 -51.00
C ALA A 303 9.87 15.28 -50.72
N LEU A 304 9.99 14.89 -49.46
CA LEU A 304 10.27 13.49 -48.99
C LEU A 304 8.98 12.67 -48.92
N GLY A 305 7.86 13.19 -49.43
CA GLY A 305 6.58 12.47 -49.61
C GLY A 305 5.93 12.05 -48.31
N VAL A 306 6.27 12.71 -47.20
CA VAL A 306 5.73 12.44 -45.84
C VAL A 306 5.00 13.71 -45.35
N LYS A 307 4.36 14.42 -46.29
CA LYS A 307 3.60 15.67 -46.06
C LYS A 307 2.64 15.47 -44.88
N ASP A 308 1.87 14.38 -44.88
CA ASP A 308 0.73 14.18 -43.95
C ASP A 308 1.23 13.80 -42.53
N TYR A 309 2.54 13.67 -42.30
CA TYR A 309 3.12 13.41 -40.96
C TYR A 309 3.25 14.73 -40.17
N PHE A 310 3.07 15.87 -40.84
CA PHE A 310 3.11 17.23 -40.22
C PHE A 310 1.71 17.87 -40.30
N GLY A 311 1.07 18.00 -39.13
CA GLY A 311 -0.25 18.65 -38.98
C GLY A 311 -0.12 20.03 -38.34
N PHE A 312 -1.03 20.94 -38.70
CA PHE A 312 -1.13 22.32 -38.15
C PHE A 312 -2.58 22.70 -37.89
N SER A 313 -2.88 23.11 -36.66
CA SER A 313 -4.23 23.53 -36.21
C SER A 313 -4.10 24.78 -35.33
N GLN A 314 -4.67 25.89 -35.82
CA GLN A 314 -4.75 27.22 -35.14
C GLN A 314 -6.21 27.57 -34.89
N ASN A 315 -6.55 27.85 -33.63
CA ASN A 315 -7.92 28.09 -33.14
C ASN A 315 -7.89 29.37 -32.29
N SER A 316 -8.96 30.13 -32.29
CA SER A 316 -9.06 31.38 -31.47
C SER A 316 -9.70 31.02 -30.13
N HIS A 317 -9.02 31.28 -29.02
CA HIS A 317 -9.59 31.08 -27.66
C HIS A 317 -8.83 31.99 -26.67
N SER A 318 -9.57 32.66 -25.79
CA SER A 318 -9.04 33.70 -24.87
C SER A 318 -8.07 33.07 -23.86
N ASP A 319 -8.37 31.85 -23.41
CA ASP A 319 -7.62 31.15 -22.34
C ASP A 319 -6.35 30.52 -22.92
N HIS A 320 -5.20 30.89 -22.37
CA HIS A 320 -3.89 30.28 -22.71
C HIS A 320 -3.91 28.83 -22.20
N CYS A 321 -3.66 27.87 -23.09
CA CYS A 321 -3.37 26.44 -22.76
CA CYS A 321 -3.36 26.43 -22.75
C CYS A 321 -4.65 25.63 -22.52
N GLY A 322 -5.83 26.26 -22.69
CA GLY A 322 -7.11 25.53 -22.62
C GLY A 322 -7.40 24.86 -23.94
N PHE A 323 -7.28 23.53 -24.01
CA PHE A 323 -7.54 22.78 -25.27
C PHE A 323 -9.02 22.93 -25.63
N PRO A 324 -9.34 23.51 -26.81
CA PRO A 324 -10.73 23.55 -27.26
C PRO A 324 -11.15 22.19 -27.84
N LYS A 325 -12.44 21.88 -27.77
CA LYS A 325 -13.05 20.62 -28.29
C LYS A 325 -13.03 20.66 -29.82
N ALA A 326 -12.92 21.85 -30.42
CA ALA A 326 -12.83 22.05 -31.88
C ALA A 326 -11.61 21.32 -32.45
N GLN A 327 -10.52 21.23 -31.69
CA GLN A 327 -9.21 20.71 -32.16
C GLN A 327 -9.10 19.20 -31.86
N GLN A 328 -10.11 18.58 -31.24
CA GLN A 328 -10.06 17.17 -30.79
C GLN A 328 -9.93 16.21 -31.98
N PRO A 329 -10.76 16.29 -33.05
CA PRO A 329 -10.67 15.32 -34.14
C PRO A 329 -9.24 15.17 -34.68
N GLU A 330 -8.52 16.29 -34.79
CA GLU A 330 -7.14 16.40 -35.31
C GLU A 330 -6.16 15.71 -34.34
N LEU A 331 -6.30 15.97 -33.04
CA LEU A 331 -5.45 15.37 -31.97
C LEU A 331 -5.71 13.86 -31.89
N THR A 332 -6.98 13.45 -31.94
CA THR A 332 -7.41 12.03 -31.89
C THR A 332 -6.73 11.28 -33.05
N ALA A 333 -6.81 11.83 -34.27
CA ALA A 333 -6.27 11.24 -35.52
C ALA A 333 -4.76 10.99 -35.39
N PHE A 334 -4.00 11.95 -34.87
CA PHE A 334 -2.51 11.86 -34.75
C PHE A 334 -2.13 10.87 -33.67
N ILE A 335 -2.86 10.86 -32.54
CA ILE A 335 -2.68 9.85 -31.46
C ILE A 335 -2.99 8.48 -32.04
N GLU A 336 -4.09 8.36 -32.81
CA GLU A 336 -4.53 7.09 -33.44
C GLU A 336 -3.42 6.55 -34.35
N ARG A 337 -2.95 7.34 -35.32
CA ARG A 337 -1.97 6.87 -36.34
C ARG A 337 -0.65 6.48 -35.67
N PHE A 338 -0.07 7.35 -34.84
CA PHE A 338 1.37 7.31 -34.45
C PHE A 338 1.57 6.70 -33.06
N LEU A 339 0.52 6.53 -32.25
CA LEU A 339 0.64 5.94 -30.90
C LEU A 339 -0.22 4.67 -30.78
N LEU A 340 -1.48 4.71 -31.20
CA LEU A 340 -2.41 3.55 -31.08
C LEU A 340 -2.28 2.65 -32.32
N ALA A 341 -1.29 2.90 -33.18
CA ALA A 341 -0.94 2.05 -34.34
C ALA A 341 -2.17 1.80 -35.23
N LYS A 342 -3.14 2.72 -35.25
CA LYS A 342 -4.34 2.63 -36.12
C LYS A 342 -3.99 3.20 -37.50
N ASP A 343 -4.92 3.15 -38.43
CA ASP A 343 -4.64 3.35 -39.88
C ASP A 343 -5.42 4.56 -40.41
N THR A 344 -5.53 5.62 -39.61
CA THR A 344 -6.41 6.80 -39.86
C THR A 344 -5.60 7.91 -40.55
N LYS A 345 -6.23 8.65 -41.47
CA LYS A 345 -5.60 9.75 -42.26
C LYS A 345 -5.38 10.96 -41.35
N THR A 346 -4.34 11.73 -41.66
CA THR A 346 -3.79 12.85 -40.83
C THR A 346 -3.33 14.02 -41.72
N ASP A 347 -4.08 14.32 -42.78
CA ASP A 347 -3.88 15.55 -43.61
C ASP A 347 -4.72 16.65 -42.98
N VAL A 348 -4.16 17.30 -41.96
CA VAL A 348 -4.79 18.44 -41.21
C VAL A 348 -3.84 19.64 -41.32
N TRP A 349 -4.32 20.70 -41.97
CA TRP A 349 -3.60 21.99 -42.15
C TRP A 349 -4.63 23.13 -42.24
N LYS A 350 -4.95 23.72 -41.09
CA LYS A 350 -6.05 24.71 -40.94
C LYS A 350 -5.64 25.81 -39.95
N THR A 351 -6.08 27.04 -40.23
CA THR A 351 -6.14 28.17 -39.28
C THR A 351 -7.53 28.80 -39.40
N ASP A 352 -8.07 29.34 -38.30
CA ASP A 352 -9.29 30.18 -38.31
C ASP A 352 -8.86 31.65 -38.21
N GLY A 353 -7.56 31.92 -38.37
CA GLY A 353 -6.97 33.28 -38.29
C GLY A 353 -7.32 34.11 -39.52
N LYS A 354 -7.56 35.42 -39.33
CA LYS A 354 -8.09 36.35 -40.36
C LYS A 354 -6.97 37.22 -40.93
N PHE A 355 -5.71 36.97 -40.57
CA PHE A 355 -4.50 37.57 -41.19
C PHE A 355 -4.35 37.07 -42.63
N THR A 356 -3.43 37.68 -43.35
CA THR A 356 -3.22 37.48 -44.81
C THR A 356 -2.38 36.22 -45.01
N ILE A 357 -2.77 35.37 -45.94
CA ILE A 357 -1.97 34.14 -46.17
C ILE A 357 -1.25 34.28 -47.49
N ASP A 358 0.00 34.77 -47.45
CA ASP A 358 0.88 34.88 -48.64
C ASP A 358 2.20 34.14 -48.37
N GLU A 359 2.34 32.96 -48.99
CA GLU A 359 3.57 32.12 -48.93
C GLU A 359 4.73 32.86 -49.57
N ARG A 360 4.57 33.29 -50.83
CA ARG A 360 5.68 33.82 -51.69
C ARG A 360 6.43 34.91 -50.92
N ARG A 361 5.78 35.54 -49.93
CA ARG A 361 6.38 36.61 -49.08
C ARG A 361 7.61 36.09 -48.34
N TRP A 362 7.62 34.80 -47.98
CA TRP A 362 8.62 34.17 -47.09
C TRP A 362 9.40 33.05 -47.80
N ILE A 363 8.84 32.52 -48.91
CA ILE A 363 9.34 31.30 -49.61
C ILE A 363 9.60 31.66 -51.08
N ASP A 364 10.87 31.93 -51.41
CA ASP A 364 11.38 32.22 -52.77
C ASP A 364 12.15 30.99 -53.30
N TRP A 365 11.76 29.78 -52.90
CA TRP A 365 12.43 28.51 -53.31
C TRP A 365 11.38 27.42 -53.60
N ALA A 366 11.70 26.51 -54.53
CA ALA A 366 10.79 25.46 -55.05
C ALA A 366 11.04 24.12 -54.35
N VAL A 367 9.98 23.33 -54.15
CA VAL A 367 10.05 21.95 -53.59
C VAL A 367 10.67 21.08 -54.66
N PRO A 368 11.91 20.56 -54.46
CA PRO A 368 12.56 19.75 -55.49
C PRO A 368 11.93 18.34 -55.51
N SER A 369 11.95 17.70 -56.68
CA SER A 369 11.64 16.27 -56.84
C SER A 369 12.89 15.48 -56.41
N LEU A 370 12.80 14.75 -55.30
CA LEU A 370 13.93 13.98 -54.73
C LEU A 370 13.86 12.54 -55.27
N SER A 371 14.90 12.11 -55.98
CA SER A 371 15.04 10.76 -56.60
C SER A 371 15.87 9.85 -55.68
N GLY A 372 15.39 8.62 -55.47
CA GLY A 372 15.80 7.72 -54.39
C GLY A 372 14.60 7.27 -53.57
N LEU A 373 13.52 8.07 -53.59
CA LEU A 373 12.16 7.67 -53.12
C LEU A 373 11.28 7.42 -54.35
N SER B 4 -14.59 -13.55 -26.89
CA SER B 4 -13.09 -13.71 -26.88
C SER B 4 -12.76 -15.12 -27.34
N CYS B 5 -12.37 -16.02 -26.42
CA CYS B 5 -12.18 -17.48 -26.66
C CYS B 5 -13.49 -18.22 -26.39
N PRO B 6 -13.78 -19.33 -27.12
CA PRO B 6 -15.00 -20.09 -26.89
C PRO B 6 -14.93 -20.88 -25.58
N ASN B 7 -16.06 -21.25 -24.97
CA ASN B 7 -16.04 -22.23 -23.85
C ASN B 7 -16.03 -23.64 -24.45
N LEU B 8 -15.62 -24.64 -23.67
CA LEU B 8 -15.44 -26.05 -24.13
C LEU B 8 -16.78 -26.62 -24.57
N PRO B 9 -16.79 -27.51 -25.59
CA PRO B 9 -17.98 -28.29 -25.95
C PRO B 9 -18.72 -28.87 -24.73
N ALA B 10 -20.04 -29.06 -24.82
CA ALA B 10 -20.86 -29.63 -23.73
C ALA B 10 -20.26 -30.98 -23.32
N SER B 11 -19.79 -31.76 -24.30
CA SER B 11 -19.18 -33.10 -24.10
C SER B 11 -17.86 -33.22 -24.88
N ILE B 12 -16.86 -33.80 -24.23
CA ILE B 12 -15.52 -34.07 -24.80
C ILE B 12 -15.36 -35.59 -24.82
N ASN B 13 -14.92 -36.14 -25.95
CA ASN B 13 -14.47 -37.55 -26.09
C ASN B 13 -12.95 -37.50 -26.23
N TYR B 14 -12.25 -38.02 -25.24
CA TYR B 14 -10.79 -38.24 -25.31
C TYR B 14 -10.55 -39.76 -25.19
N ALA B 15 -9.98 -40.32 -26.25
CA ALA B 15 -9.53 -41.73 -26.32
C ALA B 15 -8.39 -41.93 -25.33
N ALA B 16 -8.53 -42.96 -24.49
CA ALA B 16 -7.51 -43.40 -23.51
C ALA B 16 -6.13 -43.12 -24.12
N ASN B 17 -5.30 -42.36 -23.42
CA ASN B 17 -3.89 -42.08 -23.81
C ASN B 17 -3.00 -42.36 -22.61
N PRO B 18 -2.07 -43.34 -22.71
CA PRO B 18 -1.16 -43.65 -21.61
C PRO B 18 0.00 -42.66 -21.41
N LYS B 19 0.16 -41.71 -22.34
CA LYS B 19 1.21 -40.64 -22.26
C LYS B 19 0.54 -39.31 -21.91
N LEU B 20 1.35 -38.27 -21.68
CA LEU B 20 0.86 -36.93 -21.26
C LEU B 20 0.28 -36.24 -22.48
N PRO B 21 -1.02 -35.85 -22.49
CA PRO B 21 -1.66 -35.32 -23.69
C PRO B 21 -0.80 -34.17 -24.24
N ASP B 22 -0.74 -34.04 -25.57
CA ASP B 22 -0.06 -32.92 -26.26
C ASP B 22 -0.71 -31.62 -25.80
N PRO B 23 0.02 -30.71 -25.12
CA PRO B 23 -0.52 -29.42 -24.71
C PRO B 23 -0.80 -28.46 -25.89
N PHE B 24 -0.21 -28.72 -27.04
CA PHE B 24 -0.34 -27.90 -28.26
C PHE B 24 -1.50 -28.40 -29.15
N LEU B 25 -2.22 -29.45 -28.73
CA LEU B 25 -3.32 -30.04 -29.54
C LEU B 25 -4.66 -29.58 -28.99
N ALA B 26 -5.26 -28.58 -29.65
CA ALA B 26 -6.60 -28.06 -29.31
C ALA B 26 -7.62 -29.19 -29.42
N LEU B 27 -8.70 -29.10 -28.65
CA LEU B 27 -9.84 -30.06 -28.70
C LEU B 27 -10.53 -29.96 -30.06
N SER B 28 -10.55 -28.76 -30.64
CA SER B 28 -10.97 -28.49 -32.04
C SER B 28 -10.38 -29.56 -32.97
N GLY B 29 -9.09 -29.89 -32.79
CA GLY B 29 -8.36 -30.86 -33.63
C GLY B 29 -7.06 -30.29 -34.15
N THR B 30 -7.03 -28.98 -34.48
CA THR B 30 -5.82 -28.27 -34.97
C THR B 30 -4.74 -28.21 -33.89
N ARG B 31 -3.51 -28.50 -34.28
CA ARG B 31 -2.29 -28.32 -33.47
C ARG B 31 -1.79 -26.89 -33.66
N LEU B 32 -1.42 -26.21 -32.57
CA LEU B 32 -0.95 -24.81 -32.59
C LEU B 32 0.34 -24.68 -33.41
N SER B 33 0.38 -23.65 -34.27
CA SER B 33 1.54 -23.27 -35.13
C SER B 33 1.85 -21.77 -35.01
N LYS B 34 0.94 -20.97 -34.43
CA LYS B 34 1.01 -19.48 -34.32
C LYS B 34 0.90 -19.09 -32.84
N LYS B 35 1.72 -18.17 -32.37
CA LYS B 35 1.71 -17.70 -30.96
C LYS B 35 0.31 -17.14 -30.62
N ASP B 36 -0.32 -16.40 -31.52
CA ASP B 36 -1.63 -15.72 -31.27
C ASP B 36 -2.75 -16.75 -31.04
N GLN B 37 -2.49 -18.05 -31.24
CA GLN B 37 -3.46 -19.13 -30.93
C GLN B 37 -3.34 -19.54 -29.45
N TRP B 38 -2.20 -19.28 -28.79
CA TRP B 38 -1.88 -19.84 -27.44
C TRP B 38 -2.87 -19.35 -26.40
N PRO B 39 -3.23 -18.04 -26.37
CA PRO B 39 -4.21 -17.51 -25.42
C PRO B 39 -5.50 -18.35 -25.32
N CYS B 40 -6.01 -18.83 -26.46
CA CYS B 40 -7.30 -19.56 -26.54
C CYS B 40 -7.10 -21.02 -26.11
N ARG B 41 -5.92 -21.59 -26.34
CA ARG B 41 -5.54 -22.92 -25.80
C ARG B 41 -5.37 -22.78 -24.28
N LYS B 42 -4.68 -21.73 -23.82
CA LYS B 42 -4.52 -21.45 -22.38
C LYS B 42 -5.88 -21.41 -21.68
N GLU B 43 -6.91 -20.78 -22.25
CA GLU B 43 -8.28 -20.73 -21.63
C GLU B 43 -8.89 -22.14 -21.68
N GLU B 44 -8.81 -22.83 -22.80
CA GLU B 44 -9.25 -24.24 -22.95
C GLU B 44 -8.75 -25.02 -21.74
N ILE B 45 -7.43 -24.98 -21.51
CA ILE B 45 -6.74 -25.72 -20.42
C ILE B 45 -7.33 -25.29 -19.08
N ARG B 46 -7.39 -23.97 -18.83
CA ARG B 46 -7.98 -23.37 -17.59
C ARG B 46 -9.38 -23.94 -17.40
N GLN B 47 -10.18 -23.97 -18.45
CA GLN B 47 -11.59 -24.43 -18.39
C GLN B 47 -11.63 -25.94 -18.16
N LEU B 48 -10.69 -26.69 -18.74
CA LEU B 48 -10.62 -28.16 -18.56
C LEU B 48 -10.38 -28.44 -17.08
N PHE B 49 -9.35 -27.85 -16.49
CA PHE B 49 -8.98 -28.03 -15.07
C PHE B 49 -10.20 -27.78 -14.17
N GLN B 50 -10.95 -26.71 -14.43
CA GLN B 50 -12.11 -26.29 -13.60
CA GLN B 50 -12.11 -26.30 -13.59
C GLN B 50 -13.24 -27.33 -13.74
N ARG B 51 -13.49 -27.85 -14.94
CA ARG B 51 -14.61 -28.81 -15.12
C ARG B 51 -14.26 -30.19 -14.55
N TYR B 52 -13.04 -30.67 -14.78
CA TYR B 52 -12.63 -32.08 -14.47
C TYR B 52 -12.16 -32.23 -13.02
N SER B 53 -11.43 -31.24 -12.47
CA SER B 53 -10.80 -31.36 -11.13
C SER B 53 -11.33 -30.28 -10.17
N TYR B 54 -10.77 -29.09 -10.20
CA TYR B 54 -11.14 -27.99 -9.30
C TYR B 54 -12.44 -27.41 -9.83
N GLY B 55 -13.22 -26.72 -8.99
CA GLY B 55 -14.48 -26.09 -9.41
C GLY B 55 -14.21 -24.74 -10.06
N THR B 56 -15.24 -24.09 -10.60
CA THR B 56 -15.12 -22.78 -11.32
C THR B 56 -14.38 -21.76 -10.44
N PHE B 57 -13.33 -21.16 -11.01
CA PHE B 57 -12.57 -20.00 -10.48
C PHE B 57 -13.31 -18.73 -10.85
N PRO B 58 -14.05 -18.10 -9.89
CA PRO B 58 -14.96 -17.02 -10.24
C PRO B 58 -14.17 -15.79 -10.68
N PRO B 59 -14.80 -14.85 -11.42
CA PRO B 59 -14.17 -13.57 -11.75
C PRO B 59 -14.19 -12.61 -10.55
N ARG B 60 -13.52 -11.46 -10.66
CA ARG B 60 -13.59 -10.36 -9.66
C ARG B 60 -15.06 -9.99 -9.41
N PRO B 61 -15.53 -9.96 -8.14
CA PRO B 61 -16.93 -9.60 -7.87
C PRO B 61 -17.14 -8.09 -8.08
N GLU B 62 -18.39 -7.62 -7.98
CA GLU B 62 -18.75 -6.24 -8.40
C GLU B 62 -17.92 -5.25 -7.56
N SER B 63 -17.81 -5.46 -6.25
CA SER B 63 -16.99 -4.59 -5.36
C SER B 63 -15.84 -5.38 -4.72
N VAL B 64 -14.65 -4.78 -4.71
CA VAL B 64 -13.52 -5.12 -3.81
C VAL B 64 -13.05 -3.81 -3.17
N THR B 65 -12.99 -3.76 -1.84
CA THR B 65 -12.41 -2.64 -1.04
C THR B 65 -11.46 -3.21 0.00
N ALA B 66 -10.43 -2.45 0.36
CA ALA B 66 -9.36 -2.84 1.31
C ALA B 66 -9.12 -1.69 2.29
N ALA B 67 -8.43 -1.97 3.40
CA ALA B 67 -8.20 -1.04 4.52
C ALA B 67 -7.13 -1.61 5.46
N MET B 68 -5.97 -0.96 5.49
CA MET B 68 -4.91 -1.21 6.49
C MET B 68 -5.46 -0.85 7.89
N SER B 69 -5.16 -1.68 8.89
CA SER B 69 -5.62 -1.54 10.31
C SER B 69 -4.57 -2.19 11.23
N GLY B 70 -3.54 -1.44 11.61
CA GLY B 70 -2.30 -2.00 12.17
C GLY B 70 -1.55 -2.75 11.09
N ASN B 71 -1.18 -4.01 11.36
CA ASN B 71 -0.50 -4.93 10.40
C ASN B 71 -1.53 -5.58 9.47
N ALA B 72 -2.80 -5.65 9.87
CA ALA B 72 -3.88 -6.31 9.13
C ALA B 72 -4.25 -5.46 7.89
N LEU B 73 -4.27 -6.09 6.71
CA LEU B 73 -4.96 -5.61 5.49
C LEU B 73 -6.32 -6.30 5.40
N LYS B 74 -7.40 -5.60 5.75
CA LYS B 74 -8.78 -6.17 5.80
C LYS B 74 -9.47 -5.93 4.46
N ILE B 75 -9.74 -7.01 3.72
CA ILE B 75 -10.32 -6.98 2.35
C ILE B 75 -11.79 -7.38 2.44
N THR B 76 -12.66 -6.45 2.05
CA THR B 76 -14.13 -6.61 1.97
C THR B 76 -14.50 -6.75 0.50
N VAL B 77 -15.40 -7.67 0.17
CA VAL B 77 -15.96 -7.82 -1.20
C VAL B 77 -17.47 -7.90 -1.06
N SER B 78 -18.19 -7.59 -2.13
CA SER B 78 -19.67 -7.75 -2.18
C SER B 78 -20.12 -7.98 -3.62
N GLU B 79 -21.32 -8.54 -3.76
CA GLU B 79 -21.99 -8.84 -5.04
C GLU B 79 -23.48 -8.89 -4.73
N GLY B 80 -24.25 -7.92 -5.26
CA GLY B 80 -25.60 -7.62 -4.74
C GLY B 80 -25.56 -7.44 -3.23
N SER B 81 -26.52 -8.03 -2.51
CA SER B 81 -26.72 -7.89 -1.05
C SER B 81 -25.68 -8.67 -0.24
N LYS B 82 -24.93 -9.58 -0.87
CA LYS B 82 -23.94 -10.45 -0.17
C LYS B 82 -22.61 -9.70 -0.02
N SER B 83 -21.97 -9.90 1.12
CA SER B 83 -20.71 -9.25 1.53
C SER B 83 -19.92 -10.21 2.44
N MET B 84 -18.59 -10.19 2.34
CA MET B 84 -17.66 -11.04 3.15
C MET B 84 -16.38 -10.24 3.37
N SER B 85 -15.73 -10.40 4.51
CA SER B 85 -14.41 -9.79 4.81
C SER B 85 -13.44 -10.88 5.22
N PHE B 86 -12.20 -10.76 4.77
CA PHE B 86 -11.07 -11.63 5.19
C PHE B 86 -9.84 -10.72 5.31
N SER B 87 -8.99 -11.04 6.28
CA SER B 87 -7.85 -10.20 6.72
C SER B 87 -6.56 -10.97 6.47
N VAL B 88 -5.51 -10.31 5.96
CA VAL B 88 -4.16 -10.94 5.78
C VAL B 88 -3.15 -10.09 6.55
N ASN B 89 -2.23 -10.73 7.26
CA ASN B 89 -1.11 -10.10 7.99
C ASN B 89 -0.04 -9.68 6.98
N ILE B 90 0.41 -8.43 7.03
CA ILE B 90 1.58 -7.96 6.23
C ILE B 90 2.70 -7.63 7.21
N LYS B 91 3.84 -8.29 7.08
CA LYS B 91 5.09 -7.94 7.79
C LYS B 91 6.03 -7.31 6.75
N LEU B 92 6.11 -5.98 6.71
CA LEU B 92 7.04 -5.26 5.79
C LEU B 92 8.47 -5.70 6.09
N PRO B 93 9.41 -5.66 5.11
CA PRO B 93 10.80 -6.09 5.30
C PRO B 93 11.60 -4.99 5.99
N SER B 94 12.91 -5.14 6.11
CA SER B 94 13.80 -4.18 6.82
C SER B 94 14.96 -3.72 5.91
N SER B 95 14.74 -3.69 4.60
CA SER B 95 15.78 -3.34 3.59
C SER B 95 15.13 -3.01 2.25
N GLY B 96 15.65 -2.00 1.55
CA GLY B 96 15.07 -1.44 0.31
C GLY B 96 13.96 -0.45 0.62
N ALA B 97 13.28 0.07 -0.41
CA ALA B 97 12.27 1.15 -0.28
C ALA B 97 10.91 0.70 -0.84
N ALA B 98 9.83 1.14 -0.18
CA ALA B 98 8.44 1.00 -0.67
C ALA B 98 8.32 1.55 -2.09
N PRO B 99 7.32 1.12 -2.88
CA PRO B 99 6.47 -0.02 -2.54
C PRO B 99 7.33 -1.30 -2.67
N TYR B 100 7.12 -2.26 -1.75
CA TYR B 100 7.99 -3.44 -1.50
C TYR B 100 7.53 -4.63 -2.34
N PRO B 101 8.46 -5.53 -2.74
CA PRO B 101 8.09 -6.84 -3.26
C PRO B 101 7.64 -7.71 -2.08
N ALA B 102 6.65 -8.58 -2.29
CA ALA B 102 6.04 -9.45 -1.26
C ALA B 102 6.00 -10.90 -1.74
N ILE B 103 5.80 -11.80 -0.78
CA ILE B 103 5.43 -13.24 -1.00
C ILE B 103 4.20 -13.55 -0.12
N ILE B 104 3.09 -13.94 -0.76
CA ILE B 104 1.89 -14.51 -0.06
C ILE B 104 2.26 -15.94 0.33
N ALA B 105 2.18 -16.26 1.62
CA ALA B 105 2.38 -17.63 2.16
C ALA B 105 1.03 -18.27 2.43
N TYR B 106 0.76 -19.43 1.85
CA TYR B 106 -0.41 -20.27 2.21
C TYR B 106 -0.15 -20.83 3.61
N GLY B 107 -0.81 -20.25 4.63
CA GLY B 107 -0.60 -20.55 6.06
C GLY B 107 0.72 -20.00 6.57
N SER B 108 1.85 -20.43 5.99
CA SER B 108 3.23 -20.08 6.40
C SER B 108 4.23 -20.48 5.32
N ALA B 109 5.34 -19.76 5.24
CA ALA B 109 6.49 -20.11 4.40
C ALA B 109 7.29 -21.18 5.14
N SER B 110 7.92 -22.09 4.42
CA SER B 110 9.04 -22.94 4.91
C SER B 110 10.28 -22.73 4.02
N LEU B 111 10.24 -21.69 3.20
CA LEU B 111 11.43 -21.15 2.47
C LEU B 111 11.98 -20.00 3.29
N PRO B 112 13.31 -19.77 3.26
CA PRO B 112 13.87 -18.51 3.75
C PRO B 112 13.51 -17.35 2.81
N ILE B 113 12.62 -16.47 3.26
CA ILE B 113 12.24 -15.18 2.59
C ILE B 113 13.26 -14.13 2.99
N PRO B 114 14.03 -13.52 2.06
CA PRO B 114 15.02 -12.50 2.40
C PRO B 114 14.41 -11.30 3.14
N ASN B 115 15.26 -10.44 3.71
CA ASN B 115 14.87 -9.24 4.49
C ASN B 115 14.51 -8.10 3.53
N THR B 116 14.58 -8.33 2.21
CA THR B 116 14.26 -7.36 1.13
C THR B 116 12.82 -7.56 0.64
N VAL B 117 12.14 -8.62 1.07
CA VAL B 117 10.80 -9.03 0.55
C VAL B 117 9.82 -9.17 1.72
N ALA B 118 8.64 -8.59 1.60
CA ALA B 118 7.57 -8.62 2.63
C ALA B 118 6.99 -10.03 2.70
N THR B 119 6.40 -10.37 3.84
CA THR B 119 5.70 -11.64 4.11
C THR B 119 4.21 -11.37 4.32
N ILE B 120 3.39 -11.62 3.31
CA ILE B 120 1.91 -11.62 3.47
C ILE B 120 1.51 -13.02 3.92
N THR B 121 0.90 -13.13 5.10
CA THR B 121 0.41 -14.41 5.69
C THR B 121 -1.08 -14.59 5.38
N TYR B 122 -1.40 -15.46 4.43
CA TYR B 122 -2.78 -15.73 3.93
C TYR B 122 -3.35 -16.94 4.69
N GLN B 123 -4.53 -16.79 5.29
CA GLN B 123 -5.27 -17.90 5.95
C GLN B 123 -6.15 -18.58 4.87
N ASN B 124 -5.51 -19.48 4.11
CA ASN B 124 -6.10 -20.16 2.93
C ASN B 124 -7.15 -21.20 3.34
N PHE B 125 -6.95 -21.89 4.46
CA PHE B 125 -7.92 -22.90 4.99
C PHE B 125 -9.08 -22.16 5.66
N GLU B 126 -8.83 -20.92 6.11
CA GLU B 126 -9.85 -19.98 6.64
C GLU B 126 -10.78 -19.55 5.48
N MET B 127 -10.19 -19.33 4.29
CA MET B 127 -10.90 -18.90 3.06
C MET B 127 -11.80 -20.04 2.57
N ALA B 128 -11.21 -21.23 2.41
CA ALA B 128 -11.91 -22.50 2.07
C ALA B 128 -11.17 -23.66 2.73
N ALA B 129 -11.89 -24.44 3.55
CA ALA B 129 -11.35 -25.42 4.52
C ALA B 129 -10.63 -26.58 3.82
N ASP B 130 -9.63 -27.13 4.53
CA ASP B 130 -8.83 -28.32 4.17
C ASP B 130 -9.75 -29.52 3.93
N ASN B 131 -10.50 -29.95 4.95
CA ASN B 131 -11.42 -31.11 4.85
C ASN B 131 -12.81 -30.72 5.37
N GLY B 132 -13.50 -29.86 4.60
CA GLY B 132 -14.92 -29.53 4.79
C GLY B 132 -15.51 -29.02 3.50
N ARG B 133 -16.36 -29.85 2.87
CA ARG B 133 -17.07 -29.48 1.62
C ARG B 133 -17.89 -28.23 1.93
N GLY B 134 -17.67 -27.14 1.19
CA GLY B 134 -18.47 -25.90 1.23
C GLY B 134 -18.28 -25.08 2.52
N LYS B 135 -17.12 -25.18 3.16
CA LYS B 135 -16.78 -24.46 4.42
C LYS B 135 -15.66 -23.47 4.15
N GLY B 136 -15.83 -22.22 4.61
CA GLY B 136 -14.84 -21.13 4.48
C GLY B 136 -15.51 -19.83 4.05
N LYS B 137 -14.78 -18.72 4.14
CA LYS B 137 -15.27 -17.36 3.78
C LYS B 137 -15.82 -17.40 2.34
N PHE B 138 -15.04 -17.96 1.41
CA PHE B 138 -15.40 -18.10 -0.02
C PHE B 138 -16.86 -18.57 -0.15
N TYR B 139 -17.24 -19.59 0.62
CA TYR B 139 -18.56 -20.27 0.50
C TYR B 139 -19.63 -19.48 1.30
N GLU B 140 -19.24 -18.79 2.37
CA GLU B 140 -20.13 -17.83 3.09
C GLU B 140 -20.57 -16.76 2.07
N PHE B 141 -19.65 -16.34 1.21
CA PHE B 141 -19.85 -15.26 0.19
C PHE B 141 -20.64 -15.80 -1.01
N TYR B 142 -20.17 -16.90 -1.63
CA TYR B 142 -20.65 -17.41 -2.95
C TYR B 142 -21.79 -18.44 -2.78
N GLY B 143 -21.90 -19.06 -1.61
CA GLY B 143 -22.81 -20.19 -1.33
C GLY B 143 -22.05 -21.48 -1.09
N SER B 144 -22.51 -22.32 -0.17
CA SER B 144 -21.93 -23.67 0.14
C SER B 144 -22.10 -24.59 -1.08
N ASN B 145 -23.13 -24.37 -1.90
CA ASN B 145 -23.43 -25.16 -3.11
C ASN B 145 -22.58 -24.71 -4.30
N HIS B 146 -21.76 -23.67 -4.16
CA HIS B 146 -20.81 -23.25 -5.22
C HIS B 146 -19.83 -24.41 -5.47
N ASN B 147 -19.61 -24.74 -6.76
CA ASN B 147 -18.97 -26.00 -7.19
C ASN B 147 -17.44 -25.93 -7.02
N ALA B 148 -16.89 -24.77 -6.68
CA ALA B 148 -15.44 -24.59 -6.48
C ALA B 148 -14.95 -25.54 -5.36
N GLY B 149 -13.77 -26.13 -5.57
CA GLY B 149 -13.01 -26.86 -4.54
C GLY B 149 -12.19 -25.88 -3.71
N GLY B 150 -11.77 -26.29 -2.52
CA GLY B 150 -11.03 -25.46 -1.56
C GLY B 150 -9.67 -24.96 -2.08
N MET B 151 -9.17 -25.54 -3.18
CA MET B 151 -7.86 -25.16 -3.74
C MET B 151 -8.04 -23.96 -4.67
N ILE B 152 -9.10 -24.00 -5.50
CA ILE B 152 -9.40 -22.93 -6.50
C ILE B 152 -10.09 -21.75 -5.78
N ALA B 153 -10.79 -22.01 -4.69
CA ALA B 153 -11.41 -20.97 -3.84
C ALA B 153 -10.32 -20.18 -3.09
N ALA B 154 -9.28 -20.86 -2.63
CA ALA B 154 -8.10 -20.21 -2.00
C ALA B 154 -7.42 -19.33 -3.04
N ALA B 155 -7.26 -19.82 -4.27
CA ALA B 155 -6.59 -19.12 -5.39
C ALA B 155 -7.35 -17.82 -5.72
N TRP B 156 -8.68 -17.86 -5.62
CA TRP B 156 -9.58 -16.70 -5.85
C TRP B 156 -9.26 -15.62 -4.80
N GLY B 157 -9.02 -16.03 -3.57
CA GLY B 157 -8.61 -15.14 -2.48
C GLY B 157 -7.30 -14.44 -2.79
N VAL B 158 -6.41 -15.09 -3.54
CA VAL B 158 -5.09 -14.50 -3.91
C VAL B 158 -5.33 -13.44 -4.99
N ASP B 159 -6.30 -13.66 -5.88
CA ASP B 159 -6.71 -12.66 -6.91
C ASP B 159 -7.22 -11.42 -6.15
N ARG B 160 -8.06 -11.62 -5.12
CA ARG B 160 -8.64 -10.53 -4.30
C ARG B 160 -7.53 -9.87 -3.47
N ILE B 161 -6.57 -10.62 -2.95
CA ILE B 161 -5.44 -10.03 -2.17
C ILE B 161 -4.76 -8.99 -3.06
N ILE B 162 -4.52 -9.32 -4.32
CA ILE B 162 -3.74 -8.43 -5.25
C ILE B 162 -4.63 -7.25 -5.68
N ASP B 163 -5.91 -7.47 -5.97
CA ASP B 163 -6.88 -6.36 -6.20
C ASP B 163 -6.71 -5.32 -5.09
N ALA B 164 -6.67 -5.78 -3.83
CA ALA B 164 -6.63 -4.95 -2.61
C ALA B 164 -5.28 -4.25 -2.45
N LEU B 165 -4.19 -4.83 -2.94
CA LEU B 165 -2.84 -4.20 -2.91
C LEU B 165 -2.73 -3.11 -4.00
N GLU B 166 -3.50 -3.22 -5.09
CA GLU B 166 -3.58 -2.21 -6.19
C GLU B 166 -4.33 -0.97 -5.70
N MET B 167 -5.26 -1.17 -4.75
CA MET B 167 -6.20 -0.14 -4.25
C MET B 167 -5.60 0.60 -3.06
N THR B 168 -4.65 -0.01 -2.36
CA THR B 168 -4.19 0.40 -1.01
C THR B 168 -2.67 0.52 -1.02
N PRO B 169 -2.11 1.61 -1.58
CA PRO B 169 -0.66 1.83 -1.55
C PRO B 169 -0.20 1.92 -0.10
N ALA B 170 -1.10 2.34 0.79
CA ALA B 170 -0.95 2.38 2.27
C ALA B 170 -0.25 1.11 2.78
N ALA B 171 -0.57 -0.06 2.20
CA ALA B 171 0.02 -1.37 2.59
C ALA B 171 1.54 -1.40 2.31
N LYS B 172 1.99 -0.65 1.30
CA LYS B 172 3.42 -0.40 0.94
C LYS B 172 3.95 -1.54 0.08
N ILE B 173 3.07 -2.20 -0.69
CA ILE B 173 3.42 -3.43 -1.48
C ILE B 173 3.22 -3.15 -2.98
N ASP B 174 4.25 -3.38 -3.80
CA ASP B 174 4.17 -3.28 -5.28
C ASP B 174 3.28 -4.42 -5.76
N PRO B 175 2.05 -4.15 -6.25
CA PRO B 175 1.15 -5.20 -6.74
C PRO B 175 1.71 -6.05 -7.89
N LYS B 176 2.66 -5.53 -8.67
CA LYS B 176 3.21 -6.22 -9.85
C LYS B 176 4.28 -7.24 -9.45
N ARG B 177 4.65 -7.29 -8.16
CA ARG B 177 5.80 -8.07 -7.63
C ARG B 177 5.37 -8.83 -6.36
N VAL B 178 4.21 -9.49 -6.42
CA VAL B 178 3.68 -10.34 -5.32
C VAL B 178 3.92 -11.81 -5.69
N GLY B 179 4.79 -12.47 -4.95
CA GLY B 179 5.04 -13.92 -5.07
C GLY B 179 4.05 -14.74 -4.24
N VAL B 180 4.20 -16.06 -4.28
CA VAL B 180 3.34 -17.02 -3.53
C VAL B 180 4.13 -18.30 -3.29
N THR B 181 3.95 -18.91 -2.12
CA THR B 181 4.65 -20.13 -1.66
C THR B 181 3.84 -20.85 -0.59
N GLY B 182 4.14 -22.13 -0.42
CA GLY B 182 3.56 -23.03 0.60
C GLY B 182 4.23 -24.38 0.51
N CYS B 183 4.11 -25.17 1.57
CA CYS B 183 4.72 -26.51 1.64
C CYS B 183 3.60 -27.55 1.79
N SER B 184 3.80 -28.64 1.06
CA SER B 184 2.97 -29.86 1.21
C SER B 184 1.56 -29.49 0.73
N ARG B 185 0.48 -29.60 1.51
CA ARG B 185 -0.89 -29.22 1.02
C ARG B 185 -0.85 -27.85 0.35
N ASN B 186 0.03 -26.98 0.85
CA ASN B 186 0.16 -25.55 0.46
C ASN B 186 1.18 -25.39 -0.67
N GLY B 187 1.99 -26.41 -0.91
CA GLY B 187 2.70 -26.58 -2.20
C GLY B 187 1.67 -26.67 -3.30
N LYS B 188 0.61 -27.47 -3.09
CA LYS B 188 -0.51 -27.66 -4.05
C LYS B 188 -1.21 -26.31 -4.25
N GLY B 189 -1.74 -25.75 -3.16
CA GLY B 189 -2.48 -24.47 -3.18
C GLY B 189 -1.71 -23.39 -3.91
N SER B 190 -0.46 -23.16 -3.50
CA SER B 190 0.46 -22.14 -4.06
C SER B 190 0.66 -22.41 -5.55
N MET B 191 0.88 -23.65 -5.95
CA MET B 191 1.04 -24.02 -7.39
C MET B 191 -0.20 -23.58 -8.16
N ILE B 192 -1.39 -23.81 -7.60
CA ILE B 192 -2.69 -23.53 -8.28
C ILE B 192 -2.94 -22.03 -8.30
N ALA B 193 -2.69 -21.35 -7.18
CA ALA B 193 -2.78 -19.88 -7.05
C ALA B 193 -1.99 -19.22 -8.18
N GLY B 194 -0.74 -19.66 -8.39
CA GLY B 194 0.15 -19.07 -9.40
C GLY B 194 -0.30 -19.38 -10.82
N ALA B 195 -0.95 -20.53 -11.01
CA ALA B 195 -1.44 -20.99 -12.33
C ALA B 195 -2.66 -20.16 -12.75
N PHE B 196 -3.51 -19.74 -11.81
CA PHE B 196 -4.83 -19.11 -12.11
C PHE B 196 -4.82 -17.58 -11.94
N VAL B 197 -3.95 -17.06 -11.08
CA VAL B 197 -3.75 -15.60 -10.87
C VAL B 197 -2.55 -15.17 -11.72
N ASP B 198 -2.84 -14.53 -12.86
CA ASP B 198 -1.86 -14.18 -13.92
C ASP B 198 -0.92 -13.08 -13.43
N ARG B 199 -1.36 -12.31 -12.43
CA ARG B 199 -0.62 -11.12 -11.91
C ARG B 199 0.46 -11.54 -10.89
N ILE B 200 0.43 -12.79 -10.41
CA ILE B 200 1.50 -13.32 -9.52
C ILE B 200 2.82 -13.29 -10.28
N ALA B 201 3.87 -12.76 -9.65
CA ALA B 201 5.20 -12.52 -10.26
C ALA B 201 6.01 -13.82 -10.24
N LEU B 202 5.87 -14.59 -9.16
CA LEU B 202 6.71 -15.78 -8.85
C LEU B 202 5.96 -16.72 -7.90
N ALA B 203 5.81 -17.99 -8.28
CA ALA B 203 5.29 -19.07 -7.40
C ALA B 203 6.47 -19.91 -6.94
N LEU B 204 6.46 -20.28 -5.66
CA LEU B 204 7.42 -21.24 -5.05
C LEU B 204 6.63 -22.34 -4.37
N PRO B 205 6.15 -23.37 -5.11
CA PRO B 205 5.53 -24.53 -4.49
C PRO B 205 6.69 -25.40 -3.96
N GLN B 206 6.56 -25.85 -2.71
CA GLN B 206 7.56 -26.69 -2.00
C GLN B 206 6.89 -28.00 -1.60
N GLU B 207 7.41 -29.14 -2.07
CA GLU B 207 6.98 -30.52 -1.70
C GLU B 207 5.45 -30.64 -1.84
N GLY B 208 4.89 -30.05 -2.89
CA GLY B 208 3.46 -30.13 -3.23
C GLY B 208 3.11 -31.47 -3.86
N GLY B 209 4.11 -32.08 -4.53
CA GLY B 209 4.01 -33.42 -5.11
C GLY B 209 2.88 -33.51 -6.11
N GLN B 210 2.18 -34.65 -6.13
CA GLN B 210 1.09 -34.95 -7.09
C GLN B 210 -0.01 -33.88 -6.94
N SER B 211 -0.71 -33.59 -8.04
CA SER B 211 -1.71 -32.50 -8.22
C SER B 211 -1.01 -31.17 -8.57
N ALA B 212 0.22 -31.01 -8.07
CA ALA B 212 1.04 -29.78 -8.16
C ALA B 212 2.15 -29.99 -9.20
N ALA B 213 3.29 -30.54 -8.79
CA ALA B 213 4.49 -30.76 -9.62
C ALA B 213 4.31 -32.03 -10.48
N GLY B 214 3.63 -33.03 -9.94
CA GLY B 214 3.50 -34.36 -10.56
C GLY B 214 2.25 -34.51 -11.42
N CYS B 215 2.30 -35.45 -12.37
CA CYS B 215 1.22 -35.77 -13.33
C CYS B 215 0.44 -36.99 -12.82
N TRP B 216 -0.86 -37.06 -13.09
CA TRP B 216 -1.76 -38.14 -12.60
C TRP B 216 -1.38 -39.48 -13.24
N ARG B 217 -0.99 -39.48 -14.52
CA ARG B 217 -0.68 -40.72 -15.27
C ARG B 217 0.54 -41.43 -14.64
N ILE B 218 1.54 -40.65 -14.24
CA ILE B 218 2.83 -41.16 -13.73
C ILE B 218 2.62 -41.62 -12.29
N ALA B 219 1.80 -40.92 -11.51
CA ALA B 219 1.36 -41.37 -10.16
C ALA B 219 0.69 -42.74 -10.30
N ASP B 220 -0.18 -42.90 -11.30
CA ASP B 220 -0.89 -44.18 -11.54
C ASP B 220 0.13 -45.28 -11.81
N GLU B 221 1.17 -45.00 -12.60
CA GLU B 221 2.23 -45.99 -12.95
C GLU B 221 3.17 -46.22 -11.76
N ILE B 222 3.44 -45.22 -10.93
CA ILE B 222 4.25 -45.41 -9.69
C ILE B 222 3.51 -46.40 -8.78
N GLN B 223 2.20 -46.19 -8.61
CA GLN B 223 1.30 -47.10 -7.86
C GLN B 223 1.42 -48.51 -8.42
N LYS B 224 1.27 -48.64 -9.74
CA LYS B 224 1.22 -49.93 -10.49
C LYS B 224 2.52 -50.71 -10.27
N ASN B 225 3.62 -50.01 -10.02
CA ASN B 225 4.99 -50.56 -9.85
C ASN B 225 5.28 -50.93 -8.40
N GLY B 226 4.33 -50.73 -7.47
CA GLY B 226 4.41 -51.28 -6.10
C GLY B 226 4.56 -50.22 -5.00
N THR B 227 5.02 -49.00 -5.31
CA THR B 227 5.28 -47.96 -4.28
C THR B 227 4.01 -47.12 -4.04
N LYS B 228 3.66 -46.97 -2.77
CA LYS B 228 2.50 -46.18 -2.27
C LYS B 228 2.78 -44.69 -2.56
N VAL B 229 1.88 -44.03 -3.28
CA VAL B 229 2.04 -42.62 -3.76
C VAL B 229 0.65 -41.97 -3.76
N GLU B 230 0.61 -40.64 -3.82
CA GLU B 230 -0.64 -39.83 -3.83
C GLU B 230 -1.23 -39.87 -5.25
N THR B 231 -2.03 -40.90 -5.55
CA THR B 231 -2.73 -41.04 -6.86
C THR B 231 -4.04 -40.26 -6.81
N ALA B 232 -4.65 -40.06 -7.97
CA ALA B 232 -5.98 -39.43 -8.13
C ALA B 232 -6.99 -40.19 -7.26
N HIS B 233 -6.95 -41.53 -7.29
CA HIS B 233 -7.86 -42.41 -6.51
C HIS B 233 -7.76 -42.06 -5.02
N GLN B 234 -6.54 -41.78 -4.53
CA GLN B 234 -6.25 -41.52 -3.11
C GLN B 234 -6.68 -40.11 -2.70
N ILE B 235 -6.36 -39.11 -3.54
CA ILE B 235 -6.33 -37.68 -3.13
C ILE B 235 -7.74 -37.15 -2.88
N VAL B 236 -8.77 -37.77 -3.44
CA VAL B 236 -10.16 -37.24 -3.30
C VAL B 236 -10.79 -37.73 -1.99
N ASN B 237 -10.01 -38.16 -1.00
CA ASN B 237 -10.55 -38.86 0.20
C ASN B 237 -10.40 -38.01 1.47
N GLY B 238 -9.20 -37.56 1.82
CA GLY B 238 -8.95 -36.89 3.12
C GLY B 238 -9.31 -35.40 3.15
N ASP B 239 -10.01 -34.87 2.14
CA ASP B 239 -10.01 -33.40 1.88
C ASP B 239 -11.20 -32.97 1.01
N SER B 240 -11.37 -31.66 0.88
CA SER B 240 -12.30 -31.00 -0.07
C SER B 240 -11.50 -30.08 -1.00
N TRP B 241 -10.26 -30.48 -1.33
CA TRP B 241 -9.31 -29.70 -2.18
C TRP B 241 -9.85 -29.55 -3.61
N PHE B 242 -10.42 -30.62 -4.14
CA PHE B 242 -10.93 -30.67 -5.54
C PHE B 242 -12.46 -30.66 -5.52
N SER B 243 -13.06 -30.30 -6.65
CA SER B 243 -14.53 -30.33 -6.86
C SER B 243 -15.05 -31.75 -6.63
N THR B 244 -16.32 -31.90 -6.25
CA THR B 244 -16.98 -33.22 -6.08
C THR B 244 -16.95 -33.97 -7.41
N ASP B 245 -16.88 -33.26 -8.54
CA ASP B 245 -16.80 -33.89 -9.88
C ASP B 245 -15.48 -34.67 -10.04
N PHE B 246 -14.37 -34.27 -9.42
CA PHE B 246 -13.04 -34.86 -9.70
C PHE B 246 -13.07 -36.38 -9.49
N SER B 247 -13.89 -36.86 -8.55
CA SER B 247 -13.85 -38.27 -8.10
C SER B 247 -14.57 -39.19 -9.11
N LYS B 248 -15.23 -38.67 -10.14
CA LYS B 248 -15.76 -39.55 -11.21
C LYS B 248 -14.62 -39.93 -12.18
N TYR B 249 -13.55 -39.14 -12.25
CA TYR B 249 -12.49 -39.32 -13.29
C TYR B 249 -11.26 -40.04 -12.71
N VAL B 250 -11.10 -40.12 -11.39
CA VAL B 250 -9.82 -40.55 -10.73
C VAL B 250 -9.40 -41.94 -11.22
N ASP B 251 -10.39 -42.77 -11.59
CA ASP B 251 -10.18 -44.19 -11.94
C ASP B 251 -10.00 -44.34 -13.45
N THR B 252 -10.07 -43.25 -14.23
CA THR B 252 -10.03 -43.29 -15.72
C THR B 252 -9.07 -42.21 -16.23
N VAL B 253 -7.97 -42.00 -15.51
CA VAL B 253 -6.96 -40.94 -15.79
C VAL B 253 -6.62 -40.91 -17.28
N PRO B 254 -6.34 -42.04 -17.95
CA PRO B 254 -5.95 -42.00 -19.36
C PRO B 254 -6.97 -41.27 -20.25
N THR B 255 -8.24 -41.20 -19.88
CA THR B 255 -9.32 -40.57 -20.69
C THR B 255 -9.45 -39.06 -20.40
N LEU B 256 -8.61 -38.50 -19.50
CA LEU B 256 -8.60 -37.04 -19.20
C LEU B 256 -7.86 -36.29 -20.29
N PRO B 257 -8.50 -35.28 -20.94
CA PRO B 257 -7.87 -34.54 -22.04
C PRO B 257 -6.86 -33.51 -21.52
N TRP B 258 -6.12 -33.88 -20.48
CA TRP B 258 -5.17 -32.99 -19.75
C TRP B 258 -4.34 -33.80 -18.76
N ASP B 259 -3.24 -33.20 -18.30
CA ASP B 259 -2.52 -33.63 -17.09
C ASP B 259 -1.84 -32.39 -16.50
N ASN B 260 -1.24 -32.52 -15.32
CA ASN B 260 -0.74 -31.38 -14.50
C ASN B 260 0.45 -30.68 -15.19
N HIS B 261 1.04 -31.27 -16.23
CA HIS B 261 2.08 -30.58 -17.05
C HIS B 261 1.46 -29.35 -17.70
N MET B 262 0.16 -29.39 -17.97
CA MET B 262 -0.60 -28.27 -18.58
C MET B 262 -0.96 -27.21 -17.52
N LEU B 263 -0.94 -27.56 -16.23
CA LEU B 263 -1.05 -26.57 -15.14
C LEU B 263 0.20 -25.68 -15.16
N HIS B 264 1.38 -26.27 -15.33
CA HIS B 264 2.66 -25.51 -15.45
C HIS B 264 2.61 -24.59 -16.68
N ALA B 265 1.95 -25.04 -17.76
CA ALA B 265 1.84 -24.29 -19.04
C ALA B 265 1.10 -22.96 -18.84
N LEU B 266 0.24 -22.85 -17.83
CA LEU B 266 -0.50 -21.59 -17.56
C LEU B 266 0.48 -20.48 -17.14
N TYR B 267 1.69 -20.83 -16.68
CA TYR B 267 2.74 -19.88 -16.22
C TYR B 267 3.55 -19.30 -17.41
N ALA B 268 3.38 -19.80 -18.63
CA ALA B 268 4.22 -19.43 -19.81
C ALA B 268 3.67 -18.18 -20.51
N TYR B 269 2.43 -17.78 -20.18
CA TYR B 269 1.73 -16.60 -20.76
C TYR B 269 0.60 -16.16 -19.82
N PRO B 270 0.61 -14.92 -19.28
CA PRO B 270 1.73 -14.00 -19.42
C PRO B 270 2.90 -14.58 -18.63
N PRO B 271 4.13 -14.51 -19.17
CA PRO B 271 5.27 -15.18 -18.55
C PRO B 271 5.49 -14.73 -17.10
N ARG B 272 5.59 -15.69 -16.17
CA ARG B 272 5.89 -15.43 -14.74
C ARG B 272 6.74 -16.57 -14.15
N GLY B 273 7.55 -16.24 -13.14
CA GLY B 273 8.47 -17.17 -12.46
C GLY B 273 7.76 -18.34 -11.77
N LEU B 274 8.26 -19.55 -11.99
CA LEU B 274 7.80 -20.78 -11.29
C LEU B 274 9.04 -21.59 -10.96
N LEU B 275 9.43 -21.59 -9.69
CA LEU B 275 10.45 -22.55 -9.19
C LEU B 275 9.70 -23.60 -8.38
N ILE B 276 9.75 -24.85 -8.85
CA ILE B 276 9.28 -26.04 -8.10
C ILE B 276 10.45 -26.55 -7.24
N ILE B 277 10.27 -26.54 -5.93
CA ILE B 277 11.25 -27.11 -4.95
C ILE B 277 10.64 -28.42 -4.42
N GLU B 278 11.36 -29.52 -4.63
CA GLU B 278 10.84 -30.87 -4.38
C GLU B 278 11.89 -31.70 -3.64
N ASN B 279 11.46 -32.87 -3.20
CA ASN B 279 12.19 -33.78 -2.28
C ASN B 279 12.15 -35.19 -2.87
N THR B 280 13.30 -35.69 -3.32
CA THR B 280 13.47 -37.03 -3.94
C THR B 280 13.26 -38.12 -2.87
N ALA B 281 13.38 -37.78 -1.59
CA ALA B 281 13.44 -38.76 -0.49
C ALA B 281 12.05 -39.32 -0.16
N ILE B 282 10.98 -38.52 -0.27
CA ILE B 282 9.62 -38.91 0.22
C ILE B 282 8.82 -39.56 -0.91
N ASP B 283 8.48 -40.84 -0.77
CA ASP B 283 7.83 -41.65 -1.83
C ASP B 283 6.48 -41.03 -2.21
N TYR B 284 5.68 -40.56 -1.24
CA TYR B 284 4.26 -40.17 -1.41
C TYR B 284 4.13 -38.94 -2.32
N LEU B 285 5.22 -38.18 -2.50
CA LEU B 285 5.30 -37.02 -3.43
C LEU B 285 5.38 -37.53 -4.88
N GLY B 286 5.92 -38.74 -5.08
CA GLY B 286 6.20 -39.32 -6.41
C GLY B 286 7.36 -38.63 -7.13
N PRO B 287 8.60 -38.74 -6.62
CA PRO B 287 9.74 -38.01 -7.17
C PRO B 287 9.90 -38.07 -8.70
N THR B 288 9.76 -39.24 -9.32
CA THR B 288 9.94 -39.41 -10.80
C THR B 288 8.74 -38.80 -11.55
N SER B 289 7.55 -38.78 -10.96
CA SER B 289 6.37 -38.09 -11.53
C SER B 289 6.67 -36.59 -11.60
N ASN B 290 6.94 -35.98 -10.46
CA ASN B 290 7.28 -34.53 -10.35
C ASN B 290 8.25 -34.16 -11.48
N TYR B 291 9.35 -34.88 -11.64
CA TYR B 291 10.43 -34.50 -12.58
C TYR B 291 9.95 -34.61 -14.03
N HIS B 292 9.34 -35.74 -14.40
CA HIS B 292 8.92 -36.05 -15.80
C HIS B 292 7.73 -35.15 -16.20
N CYS B 293 6.84 -34.88 -15.24
CA CYS B 293 5.64 -34.02 -15.39
C CYS B 293 6.06 -32.59 -15.67
N ALA B 294 6.93 -32.05 -14.80
CA ALA B 294 7.51 -30.70 -14.93
C ALA B 294 8.19 -30.57 -16.29
N THR B 295 9.05 -31.54 -16.65
CA THR B 295 9.87 -31.53 -17.87
C THR B 295 8.97 -31.42 -19.11
N ALA B 296 7.77 -32.00 -19.04
CA ALA B 296 6.73 -31.94 -20.08
C ALA B 296 6.07 -30.56 -20.09
N GLY B 297 5.76 -30.04 -18.90
CA GLY B 297 5.18 -28.69 -18.74
C GLY B 297 6.05 -27.63 -19.36
N ARG B 298 7.38 -27.75 -19.22
CA ARG B 298 8.38 -26.74 -19.65
C ARG B 298 8.45 -26.67 -21.18
N LYS B 299 7.89 -27.66 -21.88
CA LYS B 299 7.85 -27.68 -23.36
C LYS B 299 7.05 -26.49 -23.86
N VAL B 300 6.02 -26.07 -23.12
CA VAL B 300 5.16 -24.91 -23.49
C VAL B 300 5.97 -23.64 -23.31
N HIS B 301 6.64 -23.50 -22.16
CA HIS B 301 7.66 -22.44 -21.92
C HIS B 301 8.68 -22.41 -23.07
N GLU B 302 9.17 -23.57 -23.50
CA GLU B 302 10.22 -23.72 -24.55
C GLU B 302 9.71 -23.15 -25.88
N ALA B 303 8.52 -23.57 -26.30
CA ALA B 303 7.84 -23.11 -27.53
C ALA B 303 7.77 -21.58 -27.54
N LEU B 304 7.25 -20.99 -26.45
CA LEU B 304 6.99 -19.54 -26.29
C LEU B 304 8.28 -18.80 -25.86
N GLY B 305 9.43 -19.47 -25.88
CA GLY B 305 10.76 -18.85 -25.69
C GLY B 305 10.99 -18.29 -24.30
N VAL B 306 10.22 -18.77 -23.30
CA VAL B 306 10.30 -18.34 -21.87
C VAL B 306 10.67 -19.56 -21.01
N LYS B 307 11.49 -20.45 -21.59
CA LYS B 307 12.01 -21.69 -20.95
CA LYS B 307 12.03 -21.68 -20.95
C LYS B 307 12.52 -21.37 -19.54
N ASP B 308 13.34 -20.33 -19.40
CA ASP B 308 14.11 -20.06 -18.15
C ASP B 308 13.23 -19.44 -17.06
N TYR B 309 11.93 -19.20 -17.32
CA TYR B 309 10.96 -18.71 -16.31
C TYR B 309 10.42 -19.89 -15.49
N PHE B 310 10.71 -21.12 -15.89
CA PHE B 310 10.30 -22.37 -15.16
C PHE B 310 11.54 -23.09 -14.66
N GLY B 311 11.72 -23.10 -13.34
CA GLY B 311 12.82 -23.80 -12.64
C GLY B 311 12.34 -25.04 -11.91
N PHE B 312 13.21 -26.05 -11.80
CA PHE B 312 12.95 -27.32 -11.09
C PHE B 312 14.18 -27.73 -10.28
N SER B 313 13.99 -27.96 -8.98
CA SER B 313 15.04 -28.38 -8.04
C SER B 313 14.50 -29.48 -7.11
N GLN B 314 15.07 -30.68 -7.22
CA GLN B 314 14.76 -31.88 -6.40
C GLN B 314 16.01 -32.27 -5.60
N ASN B 315 15.88 -32.33 -4.28
CA ASN B 315 17.00 -32.57 -3.34
C ASN B 315 16.52 -33.62 -2.34
N SER B 316 17.39 -34.54 -1.93
CA SER B 316 17.06 -35.63 -0.99
C SER B 316 17.23 -35.13 0.43
N HIS B 317 16.19 -35.23 1.27
CA HIS B 317 16.26 -34.94 2.72
C HIS B 317 15.10 -35.62 3.46
N SER B 318 15.39 -36.18 4.64
CA SER B 318 14.43 -37.03 5.41
C SER B 318 13.27 -36.18 5.92
N ASP B 319 13.53 -34.93 6.30
CA ASP B 319 12.53 -34.03 6.94
C ASP B 319 11.62 -33.40 5.87
N HIS B 320 10.31 -33.60 6.01
CA HIS B 320 9.28 -32.96 5.18
CA HIS B 320 9.28 -32.95 5.17
C HIS B 320 9.33 -31.45 5.46
N CYS B 321 9.48 -30.63 4.41
CA CYS B 321 9.31 -29.15 4.43
C CYS B 321 10.54 -28.42 4.98
N GLY B 322 11.61 -29.13 5.32
CA GLY B 322 12.86 -28.50 5.79
C GLY B 322 13.71 -28.06 4.62
N PHE B 323 13.76 -26.76 4.32
CA PHE B 323 14.51 -26.24 3.15
C PHE B 323 16.00 -26.53 3.37
N PRO B 324 16.65 -27.30 2.47
CA PRO B 324 18.10 -27.48 2.53
C PRO B 324 18.85 -26.26 1.98
N LYS B 325 20.07 -26.04 2.46
CA LYS B 325 20.98 -24.93 2.07
C LYS B 325 21.46 -25.16 0.64
N ALA B 326 21.44 -26.41 0.16
CA ALA B 326 21.91 -26.77 -1.18
C ALA B 326 21.01 -26.12 -2.23
N GLN B 327 19.74 -25.88 -1.92
CA GLN B 327 18.72 -25.36 -2.88
C GLN B 327 18.66 -23.82 -2.85
N GLN B 328 19.44 -23.17 -1.98
CA GLN B 328 19.40 -21.70 -1.76
C GLN B 328 19.79 -20.94 -3.04
N PRO B 329 20.92 -21.23 -3.73
CA PRO B 329 21.33 -20.45 -4.89
C PRO B 329 20.19 -20.28 -5.91
N GLU B 330 19.43 -21.37 -6.12
CA GLU B 330 18.30 -21.47 -7.09
C GLU B 330 17.14 -20.60 -6.63
N LEU B 331 16.79 -20.65 -5.33
CA LEU B 331 15.70 -19.85 -4.72
C LEU B 331 16.07 -18.37 -4.75
N THR B 332 17.32 -18.06 -4.39
CA THR B 332 17.85 -16.67 -4.36
C THR B 332 17.70 -16.07 -5.77
N ALA B 333 18.14 -16.80 -6.80
CA ALA B 333 18.15 -16.37 -8.22
C ALA B 333 16.73 -16.02 -8.69
N PHE B 334 15.73 -16.85 -8.35
CA PHE B 334 14.32 -16.65 -8.77
C PHE B 334 13.69 -15.48 -8.01
N ILE B 335 13.99 -15.34 -6.71
CA ILE B 335 13.57 -14.17 -5.90
C ILE B 335 14.21 -12.93 -6.51
N GLU B 336 15.51 -13.00 -6.85
CA GLU B 336 16.28 -11.87 -7.44
C GLU B 336 15.61 -11.41 -8.74
N ARG B 337 15.41 -12.32 -9.70
CA ARG B 337 14.89 -11.97 -11.05
C ARG B 337 13.47 -11.39 -10.94
N PHE B 338 12.56 -12.09 -10.25
CA PHE B 338 11.09 -11.89 -10.39
C PHE B 338 10.49 -11.07 -9.25
N LEU B 339 11.21 -10.83 -8.16
CA LEU B 339 10.70 -10.01 -7.03
C LEU B 339 11.60 -8.79 -6.80
N LEU B 340 12.93 -8.98 -6.75
CA LEU B 340 13.89 -7.88 -6.49
C LEU B 340 14.28 -7.20 -7.81
N ALA B 341 13.60 -7.52 -8.91
CA ALA B 341 13.75 -6.86 -10.22
C ALA B 341 15.21 -6.82 -10.67
N LYS B 342 16.04 -7.79 -10.25
CA LYS B 342 17.46 -7.91 -10.67
C LYS B 342 17.50 -8.66 -12.00
N ASP B 343 18.69 -8.82 -12.57
CA ASP B 343 18.90 -9.26 -13.98
C ASP B 343 19.67 -10.57 -13.99
N THR B 344 19.40 -11.47 -13.04
CA THR B 344 20.23 -12.68 -12.75
C THR B 344 19.65 -13.90 -13.48
N LYS B 345 20.53 -14.81 -13.93
CA LYS B 345 20.20 -16.04 -14.70
C LYS B 345 19.39 -17.02 -13.84
N THR B 346 18.47 -17.75 -14.47
CA THR B 346 17.48 -18.66 -13.83
C THR B 346 17.22 -19.88 -14.72
N ASP B 347 18.25 -20.40 -15.42
CA ASP B 347 18.21 -21.73 -16.06
C ASP B 347 18.64 -22.76 -15.00
N VAL B 348 17.69 -23.20 -14.17
CA VAL B 348 17.86 -24.22 -13.12
C VAL B 348 16.87 -25.36 -13.40
N TRP B 349 17.40 -26.54 -13.70
CA TRP B 349 16.65 -27.78 -13.97
C TRP B 349 17.49 -28.98 -13.54
N LYS B 350 17.34 -29.40 -12.29
CA LYS B 350 18.23 -30.40 -11.64
C LYS B 350 17.41 -31.29 -10.71
N THR B 351 17.80 -32.56 -10.66
CA THR B 351 17.41 -33.53 -9.61
C THR B 351 18.68 -34.27 -9.16
N ASP B 352 18.73 -34.65 -7.89
CA ASP B 352 19.77 -35.58 -7.35
C ASP B 352 19.16 -36.98 -7.24
N GLY B 353 17.98 -37.19 -7.81
CA GLY B 353 17.25 -38.48 -7.78
C GLY B 353 17.87 -39.51 -8.70
N LYS B 354 17.91 -40.78 -8.28
CA LYS B 354 18.64 -41.88 -8.95
C LYS B 354 17.66 -42.79 -9.73
N PHE B 355 16.40 -42.39 -9.87
CA PHE B 355 15.41 -43.01 -10.80
C PHE B 355 15.84 -42.76 -12.25
N THR B 356 15.14 -43.41 -13.17
CA THR B 356 15.47 -43.44 -14.61
C THR B 356 14.92 -42.19 -15.27
N ILE B 357 15.71 -41.53 -16.09
CA ILE B 357 15.21 -40.27 -16.72
C ILE B 357 14.98 -40.54 -18.19
N ASP B 358 13.75 -40.89 -18.55
CA ASP B 358 13.32 -41.14 -19.95
C ASP B 358 12.10 -40.28 -20.26
N GLU B 359 12.32 -39.19 -21.02
CA GLU B 359 11.25 -38.28 -21.52
C GLU B 359 10.30 -39.05 -22.44
N ARG B 360 10.83 -39.68 -23.49
CA ARG B 360 10.04 -40.25 -24.62
C ARG B 360 8.95 -41.18 -24.06
N ARG B 361 9.14 -41.68 -22.82
CA ARG B 361 8.18 -42.57 -22.11
C ARG B 361 6.83 -41.88 -21.92
N TRP B 362 6.83 -40.55 -21.77
CA TRP B 362 5.65 -39.74 -21.39
C TRP B 362 5.29 -38.70 -22.46
N ILE B 363 6.24 -38.38 -23.35
CA ILE B 363 6.16 -37.27 -24.33
C ILE B 363 6.40 -37.82 -25.74
N ASP B 364 5.30 -38.05 -26.47
CA ASP B 364 5.27 -38.50 -27.88
C ASP B 364 4.87 -37.33 -28.79
N TRP B 365 5.23 -36.09 -28.44
CA TRP B 365 4.87 -34.85 -29.20
C TRP B 365 6.04 -33.85 -29.22
N ALA B 366 6.15 -33.05 -30.28
CA ALA B 366 7.28 -32.13 -30.53
C ALA B 366 6.92 -30.70 -30.14
N VAL B 367 7.90 -29.93 -29.68
CA VAL B 367 7.79 -28.47 -29.41
C VAL B 367 7.64 -27.75 -30.75
N PRO B 368 6.47 -27.16 -31.06
CA PRO B 368 6.28 -26.47 -32.35
C PRO B 368 7.00 -25.11 -32.32
N SER B 369 7.46 -24.61 -33.47
CA SER B 369 7.94 -23.22 -33.62
C SER B 369 6.72 -22.32 -33.78
N LEU B 370 6.44 -21.47 -32.78
CA LEU B 370 5.25 -20.58 -32.77
C LEU B 370 5.64 -19.22 -33.37
N SER B 371 5.04 -18.83 -34.51
CA SER B 371 5.30 -17.56 -35.23
C SER B 371 4.26 -16.50 -34.85
N GLY B 372 4.74 -15.27 -34.61
CA GLY B 372 4.05 -14.21 -33.86
C GLY B 372 4.92 -13.72 -32.72
N LEU B 373 5.89 -14.55 -32.28
CA LEU B 373 6.93 -14.21 -31.28
C LEU B 373 8.27 -13.94 -32.00
N SER C 4 -5.60 14.71 -14.02
CA SER C 4 -4.84 15.77 -13.27
C SER C 4 -5.50 17.14 -13.56
N CYS C 5 -5.27 18.11 -12.66
CA CYS C 5 -5.70 19.54 -12.78
C CYS C 5 -4.61 20.35 -13.48
N PRO C 6 -4.97 21.47 -14.17
CA PRO C 6 -3.98 22.32 -14.82
C PRO C 6 -3.13 23.09 -13.79
N ASN C 7 -1.94 23.57 -14.19
CA ASN C 7 -1.09 24.44 -13.36
C ASN C 7 -1.55 25.89 -13.56
N LEU C 8 -1.07 26.83 -12.73
CA LEU C 8 -1.46 28.27 -12.82
C LEU C 8 -0.89 28.86 -14.10
N PRO C 9 -1.60 29.84 -14.72
CA PRO C 9 -0.99 30.71 -15.74
C PRO C 9 0.41 31.24 -15.31
N ALA C 10 1.31 31.48 -16.27
CA ALA C 10 2.66 32.03 -15.99
C ALA C 10 2.50 33.33 -15.19
N SER C 11 1.50 34.15 -15.54
CA SER C 11 1.19 35.45 -14.89
C SER C 11 -0.32 35.57 -14.65
N ILE C 12 -0.66 36.17 -13.52
CA ILE C 12 -2.05 36.42 -13.04
C ILE C 12 -2.21 37.93 -12.99
N ASN C 13 -3.32 38.46 -13.51
CA ASN C 13 -3.73 39.87 -13.27
C ASN C 13 -4.88 39.85 -12.28
N TYR C 14 -4.63 40.33 -11.05
CA TYR C 14 -5.68 40.53 -10.03
C TYR C 14 -5.75 42.02 -9.72
N ALA C 15 -6.88 42.64 -10.08
CA ALA C 15 -7.19 44.05 -9.80
C ALA C 15 -7.40 44.21 -8.30
N ALA C 16 -6.71 45.18 -7.69
CA ALA C 16 -6.84 45.55 -6.27
C ALA C 16 -8.28 45.29 -5.83
N ASN C 17 -8.46 44.45 -4.80
CA ASN C 17 -9.78 44.14 -4.20
C ASN C 17 -9.66 44.33 -2.70
N PRO C 18 -10.41 45.29 -2.11
CA PRO C 18 -10.36 45.52 -0.67
C PRO C 18 -11.12 44.48 0.19
N LYS C 19 -11.86 43.57 -0.45
CA LYS C 19 -12.59 42.47 0.23
C LYS C 19 -11.86 41.13 0.00
N LEU C 20 -12.31 40.06 0.66
CA LEU C 20 -11.68 38.72 0.59
C LEU C 20 -12.05 38.11 -0.76
N PRO C 21 -11.08 37.75 -1.62
CA PRO C 21 -11.41 37.24 -2.95
C PRO C 21 -12.43 36.09 -2.83
N ASP C 22 -13.37 36.00 -3.78
CA ASP C 22 -14.33 34.87 -3.86
C ASP C 22 -13.54 33.57 -3.99
N PRO C 23 -13.64 32.62 -3.03
CA PRO C 23 -12.98 31.32 -3.13
C PRO C 23 -13.57 30.42 -4.23
N PHE C 24 -14.79 30.72 -4.68
CA PHE C 24 -15.51 29.95 -5.71
C PHE C 24 -15.25 30.51 -7.11
N LEU C 25 -14.41 31.54 -7.25
CA LEU C 25 -14.10 32.16 -8.57
C LEU C 25 -12.74 31.65 -9.05
N ALA C 26 -12.77 30.70 -9.99
CA ALA C 26 -11.56 30.20 -10.67
C ALA C 26 -10.85 31.35 -11.39
N LEU C 27 -9.53 31.24 -11.56
CA LEU C 27 -8.71 32.25 -12.29
C LEU C 27 -9.12 32.26 -13.78
N SER C 28 -9.54 31.11 -14.30
CA SER C 28 -10.20 30.97 -15.63
C SER C 28 -11.22 32.09 -15.83
N GLY C 29 -12.03 32.36 -14.80
CA GLY C 29 -13.10 33.37 -14.84
C GLY C 29 -14.44 32.80 -14.39
N THR C 30 -14.70 31.53 -14.72
CA THR C 30 -15.97 30.83 -14.37
C THR C 30 -16.03 30.59 -12.85
N ARG C 31 -17.22 30.84 -12.29
CA ARG C 31 -17.55 30.59 -10.87
C ARG C 31 -18.02 29.14 -10.73
N LEU C 32 -17.54 28.42 -9.71
CA LEU C 32 -17.92 27.00 -9.43
C LEU C 32 -19.43 26.89 -9.17
N SER C 33 -20.06 25.91 -9.80
CA SER C 33 -21.51 25.57 -9.66
C SER C 33 -21.69 24.06 -9.43
N LYS C 34 -20.64 23.25 -9.65
CA LYS C 34 -20.65 21.76 -9.57
C LYS C 34 -19.60 21.29 -8.56
N LYS C 35 -19.92 20.30 -7.73
CA LYS C 35 -18.99 19.77 -6.69
C LYS C 35 -17.70 19.25 -7.34
N ASP C 36 -17.82 18.57 -8.48
CA ASP C 36 -16.70 17.89 -9.20
C ASP C 36 -15.67 18.92 -9.70
N GLN C 37 -15.99 20.23 -9.62
CA GLN C 37 -15.04 21.31 -10.01
C GLN C 37 -14.12 21.65 -8.83
N TRP C 38 -14.52 21.35 -7.58
CA TRP C 38 -13.82 21.84 -6.36
C TRP C 38 -12.38 21.35 -6.30
N PRO C 39 -12.11 20.04 -6.57
CA PRO C 39 -10.74 19.52 -6.54
C PRO C 39 -9.72 20.35 -7.33
N CYS C 40 -10.11 20.88 -8.48
CA CYS C 40 -9.22 21.65 -9.38
C CYS C 40 -9.04 23.09 -8.88
N ARG C 41 -10.06 23.65 -8.22
CA ARG C 41 -9.96 24.95 -7.51
C ARG C 41 -9.05 24.74 -6.28
N LYS C 42 -9.26 23.65 -5.53
CA LYS C 42 -8.40 23.31 -4.36
C LYS C 42 -6.92 23.29 -4.77
N GLU C 43 -6.55 22.71 -5.92
CA GLU C 43 -5.13 22.69 -6.38
C GLU C 43 -4.69 24.10 -6.76
N GLU C 44 -5.51 24.82 -7.52
CA GLU C 44 -5.28 26.26 -7.86
C GLU C 44 -4.84 26.97 -6.57
N ILE C 45 -5.65 26.89 -5.52
CA ILE C 45 -5.44 27.57 -4.22
C ILE C 45 -4.10 27.12 -3.65
N ARG C 46 -3.87 25.80 -3.57
CA ARG C 46 -2.62 25.21 -3.07
C ARG C 46 -1.43 25.81 -3.84
N GLN C 47 -1.57 25.89 -5.16
CA GLN C 47 -0.49 26.40 -6.05
C GLN C 47 -0.30 27.91 -5.82
N LEU C 48 -1.40 28.64 -5.57
CA LEU C 48 -1.36 30.11 -5.32
C LEU C 48 -0.51 30.35 -4.08
N PHE C 49 -0.87 29.69 -2.97
CA PHE C 49 -0.18 29.82 -1.66
C PHE C 49 1.32 29.60 -1.85
N GLN C 50 1.70 28.55 -2.58
CA GLN C 50 3.13 28.17 -2.76
C GLN C 50 3.86 29.22 -3.61
N ARG C 51 3.21 29.76 -4.64
CA ARG C 51 3.85 30.79 -5.51
C ARG C 51 4.07 32.07 -4.72
N TYR C 52 3.02 32.59 -4.07
CA TYR C 52 2.95 33.96 -3.50
C TYR C 52 3.56 34.03 -2.09
N SER C 53 3.38 33.02 -1.22
CA SER C 53 3.64 33.13 0.24
C SER C 53 4.56 32.02 0.77
N TYR C 54 4.28 30.75 0.48
CA TYR C 54 4.85 29.61 1.24
C TYR C 54 6.18 29.12 0.64
N GLY C 55 6.30 29.05 -0.69
CA GLY C 55 7.36 28.28 -1.36
C GLY C 55 6.81 26.93 -1.77
N THR C 56 7.56 26.14 -2.56
CA THR C 56 7.11 24.83 -3.09
C THR C 56 7.05 23.79 -1.96
N PHE C 57 5.89 23.17 -1.77
CA PHE C 57 5.65 21.97 -0.92
C PHE C 57 6.00 20.73 -1.72
N PRO C 58 7.19 20.12 -1.55
CA PRO C 58 7.65 19.06 -2.45
C PRO C 58 6.79 17.81 -2.29
N PRO C 59 6.79 16.89 -3.29
CA PRO C 59 6.12 15.60 -3.16
C PRO C 59 6.96 14.63 -2.31
N ARG C 60 6.41 13.45 -1.99
CA ARG C 60 7.14 12.33 -1.32
C ARG C 60 8.42 12.04 -2.11
N PRO C 61 9.60 12.01 -1.47
CA PRO C 61 10.85 11.71 -2.18
C PRO C 61 10.90 10.21 -2.52
N GLU C 62 11.89 9.78 -3.31
CA GLU C 62 11.88 8.43 -3.91
C GLU C 62 11.87 7.40 -2.78
N SER C 63 12.69 7.59 -1.75
CA SER C 63 12.72 6.69 -0.56
C SER C 63 12.25 7.42 0.70
N VAL C 64 11.35 6.77 1.43
CA VAL C 64 11.06 7.03 2.87
C VAL C 64 11.19 5.68 3.59
N THR C 65 12.04 5.60 4.61
CA THR C 65 12.16 4.44 5.53
C THR C 65 12.13 4.96 6.98
N ALA C 66 11.57 4.17 7.88
CA ALA C 66 11.41 4.49 9.32
C ALA C 66 11.90 3.31 10.15
N ALA C 67 12.14 3.54 11.44
CA ALA C 67 12.72 2.55 12.38
C ALA C 67 12.50 3.04 13.81
N MET C 68 11.63 2.36 14.56
CA MET C 68 11.47 2.51 16.02
C MET C 68 12.80 2.12 16.68
N SER C 69 13.25 2.90 17.67
CA SER C 69 14.54 2.74 18.40
C SER C 69 14.37 3.30 19.81
N GLY C 70 13.86 2.48 20.73
CA GLY C 70 13.27 2.96 21.99
C GLY C 70 11.98 3.71 21.71
N ASN C 71 11.86 4.93 22.23
CA ASN C 71 10.69 5.82 21.99
C ASN C 71 10.85 6.61 20.68
N ALA C 72 12.08 6.72 20.17
CA ALA C 72 12.41 7.46 18.92
C ALA C 72 11.88 6.69 17.71
N LEU C 73 11.10 7.36 16.84
CA LEU C 73 10.82 6.94 15.44
C LEU C 73 11.77 7.70 14.51
N LYS C 74 12.83 7.05 14.04
CA LYS C 74 13.89 7.68 13.21
C LYS C 74 13.55 7.50 11.73
N ILE C 75 13.25 8.61 11.04
CA ILE C 75 12.77 8.64 9.63
C ILE C 75 13.92 9.08 8.74
N THR C 76 14.35 8.20 7.84
CA THR C 76 15.39 8.44 6.82
C THR C 76 14.69 8.60 5.47
N VAL C 77 15.13 9.58 4.68
CA VAL C 77 14.63 9.80 3.29
C VAL C 77 15.85 9.94 2.38
N SER C 78 15.68 9.68 1.08
CA SER C 78 16.73 9.92 0.07
C SER C 78 16.10 10.20 -1.29
N GLU C 79 16.87 10.85 -2.16
CA GLU C 79 16.48 11.26 -3.54
C GLU C 79 17.79 11.43 -4.32
N GLY C 80 18.03 10.57 -5.31
CA GLY C 80 19.38 10.37 -5.86
C GLY C 80 20.36 10.06 -4.73
N SER C 81 21.55 10.66 -4.78
CA SER C 81 22.69 10.39 -3.84
C SER C 81 22.45 11.04 -2.48
N LYS C 82 21.48 11.97 -2.37
CA LYS C 82 21.23 12.76 -1.14
C LYS C 82 20.33 11.97 -0.19
N SER C 83 20.61 12.11 1.09
CA SER C 83 19.95 11.39 2.21
C SER C 83 19.92 12.31 3.45
N MET C 84 18.85 12.24 4.24
CA MET C 84 18.66 13.02 5.50
C MET C 84 17.89 12.15 6.49
N SER C 85 18.17 12.28 7.79
CA SER C 85 17.40 11.60 8.87
C SER C 85 16.89 12.64 9.86
N PHE C 86 15.67 12.46 10.34
CA PHE C 86 15.09 13.26 11.44
C PHE C 86 14.27 12.31 12.32
N SER C 87 14.29 12.56 13.61
CA SER C 87 13.73 11.66 14.65
C SER C 87 12.57 12.39 15.33
N VAL C 88 11.47 11.70 15.62
CA VAL C 88 10.34 12.25 16.41
C VAL C 88 10.14 11.34 17.62
N ASN C 89 9.95 11.93 18.79
CA ASN C 89 9.62 11.20 20.04
C ASN C 89 8.13 10.82 20.00
N ILE C 90 7.81 9.56 20.26
CA ILE C 90 6.41 9.11 20.50
C ILE C 90 6.29 8.70 21.96
N LYS C 91 5.38 9.35 22.68
CA LYS C 91 4.95 8.95 24.04
C LYS C 91 3.56 8.30 23.91
N LEU C 92 3.50 6.97 23.91
CA LEU C 92 2.25 6.19 23.80
C LEU C 92 1.34 6.57 24.96
N PRO C 93 0.00 6.47 24.81
CA PRO C 93 -0.92 6.83 25.88
C PRO C 93 -1.04 5.67 26.88
N SER C 94 -1.92 5.78 27.87
CA SER C 94 -2.09 4.78 28.96
C SER C 94 -3.56 4.35 29.06
N SER C 95 -4.29 4.37 27.95
CA SER C 95 -5.73 4.03 27.88
C SER C 95 -6.13 3.72 26.43
N GLY C 96 -6.97 2.70 26.25
CA GLY C 96 -7.35 2.14 24.94
C GLY C 96 -6.30 1.15 24.45
N ALA C 97 -6.49 0.63 23.24
CA ALA C 97 -5.64 -0.40 22.60
C ALA C 97 -5.06 0.12 21.27
N ALA C 98 -3.82 -0.30 20.96
CA ALA C 98 -3.16 -0.07 19.65
C ALA C 98 -4.07 -0.57 18.52
N PRO C 99 -3.91 -0.06 17.28
CA PRO C 99 -3.05 1.09 17.01
C PRO C 99 -3.76 2.34 17.57
N TYR C 100 -2.96 3.27 18.11
CA TYR C 100 -3.43 4.42 18.93
C TYR C 100 -3.66 5.65 18.04
N PRO C 101 -4.63 6.52 18.39
CA PRO C 101 -4.71 7.85 17.79
C PRO C 101 -3.60 8.73 18.39
N ALA C 102 -3.05 9.64 17.58
CA ALA C 102 -1.90 10.50 17.98
C ALA C 102 -2.22 11.97 17.66
N ILE C 103 -1.42 12.86 18.26
CA ILE C 103 -1.32 14.30 17.91
C ILE C 103 0.17 14.64 17.74
N ILE C 104 0.56 15.09 16.54
CA ILE C 104 1.90 15.67 16.29
C ILE C 104 1.88 17.09 16.86
N ALA C 105 2.78 17.39 17.79
CA ALA C 105 2.96 18.73 18.39
C ALA C 105 4.17 19.40 17.71
N TYR C 106 3.96 20.59 17.15
CA TYR C 106 5.08 21.45 16.67
C TYR C 106 5.80 21.98 17.92
N GLY C 107 6.97 21.41 18.21
CA GLY C 107 7.80 21.71 19.40
C GLY C 107 7.22 21.11 20.67
N SER C 108 6.00 21.51 21.04
CA SER C 108 5.24 21.00 22.22
C SER C 108 3.79 21.44 22.13
N ALA C 109 2.89 20.69 22.76
CA ALA C 109 1.46 21.05 22.87
C ALA C 109 1.34 22.06 24.01
N SER C 110 0.38 22.98 23.89
CA SER C 110 -0.16 23.82 24.99
C SER C 110 -1.67 23.58 25.12
N LEU C 111 -2.17 22.54 24.45
CA LEU C 111 -3.52 21.97 24.69
C LEU C 111 -3.36 20.79 25.64
N PRO C 112 -4.38 20.51 26.48
CA PRO C 112 -4.45 19.23 27.16
C PRO C 112 -4.77 18.10 26.15
N ILE C 113 -3.77 17.25 25.88
CA ILE C 113 -3.90 15.97 25.10
C ILE C 113 -4.33 14.88 26.08
N PRO C 114 -5.51 14.24 25.88
CA PRO C 114 -5.96 13.20 26.81
C PRO C 114 -4.97 12.03 26.94
N ASN C 115 -5.19 11.14 27.91
CA ASN C 115 -4.36 9.92 28.15
C ASN C 115 -4.78 8.80 27.18
N THR C 116 -5.76 9.06 26.28
CA THR C 116 -6.27 8.11 25.24
C THR C 116 -5.56 8.35 23.90
N VAL C 117 -4.76 9.43 23.79
CA VAL C 117 -4.13 9.91 22.53
C VAL C 117 -2.62 10.04 22.72
N ALA C 118 -1.83 9.49 21.80
CA ALA C 118 -0.35 9.55 21.85
C ALA C 118 0.10 10.97 21.55
N THR C 119 1.31 11.32 22.01
CA THR C 119 1.94 12.64 21.83
C THR C 119 3.21 12.46 21.00
N ILE C 120 3.13 12.75 19.69
CA ILE C 120 4.33 12.76 18.81
C ILE C 120 4.92 14.17 18.90
N THR C 121 6.16 14.29 19.38
CA THR C 121 6.90 15.55 19.56
C THR C 121 7.80 15.79 18.34
N TYR C 122 7.39 16.69 17.46
CA TYR C 122 8.06 17.02 16.18
C TYR C 122 8.97 18.23 16.42
N GLN C 123 10.23 18.11 16.03
CA GLN C 123 11.24 19.19 16.09
C GLN C 123 11.15 19.95 14.75
N ASN C 124 10.15 20.84 14.65
CA ASN C 124 9.77 21.55 13.41
C ASN C 124 10.80 22.63 13.06
N PHE C 125 11.40 23.28 14.06
CA PHE C 125 12.46 24.31 13.86
C PHE C 125 13.78 23.61 13.56
N GLU C 126 13.92 22.36 13.98
CA GLU C 126 15.06 21.47 13.63
C GLU C 126 14.96 21.10 12.15
N MET C 127 13.74 20.86 11.65
CA MET C 127 13.46 20.50 10.23
C MET C 127 13.78 21.69 9.34
N ALA C 128 13.22 22.86 9.67
CA ALA C 128 13.48 24.16 9.01
C ALA C 128 13.37 25.28 10.05
N ALA C 129 14.44 26.06 10.21
CA ALA C 129 14.69 26.96 11.36
C ALA C 129 13.68 28.11 11.41
N ASP C 130 13.42 28.58 12.64
CA ASP C 130 12.54 29.72 12.99
C ASP C 130 12.99 30.98 12.25
N ASN C 131 14.23 31.44 12.53
CA ASN C 131 14.83 32.63 11.89
C ASN C 131 16.21 32.28 11.32
N GLY C 132 16.22 31.46 10.26
CA GLY C 132 17.40 31.12 9.46
C GLY C 132 16.98 30.75 8.06
N ARG C 133 17.20 31.63 7.08
CA ARG C 133 16.92 31.36 5.66
C ARG C 133 17.77 30.14 5.26
N GLY C 134 17.11 29.08 4.78
CA GLY C 134 17.74 27.87 4.20
C GLY C 134 18.48 27.00 5.23
N LYS C 135 18.05 27.03 6.49
CA LYS C 135 18.66 26.27 7.60
C LYS C 135 17.66 25.23 8.10
N GLY C 136 18.11 23.99 8.25
CA GLY C 136 17.31 22.86 8.78
C GLY C 136 17.56 21.60 7.96
N LYS C 137 17.09 20.47 8.46
CA LYS C 137 17.23 19.15 7.80
C LYS C 137 16.67 19.25 6.38
N PHE C 138 15.45 19.79 6.23
CA PHE C 138 14.77 19.98 4.92
C PHE C 138 15.75 20.53 3.88
N TYR C 139 16.53 21.56 4.25
CA TYR C 139 17.41 22.30 3.32
C TYR C 139 18.74 21.56 3.15
N GLU C 140 19.20 20.82 4.16
CA GLU C 140 20.36 19.89 4.04
C GLU C 140 20.04 18.88 2.93
N PHE C 141 18.79 18.42 2.89
CA PHE C 141 18.29 17.39 1.95
C PHE C 141 18.03 17.98 0.56
N TYR C 142 17.23 19.06 0.48
CA TYR C 142 16.68 19.62 -0.78
C TYR C 142 17.55 20.73 -1.34
N GLY C 143 18.42 21.34 -0.52
CA GLY C 143 19.27 22.49 -0.91
C GLY C 143 18.88 23.75 -0.14
N SER C 144 19.88 24.56 0.24
CA SER C 144 19.67 25.83 0.99
C SER C 144 18.95 26.84 0.08
N ASN C 145 19.16 26.76 -1.23
CA ASN C 145 18.56 27.67 -2.24
C ASN C 145 17.11 27.28 -2.57
N HIS C 146 16.61 26.17 -2.02
CA HIS C 146 15.22 25.71 -2.20
C HIS C 146 14.27 26.80 -1.67
N ASN C 147 13.26 27.16 -2.46
CA ASN C 147 12.45 28.40 -2.25
C ASN C 147 11.41 28.17 -1.14
N ALA C 148 11.27 26.95 -0.62
CA ALA C 148 10.31 26.63 0.46
C ALA C 148 10.64 27.46 1.69
N GLY C 149 9.60 27.99 2.35
CA GLY C 149 9.71 28.65 3.66
C GLY C 149 9.71 27.62 4.78
N GLY C 150 10.19 27.98 5.96
CA GLY C 150 10.28 27.10 7.13
C GLY C 150 8.94 26.56 7.59
N MET C 151 7.83 27.14 7.13
CA MET C 151 6.46 26.71 7.55
C MET C 151 6.01 25.55 6.67
N ILE C 152 6.23 25.66 5.37
CA ILE C 152 5.81 24.64 4.36
C ILE C 152 6.83 23.48 4.36
N ALA C 153 8.10 23.75 4.72
CA ALA C 153 9.14 22.71 4.89
C ALA C 153 8.85 21.87 6.12
N ALA C 154 8.37 22.49 7.20
CA ALA C 154 7.91 21.76 8.42
C ALA C 154 6.71 20.88 8.06
N ALA C 155 5.78 21.39 7.27
CA ALA C 155 4.55 20.68 6.85
C ALA C 155 4.92 19.44 6.02
N TRP C 156 5.97 19.54 5.21
CA TRP C 156 6.52 18.42 4.40
C TRP C 156 7.00 17.31 5.34
N GLY C 157 7.62 17.69 6.45
CA GLY C 157 8.07 16.75 7.50
C GLY C 157 6.89 16.02 8.11
N VAL C 158 5.72 16.64 8.17
CA VAL C 158 4.50 16.02 8.75
C VAL C 158 3.96 14.99 7.75
N ASP C 159 4.09 15.27 6.45
CA ASP C 159 3.73 14.30 5.37
C ASP C 159 4.63 13.06 5.55
N ARG C 160 5.93 13.28 5.76
CA ARG C 160 6.93 12.19 5.95
C ARG C 160 6.66 11.49 7.28
N ILE C 161 6.27 12.20 8.34
CA ILE C 161 5.98 11.56 9.66
C ILE C 161 4.90 10.51 9.42
N ILE C 162 3.86 10.84 8.64
CA ILE C 162 2.70 9.94 8.44
C ILE C 162 3.10 8.80 7.50
N ASP C 163 3.86 9.06 6.42
CA ASP C 163 4.47 7.99 5.59
C ASP C 163 5.10 6.94 6.50
N ALA C 164 5.87 7.39 7.49
CA ALA C 164 6.68 6.54 8.40
C ALA C 164 5.81 5.81 9.42
N LEU C 165 4.64 6.35 9.78
CA LEU C 165 3.67 5.66 10.68
C LEU C 165 2.91 4.57 9.90
N GLU C 166 2.76 4.71 8.58
CA GLU C 166 2.12 3.70 7.68
C GLU C 166 3.08 2.50 7.52
N MET C 167 4.39 2.74 7.61
CA MET C 167 5.49 1.77 7.33
C MET C 167 5.86 1.00 8.59
N THR C 168 5.55 1.56 9.75
CA THR C 168 6.08 1.11 11.06
C THR C 168 4.92 0.91 12.00
N PRO C 169 4.15 -0.20 11.89
CA PRO C 169 3.08 -0.48 12.84
C PRO C 169 3.68 -0.64 14.24
N ALA C 170 4.95 -1.05 14.30
CA ALA C 170 5.81 -1.11 15.51
C ALA C 170 5.61 0.12 16.41
N ALA C 171 5.43 1.31 15.82
CA ALA C 171 5.22 2.59 16.55
C ALA C 171 3.90 2.56 17.33
N LYS C 172 2.91 1.79 16.84
CA LYS C 172 1.61 1.48 17.52
C LYS C 172 0.61 2.61 17.28
N ILE C 173 0.74 3.34 16.16
CA ILE C 173 -0.05 4.56 15.85
C ILE C 173 -0.90 4.33 14.59
N ASP C 174 -2.22 4.51 14.68
CA ASP C 174 -3.13 4.48 13.51
C ASP C 174 -2.82 5.68 12.63
N PRO C 175 -2.21 5.50 11.45
CA PRO C 175 -1.89 6.61 10.55
C PRO C 175 -3.08 7.46 10.10
N LYS C 176 -4.29 6.90 10.11
CA LYS C 176 -5.51 7.58 9.61
C LYS C 176 -6.09 8.51 10.67
N ARG C 177 -5.51 8.53 11.88
CA ARG C 177 -6.03 9.30 13.05
C ARG C 177 -4.87 10.03 13.75
N VAL C 178 -4.06 10.73 12.96
CA VAL C 178 -2.94 11.58 13.46
C VAL C 178 -3.37 13.05 13.38
N GLY C 179 -3.52 13.68 14.54
CA GLY C 179 -3.79 15.12 14.66
C GLY C 179 -2.50 15.93 14.62
N VAL C 180 -2.65 17.26 14.69
CA VAL C 180 -1.52 18.22 14.73
C VAL C 180 -1.98 19.47 15.49
N THR C 181 -1.07 20.06 16.28
CA THR C 181 -1.31 21.24 17.14
C THR C 181 0.00 21.96 17.43
N GLY C 182 -0.14 23.23 17.79
CA GLY C 182 0.96 24.12 18.21
C GLY C 182 0.39 25.46 18.64
N CYS C 183 1.18 26.24 19.36
CA CYS C 183 0.76 27.56 19.87
C CYS C 183 1.67 28.64 19.29
N SER C 184 1.11 29.84 19.08
CA SER C 184 1.83 31.02 18.56
C SER C 184 2.45 30.65 17.20
N ARG C 185 3.77 30.79 17.02
CA ARG C 185 4.47 30.43 15.76
C ARG C 185 3.98 29.08 15.25
N ASN C 186 3.68 28.15 16.17
CA ASN C 186 3.35 26.73 15.91
C ASN C 186 1.83 26.56 15.75
N GLY C 187 1.05 27.57 16.15
CA GLY C 187 -0.32 27.73 15.66
C GLY C 187 -0.30 27.87 14.16
N LYS C 188 0.61 28.71 13.64
CA LYS C 188 0.79 28.96 12.18
C LYS C 188 1.22 27.65 11.51
N GLY C 189 2.35 27.08 11.95
CA GLY C 189 2.90 25.83 11.41
C GLY C 189 1.85 24.73 11.33
N SER C 190 1.20 24.44 12.47
CA SER C 190 0.14 23.41 12.61
C SER C 190 -1.01 23.71 11.65
N MET C 191 -1.44 24.97 11.54
CA MET C 191 -2.53 25.35 10.61
C MET C 191 -2.12 24.98 9.17
N ILE C 192 -0.86 25.23 8.81
CA ILE C 192 -0.36 25.04 7.42
C ILE C 192 -0.16 23.54 7.17
N ALA C 193 0.43 22.83 8.15
CA ALA C 193 0.60 21.36 8.13
C ALA C 193 -0.74 20.70 7.78
N GLY C 194 -1.81 21.07 8.47
CA GLY C 194 -3.15 20.48 8.29
C GLY C 194 -3.75 20.84 6.96
N ALA C 195 -3.42 22.02 6.43
CA ALA C 195 -3.95 22.52 5.14
C ALA C 195 -3.33 21.75 3.97
N PHE C 196 -2.07 21.34 4.09
CA PHE C 196 -1.30 20.75 2.95
C PHE C 196 -1.15 19.22 3.04
N VAL C 197 -1.21 18.66 4.25
CA VAL C 197 -1.19 17.19 4.49
C VAL C 197 -2.63 16.72 4.65
N ASP C 198 -3.18 16.11 3.59
CA ASP C 198 -4.62 15.76 3.46
C ASP C 198 -4.94 14.59 4.41
N ARG C 199 -3.93 13.82 4.83
CA ARG C 199 -4.10 12.60 5.67
C ARG C 199 -4.28 12.97 7.15
N ILE C 200 -3.93 14.20 7.55
CA ILE C 200 -4.11 14.67 8.96
C ILE C 200 -5.62 14.64 9.26
N ALA C 201 -5.98 14.05 10.40
CA ALA C 201 -7.37 13.78 10.81
C ALA C 201 -7.97 15.05 11.41
N LEU C 202 -7.15 15.81 12.15
CA LEU C 202 -7.58 16.98 12.96
C LEU C 202 -6.40 17.91 13.20
N ALA C 203 -6.55 19.20 12.85
CA ALA C 203 -5.61 20.27 13.21
C ALA C 203 -6.18 21.06 14.37
N LEU C 204 -5.33 21.41 15.34
CA LEU C 204 -5.66 22.30 16.47
C LEU C 204 -4.63 23.44 16.51
N PRO C 205 -4.78 24.48 15.67
CA PRO C 205 -3.92 25.65 15.76
C PRO C 205 -4.44 26.49 16.93
N GLN C 206 -3.51 26.92 17.80
CA GLN C 206 -3.80 27.72 19.02
C GLN C 206 -3.03 29.04 18.94
N GLU C 207 -3.76 30.16 18.96
CA GLU C 207 -3.19 31.54 19.01
C GLU C 207 -2.13 31.69 17.92
N GLY C 208 -2.43 31.14 16.72
CA GLY C 208 -1.58 31.29 15.53
C GLY C 208 -1.77 32.66 14.89
N GLY C 209 -2.96 33.23 15.07
CA GLY C 209 -3.30 34.61 14.64
C GLY C 209 -3.13 34.77 13.15
N GLN C 210 -2.62 35.92 12.71
CA GLN C 210 -2.46 36.27 11.28
C GLN C 210 -1.53 35.24 10.62
N SER C 211 -1.75 34.99 9.33
CA SER C 211 -1.12 33.92 8.48
C SER C 211 -1.86 32.60 8.65
N ALA C 212 -2.44 32.38 9.83
CA ALA C 212 -3.10 31.13 10.26
C ALA C 212 -4.62 31.34 10.24
N ALA C 213 -5.20 31.86 11.33
CA ALA C 213 -6.66 32.07 11.50
C ALA C 213 -7.10 33.36 10.78
N GLY C 214 -6.23 34.36 10.77
CA GLY C 214 -6.55 35.72 10.25
C GLY C 214 -6.19 35.92 8.80
N CYS C 215 -6.86 36.88 8.16
CA CYS C 215 -6.70 37.26 6.74
C CYS C 215 -5.78 38.48 6.66
N TRP C 216 -4.96 38.57 5.60
CA TRP C 216 -3.98 39.66 5.41
C TRP C 216 -4.68 41.02 5.25
N ARG C 217 -5.81 41.06 4.54
CA ARG C 217 -6.53 42.34 4.24
C ARG C 217 -7.04 42.97 5.54
N ILE C 218 -7.53 42.16 6.47
CA ILE C 218 -8.15 42.64 7.73
C ILE C 218 -7.03 43.07 8.69
N ALA C 219 -5.91 42.35 8.70
CA ALA C 219 -4.69 42.76 9.43
C ALA C 219 -4.27 44.14 8.93
N ASP C 220 -4.27 44.35 7.62
CA ASP C 220 -3.86 45.64 6.99
C ASP C 220 -4.78 46.75 7.51
N GLU C 221 -6.08 46.49 7.59
CA GLU C 221 -7.09 47.50 8.05
C GLU C 221 -7.00 47.68 9.58
N ILE C 222 -6.69 46.63 10.35
CA ILE C 222 -6.47 46.76 11.82
C ILE C 222 -5.29 47.73 12.06
N GLN C 223 -4.20 47.51 11.31
CA GLN C 223 -2.99 48.38 11.33
C GLN C 223 -3.40 49.82 11.02
N LYS C 224 -4.15 50.01 9.92
CA LYS C 224 -4.56 51.33 9.36
C LYS C 224 -5.35 52.12 10.40
N ASN C 225 -6.06 51.40 11.28
CA ASN C 225 -6.97 51.95 12.31
C ASN C 225 -6.24 52.24 13.62
N GLY C 226 -4.92 52.00 13.70
CA GLY C 226 -4.07 52.49 14.81
C GLY C 226 -3.47 51.39 15.69
N THR C 227 -4.06 50.19 15.74
CA THR C 227 -3.62 49.09 16.64
C THR C 227 -2.53 48.26 15.97
N LYS C 228 -1.44 48.05 16.70
CA LYS C 228 -0.27 47.22 16.34
C LYS C 228 -0.72 45.78 16.21
N VAL C 229 -0.51 45.17 15.04
CA VAL C 229 -0.94 43.78 14.72
C VAL C 229 0.08 43.16 13.78
N GLU C 230 0.06 41.83 13.65
CA GLU C 230 0.98 41.06 12.77
C GLU C 230 0.49 41.17 11.33
N THR C 231 0.89 42.22 10.61
CA THR C 231 0.54 42.43 9.18
C THR C 231 1.56 41.70 8.31
N ALA C 232 1.26 41.57 7.02
CA ALA C 232 2.18 40.98 6.02
C ALA C 232 3.50 41.73 6.05
N HIS C 233 3.46 43.06 6.12
CA HIS C 233 4.66 43.93 6.14
C HIS C 233 5.56 43.53 7.31
N GLN C 234 4.95 43.23 8.46
CA GLN C 234 5.66 42.91 9.74
C GLN C 234 6.23 41.50 9.69
N ILE C 235 5.45 40.52 9.22
CA ILE C 235 5.68 39.08 9.50
C ILE C 235 6.91 38.58 8.74
N VAL C 236 7.32 39.24 7.66
CA VAL C 236 8.46 38.75 6.83
C VAL C 236 9.80 39.22 7.42
N ASN C 237 9.87 39.62 8.70
CA ASN C 237 11.06 40.34 9.23
C ASN C 237 11.83 39.51 10.27
N GLY C 238 11.18 39.07 11.34
CA GLY C 238 11.87 38.38 12.46
C GLY C 238 12.04 36.88 12.23
N ASP C 239 11.87 36.37 10.99
CA ASP C 239 11.74 34.91 10.75
C ASP C 239 12.06 34.55 9.29
N SER C 240 12.10 33.24 9.01
CA SER C 240 12.19 32.65 7.66
C SER C 240 10.97 31.73 7.44
N TRP C 241 9.83 32.07 8.03
CA TRP C 241 8.58 31.28 7.98
C TRP C 241 8.02 31.18 6.54
N PHE C 242 8.09 32.27 5.78
CA PHE C 242 7.57 32.36 4.41
C PHE C 242 8.74 32.45 3.43
N SER C 243 8.44 32.13 2.16
CA SER C 243 9.43 32.19 1.05
C SER C 243 9.95 33.62 0.92
N THR C 244 11.16 33.81 0.38
CA THR C 244 11.73 35.16 0.12
C THR C 244 10.84 35.88 -0.89
N ASP C 245 10.06 35.16 -1.68
CA ASP C 245 9.10 35.74 -2.65
C ASP C 245 8.01 36.52 -1.90
N PHE C 246 7.59 36.09 -0.70
CA PHE C 246 6.40 36.64 -0.01
C PHE C 246 6.58 38.14 0.19
N SER C 247 7.82 38.61 0.38
CA SER C 247 8.10 40.01 0.79
C SER C 247 7.98 40.97 -0.41
N LYS C 248 7.78 40.50 -1.63
CA LYS C 248 7.45 41.43 -2.75
C LYS C 248 5.96 41.78 -2.71
N TYR C 249 5.12 40.97 -2.09
CA TYR C 249 3.63 41.13 -2.13
C TYR C 249 3.10 41.80 -0.85
N VAL C 250 3.87 41.86 0.25
CA VAL C 250 3.35 42.24 1.60
C VAL C 250 2.72 43.64 1.55
N ASP C 251 3.22 44.49 0.65
CA ASP C 251 2.83 45.91 0.58
C ASP C 251 1.69 46.10 -0.43
N THR C 252 1.23 45.03 -1.08
CA THR C 252 0.21 45.11 -2.17
C THR C 252 -0.86 44.03 -1.96
N VAL C 253 -1.20 43.77 -0.70
CA VAL C 253 -2.15 42.69 -0.30
C VAL C 253 -3.41 42.71 -1.17
N PRO C 254 -4.06 43.87 -1.42
CA PRO C 254 -5.28 43.89 -2.22
C PRO C 254 -5.13 43.22 -3.60
N THR C 255 -3.92 43.15 -4.16
CA THR C 255 -3.68 42.59 -5.53
C THR C 255 -3.40 41.09 -5.46
N LEU C 256 -3.43 40.46 -4.27
CA LEU C 256 -3.23 39.00 -4.10
C LEU C 256 -4.52 38.27 -4.47
N PRO C 257 -4.47 37.31 -5.41
CA PRO C 257 -5.68 36.60 -5.86
C PRO C 257 -6.11 35.51 -4.87
N TRP C 258 -5.96 35.80 -3.57
CA TRP C 258 -6.18 34.87 -2.43
C TRP C 258 -6.13 35.63 -1.10
N ASP C 259 -6.64 34.98 -0.05
CA ASP C 259 -6.38 35.34 1.35
C ASP C 259 -6.50 34.07 2.19
N ASN C 260 -6.19 34.16 3.49
CA ASN C 260 -6.01 32.98 4.38
C ASN C 260 -7.35 32.27 4.62
N HIS C 261 -8.49 32.87 4.27
CA HIS C 261 -9.80 32.18 4.31
C HIS C 261 -9.76 30.98 3.37
N MET C 262 -8.96 31.06 2.30
CA MET C 262 -8.80 29.96 1.31
C MET C 262 -7.82 28.88 1.82
N LEU C 263 -6.98 29.21 2.81
CA LEU C 263 -6.18 28.19 3.53
C LEU C 263 -7.11 27.26 4.30
N HIS C 264 -8.12 27.82 4.99
CA HIS C 264 -9.14 27.04 5.74
C HIS C 264 -9.92 26.16 4.75
N ALA C 265 -10.16 26.65 3.53
CA ALA C 265 -10.94 25.94 2.48
C ALA C 265 -10.24 24.63 2.09
N LEU C 266 -8.93 24.52 2.26
CA LEU C 266 -8.17 23.27 1.94
C LEU C 266 -8.63 22.12 2.85
N TYR C 267 -9.23 22.42 4.02
CA TYR C 267 -9.70 21.42 5.00
C TYR C 267 -11.09 20.87 4.65
N ALA C 268 -11.78 21.38 3.62
CA ALA C 268 -13.18 21.03 3.28
C ALA C 268 -13.22 19.81 2.36
N TYR C 269 -12.07 19.43 1.77
CA TYR C 269 -11.92 18.29 0.83
C TYR C 269 -10.45 17.86 0.75
N PRO C 270 -10.09 16.61 1.11
CA PRO C 270 -11.00 15.65 1.73
C PRO C 270 -11.37 16.19 3.11
N PRO C 271 -12.65 16.10 3.54
CA PRO C 271 -13.07 16.73 4.79
C PRO C 271 -12.28 16.20 5.99
N ARG C 272 -11.70 17.11 6.80
CA ARG C 272 -10.95 16.77 8.03
C ARG C 272 -11.18 17.88 9.07
N GLY C 273 -11.05 17.51 10.35
CA GLY C 273 -11.31 18.40 11.50
C GLY C 273 -10.34 19.57 11.57
N LEU C 274 -10.88 20.76 11.80
CA LEU C 274 -10.09 21.99 12.07
C LEU C 274 -10.80 22.75 13.19
N LEU C 275 -10.24 22.71 14.38
CA LEU C 275 -10.69 23.61 15.46
C LEU C 275 -9.61 24.69 15.60
N ILE C 276 -9.98 25.94 15.34
CA ILE C 276 -9.14 27.13 15.63
C ILE C 276 -9.45 27.56 17.07
N ILE C 277 -8.42 27.55 17.93
CA ILE C 277 -8.49 28.08 19.32
C ILE C 277 -7.72 29.40 19.33
N GLU C 278 -8.40 30.48 19.70
CA GLU C 278 -7.88 31.87 19.58
C GLU C 278 -8.19 32.64 20.86
N ASN C 279 -7.59 33.83 20.96
CA ASN C 279 -7.53 34.66 22.19
C ASN C 279 -7.90 36.08 21.79
N THR C 280 -9.06 36.57 22.25
CA THR C 280 -9.59 37.93 21.98
C THR C 280 -8.72 38.98 22.69
N ALA C 281 -7.97 38.59 23.71
CA ALA C 281 -7.26 39.52 24.61
C ALA C 281 -6.01 40.11 23.97
N ILE C 282 -5.27 39.35 23.14
CA ILE C 282 -3.95 39.77 22.61
C ILE C 282 -4.11 40.46 21.26
N ASP C 283 -3.78 41.75 21.19
CA ASP C 283 -4.02 42.60 19.98
C ASP C 283 -3.26 42.02 18.77
N TYR C 284 -2.02 41.55 18.96
CA TYR C 284 -1.07 41.20 17.87
C TYR C 284 -1.57 40.02 17.04
N LEU C 285 -2.49 39.23 17.60
CA LEU C 285 -3.17 38.11 16.91
C LEU C 285 -4.19 38.65 15.90
N GLY C 286 -4.74 39.85 16.15
CA GLY C 286 -5.82 40.47 15.37
C GLY C 286 -7.16 39.76 15.58
N PRO C 287 -7.75 39.80 16.79
CA PRO C 287 -8.98 39.07 17.11
C PRO C 287 -10.11 39.17 16.07
N THR C 288 -10.42 40.36 15.57
CA THR C 288 -11.53 40.57 14.59
C THR C 288 -11.14 40.03 13.20
N SER C 289 -9.85 40.04 12.85
CA SER C 289 -9.34 39.41 11.60
C SER C 289 -9.61 37.89 11.68
N ASN C 290 -9.05 37.22 12.70
CA ASN C 290 -9.24 35.77 12.94
C ASN C 290 -10.71 35.40 12.73
N TYR C 291 -11.64 36.10 13.36
CA TYR C 291 -13.07 35.70 13.36
C TYR C 291 -13.67 35.88 11.96
N HIS C 292 -13.47 37.05 11.33
CA HIS C 292 -14.08 37.39 10.02
C HIS C 292 -13.47 36.54 8.91
N CYS C 293 -12.16 36.27 9.02
CA CYS C 293 -11.37 35.44 8.08
C CYS C 293 -11.85 33.99 8.10
N ALA C 294 -11.92 33.41 9.30
CA ALA C 294 -12.41 32.05 9.55
C ALA C 294 -13.83 31.92 8.98
N THR C 295 -14.70 32.88 9.30
CA THR C 295 -16.15 32.87 8.93
C THR C 295 -16.28 32.81 7.41
N ALA C 296 -15.35 33.44 6.69
CA ALA C 296 -15.27 33.46 5.21
C ALA C 296 -14.77 32.10 4.72
N GLY C 297 -13.75 31.55 5.37
CA GLY C 297 -13.20 30.21 5.07
C GLY C 297 -14.25 29.13 5.14
N ARG C 298 -15.15 29.22 6.12
CA ARG C 298 -16.18 28.19 6.44
C ARG C 298 -17.26 28.19 5.35
N LYS C 299 -17.31 29.23 4.51
CA LYS C 299 -18.28 29.32 3.40
C LYS C 299 -18.03 28.15 2.42
N VAL C 300 -16.77 27.74 2.25
CA VAL C 300 -16.41 26.62 1.33
C VAL C 300 -16.89 25.32 1.99
N HIS C 301 -16.58 25.10 3.28
CA HIS C 301 -17.16 24.00 4.10
C HIS C 301 -18.70 23.99 3.95
N GLU C 302 -19.35 25.16 4.00
CA GLU C 302 -20.84 25.30 3.95
C GLU C 302 -21.36 24.80 2.60
N ALA C 303 -20.76 25.27 1.50
CA ALA C 303 -21.09 24.88 0.11
C ALA C 303 -21.03 23.35 -0.02
N LEU C 304 -19.93 22.74 0.42
CA LEU C 304 -19.63 21.29 0.31
C LEU C 304 -20.29 20.50 1.45
N GLY C 305 -21.16 21.14 2.25
CA GLY C 305 -22.01 20.47 3.27
C GLY C 305 -21.21 19.83 4.41
N VAL C 306 -19.98 20.29 4.65
CA VAL C 306 -19.07 19.81 5.74
C VAL C 306 -18.77 20.98 6.68
N LYS C 307 -19.76 21.85 6.86
CA LYS C 307 -19.71 23.06 7.73
C LYS C 307 -19.14 22.67 9.10
N ASP C 308 -19.65 21.61 9.73
CA ASP C 308 -19.39 21.26 11.14
C ASP C 308 -17.99 20.65 11.33
N TYR C 309 -17.20 20.47 10.25
CA TYR C 309 -15.80 19.97 10.33
C TYR C 309 -14.85 21.14 10.68
N PHE C 310 -15.34 22.38 10.59
CA PHE C 310 -14.57 23.61 10.90
C PHE C 310 -15.17 24.28 12.15
N GLY C 311 -14.42 24.24 13.25
CA GLY C 311 -14.78 24.89 14.52
C GLY C 311 -13.94 26.13 14.76
N PHE C 312 -14.51 27.12 15.46
CA PHE C 312 -13.86 28.40 15.87
C PHE C 312 -14.24 28.76 17.30
N SER C 313 -13.23 28.96 18.15
CA SER C 313 -13.40 29.32 19.59
C SER C 313 -12.39 30.41 19.95
N GLN C 314 -12.91 31.60 20.29
CA GLN C 314 -12.13 32.77 20.78
C GLN C 314 -12.56 33.09 22.21
N ASN C 315 -11.57 33.14 23.10
CA ASN C 315 -11.78 33.30 24.55
C ASN C 315 -10.79 34.35 25.04
N SER C 316 -11.18 35.22 25.95
CA SER C 316 -10.32 36.30 26.50
C SER C 316 -9.50 35.73 27.66
N HIS C 317 -8.16 35.85 27.58
CA HIS C 317 -7.24 35.52 28.71
C HIS C 317 -5.91 36.24 28.51
N SER C 318 -5.35 36.76 29.61
CA SER C 318 -4.14 37.62 29.63
C SER C 318 -2.92 36.83 29.15
N ASP C 319 -2.83 35.55 29.54
CA ASP C 319 -1.64 34.68 29.31
C ASP C 319 -1.69 34.14 27.89
N HIS C 320 -0.64 34.40 27.11
CA HIS C 320 -0.45 33.82 25.77
C HIS C 320 -0.23 32.31 25.95
N CYS C 321 -1.02 31.48 25.27
CA CYS C 321 -0.80 30.02 25.09
C CYS C 321 -1.31 29.22 26.29
N GLY C 322 -1.88 29.87 27.30
CA GLY C 322 -2.49 29.16 28.45
C GLY C 322 -3.90 28.74 28.09
N PHE C 323 -4.12 27.45 27.84
CA PHE C 323 -5.46 26.93 27.47
C PHE C 323 -6.42 27.15 28.63
N PRO C 324 -7.50 27.92 28.45
CA PRO C 324 -8.53 28.04 29.49
C PRO C 324 -9.43 26.79 29.54
N LYS C 325 -10.00 26.48 30.70
CA LYS C 325 -10.92 25.33 30.89
C LYS C 325 -12.27 25.63 30.23
N ALA C 326 -12.56 26.89 29.96
CA ALA C 326 -13.79 27.33 29.25
C ALA C 326 -13.85 26.71 27.83
N GLN C 327 -12.69 26.49 27.20
CA GLN C 327 -12.61 26.04 25.78
C GLN C 327 -12.51 24.50 25.71
N GLN C 328 -12.50 23.80 26.85
CA GLN C 328 -12.31 22.33 26.93
C GLN C 328 -13.45 21.58 26.21
N PRO C 329 -14.76 21.85 26.48
CA PRO C 329 -15.83 21.08 25.83
C PRO C 329 -15.67 20.99 24.31
N GLU C 330 -15.26 22.10 23.69
CA GLU C 330 -15.06 22.26 22.22
C GLU C 330 -13.87 21.41 21.76
N LEU C 331 -12.76 21.45 22.49
CA LEU C 331 -11.52 20.67 22.18
C LEU C 331 -11.79 19.19 22.37
N THR C 332 -12.49 18.82 23.46
CA THR C 332 -12.85 17.42 23.79
C THR C 332 -13.68 16.85 22.62
N ALA C 333 -14.69 17.59 22.18
CA ALA C 333 -15.64 17.18 21.11
C ALA C 333 -14.88 16.89 19.80
N PHE C 334 -13.92 17.72 19.41
CA PHE C 334 -13.14 17.59 18.15
C PHE C 334 -12.16 16.43 18.27
N ILE C 335 -11.52 16.25 19.43
CA ILE C 335 -10.64 15.08 19.72
C ILE C 335 -11.51 13.83 19.67
N GLU C 336 -12.69 13.88 20.27
CA GLU C 336 -13.65 12.74 20.30
C GLU C 336 -14.03 12.32 18.87
N ARG C 337 -14.54 13.25 18.05
CA ARG C 337 -15.06 12.94 16.69
C ARG C 337 -13.92 12.41 15.82
N PHE C 338 -12.80 13.13 15.74
CA PHE C 338 -11.79 12.99 14.65
C PHE C 338 -10.57 12.15 15.08
N LEU C 339 -10.38 11.88 16.37
CA LEU C 339 -9.22 11.06 16.84
C LEU C 339 -9.70 9.82 17.60
N LEU C 340 -10.65 9.97 18.53
CA LEU C 340 -11.17 8.82 19.34
C LEU C 340 -12.32 8.14 18.61
N ALA C 341 -12.57 8.50 17.34
CA ALA C 341 -13.55 7.84 16.45
C ALA C 341 -14.93 7.75 17.10
N LYS C 342 -15.26 8.68 18.00
CA LYS C 342 -16.58 8.74 18.67
C LYS C 342 -17.54 9.52 17.77
N ASP C 343 -18.79 9.68 18.19
CA ASP C 343 -19.94 10.06 17.32
C ASP C 343 -20.54 11.38 17.79
N THR C 344 -19.71 12.30 18.32
CA THR C 344 -20.15 13.51 19.08
C THR C 344 -20.19 14.72 18.13
N LYS C 345 -21.16 15.61 18.33
CA LYS C 345 -21.45 16.81 17.49
C LYS C 345 -20.34 17.84 17.67
N THR C 346 -20.05 18.61 16.61
CA THR C 346 -18.92 19.57 16.52
C THR C 346 -19.32 20.84 15.74
N ASP C 347 -20.57 21.32 15.91
CA ASP C 347 -20.98 22.68 15.47
C ASP C 347 -20.61 23.68 16.58
N VAL C 348 -19.36 24.14 16.56
CA VAL C 348 -18.79 25.13 17.51
C VAL C 348 -18.30 26.34 16.71
N TRP C 349 -18.92 27.50 16.92
CA TRP C 349 -18.57 28.78 16.25
C TRP C 349 -18.91 29.94 17.19
N LYS C 350 -17.95 30.33 18.02
CA LYS C 350 -18.18 31.29 19.13
C LYS C 350 -16.96 32.20 19.29
N THR C 351 -17.23 33.47 19.62
CA THR C 351 -16.27 34.43 20.19
C THR C 351 -16.93 35.10 21.39
N ASP C 352 -16.13 35.47 22.40
CA ASP C 352 -16.58 36.33 23.53
C ASP C 352 -16.08 37.75 23.27
N GLY C 353 -15.61 38.03 22.05
CA GLY C 353 -15.09 39.35 21.62
C GLY C 353 -16.20 40.38 21.47
N LYS C 354 -15.91 41.63 21.82
CA LYS C 354 -16.88 42.76 21.85
C LYS C 354 -16.68 43.66 20.63
N PHE C 355 -15.83 43.28 19.67
CA PHE C 355 -15.67 43.97 18.37
C PHE C 355 -16.92 43.74 17.52
N THR C 356 -16.99 44.44 16.39
CA THR C 356 -18.18 44.52 15.52
C THR C 356 -18.21 43.29 14.62
N ILE C 357 -19.33 42.62 14.47
CA ILE C 357 -19.38 41.44 13.58
C ILE C 357 -20.20 41.82 12.36
N ASP C 358 -19.51 42.26 11.31
CA ASP C 358 -20.11 42.58 9.99
C ASP C 358 -19.40 41.77 8.90
N GLU C 359 -20.07 40.72 8.41
CA GLU C 359 -19.60 39.86 7.30
C GLU C 359 -19.49 40.68 6.02
N ARG C 360 -20.59 41.34 5.60
CA ARG C 360 -20.72 42.01 4.27
C ARG C 360 -19.52 42.92 4.02
N ARG C 361 -18.86 43.36 5.08
CA ARG C 361 -17.65 44.24 5.03
C ARG C 361 -16.53 43.56 4.23
N TRP C 362 -16.44 42.23 4.31
CA TRP C 362 -15.30 41.42 3.80
C TRP C 362 -15.75 40.44 2.72
N ILE C 363 -17.04 40.12 2.68
CA ILE C 363 -17.64 39.03 1.85
C ILE C 363 -18.76 39.63 0.99
N ASP C 364 -18.44 39.93 -0.28
CA ASP C 364 -19.38 40.43 -1.32
C ASP C 364 -19.69 39.30 -2.31
N TRP C 365 -19.72 38.04 -1.87
CA TRP C 365 -19.97 36.84 -2.71
C TRP C 365 -20.86 35.84 -1.97
N ALA C 366 -21.67 35.08 -2.71
CA ALA C 366 -22.68 34.15 -2.15
C ALA C 366 -22.15 32.70 -2.14
N VAL C 367 -22.55 31.91 -1.15
CA VAL C 367 -22.29 30.44 -1.10
C VAL C 367 -23.11 29.78 -2.21
N PRO C 368 -22.47 29.23 -3.27
CA PRO C 368 -23.22 28.59 -4.35
C PRO C 368 -23.71 27.21 -3.88
N SER C 369 -24.84 26.74 -4.40
CA SER C 369 -25.30 25.33 -4.23
C SER C 369 -24.52 24.49 -5.24
N LEU C 370 -23.65 23.61 -4.74
CA LEU C 370 -22.78 22.74 -5.58
C LEU C 370 -23.50 21.41 -5.82
N SER C 371 -23.81 21.09 -7.08
CA SER C 371 -24.56 19.90 -7.54
C SER C 371 -23.58 18.82 -8.01
N GLY C 372 -23.83 17.57 -7.63
CA GLY C 372 -22.83 16.49 -7.50
C GLY C 372 -22.84 15.92 -6.09
N LEU C 373 -23.13 16.78 -5.11
CA LEU C 373 -23.61 16.45 -3.74
C LEU C 373 -25.12 16.77 -3.70
N CYS D 5 2.87 -18.16 12.26
CA CYS D 5 3.12 -19.57 12.69
C CYS D 5 2.29 -20.55 11.84
N PRO D 6 2.84 -21.75 11.55
CA PRO D 6 2.11 -22.74 10.74
C PRO D 6 0.95 -23.35 11.51
N ASN D 7 -0.01 -23.94 10.81
CA ASN D 7 -1.16 -24.71 11.37
C ASN D 7 -0.67 -26.15 11.60
N LEU D 8 -1.43 -27.00 12.29
CA LEU D 8 -1.03 -28.39 12.60
C LEU D 8 -1.04 -29.21 11.32
N PRO D 9 -0.15 -30.23 11.19
CA PRO D 9 -0.31 -31.29 10.20
C PRO D 9 -1.75 -31.81 10.10
N ALA D 10 -2.17 -32.28 8.91
CA ALA D 10 -3.51 -32.87 8.68
C ALA D 10 -3.78 -33.95 9.73
N SER D 11 -2.76 -34.76 10.01
CA SER D 11 -2.79 -35.91 10.95
C SER D 11 -1.49 -35.93 11.77
N ILE D 12 -1.60 -36.33 13.04
CA ILE D 12 -0.46 -36.42 13.99
C ILE D 12 -0.29 -37.89 14.36
N ASN D 13 0.94 -38.40 14.35
CA ASN D 13 1.32 -39.69 14.99
C ASN D 13 2.01 -39.38 16.32
N TYR D 14 1.34 -39.70 17.42
CA TYR D 14 1.95 -39.69 18.77
C TYR D 14 1.91 -41.11 19.32
N ALA D 15 3.10 -41.68 19.50
CA ALA D 15 3.30 -43.00 20.14
C ALA D 15 2.90 -42.89 21.61
N ALA D 16 2.05 -43.82 22.06
CA ALA D 16 1.63 -43.97 23.47
C ALA D 16 2.80 -43.56 24.37
N ASN D 17 2.57 -42.57 25.24
CA ASN D 17 3.56 -42.09 26.23
C ASN D 17 2.88 -42.07 27.60
N PRO D 18 3.36 -42.87 28.58
CA PRO D 18 2.76 -42.89 29.91
C PRO D 18 3.17 -41.70 30.81
N LYS D 19 4.09 -40.84 30.36
CA LYS D 19 4.50 -39.60 31.07
C LYS D 19 3.91 -38.36 30.36
N LEU D 20 4.10 -37.17 30.93
CA LEU D 20 3.54 -35.91 30.39
C LEU D 20 4.39 -35.49 29.20
N PRO D 21 3.79 -35.33 27.99
CA PRO D 21 4.59 -34.99 26.80
C PRO D 21 5.48 -33.78 27.09
N ASP D 22 6.69 -33.77 26.55
CA ASP D 22 7.62 -32.62 26.64
C ASP D 22 6.93 -31.41 26.01
N PRO D 23 6.67 -30.33 26.79
CA PRO D 23 6.07 -29.11 26.23
C PRO D 23 7.02 -28.35 25.28
N PHE D 24 8.32 -28.61 25.36
CA PHE D 24 9.37 -27.97 24.53
C PHE D 24 9.64 -28.77 23.24
N LEU D 25 8.94 -29.86 22.98
CA LEU D 25 9.14 -30.70 21.77
C LEU D 25 8.06 -30.36 20.75
N ALA D 26 8.41 -29.56 19.74
CA ALA D 26 7.50 -29.25 18.60
C ALA D 26 7.11 -30.55 17.87
N LEU D 27 5.94 -30.58 17.25
CA LEU D 27 5.44 -31.71 16.43
C LEU D 27 6.36 -31.90 15.21
N SER D 28 6.92 -30.79 14.69
CA SER D 28 7.99 -30.78 13.66
C SER D 28 9.03 -31.85 14.00
N GLY D 29 9.45 -31.93 15.27
CA GLY D 29 10.49 -32.86 15.75
C GLY D 29 11.57 -32.14 16.53
N THR D 30 11.92 -30.91 16.13
CA THR D 30 12.95 -30.08 16.81
C THR D 30 12.46 -29.65 18.21
N ARG D 31 13.34 -29.75 19.18
CA ARG D 31 13.12 -29.31 20.59
C ARG D 31 13.54 -27.84 20.68
N LEU D 32 12.74 -27.00 21.33
CA LEU D 32 12.97 -25.54 21.44
C LEU D 32 14.30 -25.26 22.17
N SER D 33 15.09 -24.34 21.61
CA SER D 33 16.39 -23.86 22.12
C SER D 33 16.45 -22.32 22.13
N LYS D 34 15.53 -21.64 21.43
CA LYS D 34 15.49 -20.16 21.24
C LYS D 34 14.14 -19.62 21.73
N LYS D 35 14.14 -18.50 22.45
CA LYS D 35 12.89 -17.88 23.01
C LYS D 35 11.91 -17.57 21.88
N ASP D 36 12.40 -17.05 20.74
CA ASP D 36 11.58 -16.59 19.59
C ASP D 36 10.82 -17.78 18.94
N GLN D 37 11.12 -19.03 19.34
CA GLN D 37 10.38 -20.22 18.87
C GLN D 37 9.13 -20.45 19.71
N TRP D 38 9.07 -19.92 20.96
CA TRP D 38 7.99 -20.27 21.93
C TRP D 38 6.62 -19.86 21.39
N PRO D 39 6.46 -18.63 20.83
CA PRO D 39 5.17 -18.19 20.29
C PRO D 39 4.50 -19.21 19.35
N CYS D 40 5.29 -19.88 18.51
CA CYS D 40 4.80 -20.83 17.48
C CYS D 40 4.45 -22.17 18.11
N ARG D 41 5.15 -22.55 19.17
CA ARG D 41 4.82 -23.74 20.00
C ARG D 41 3.53 -23.42 20.78
N LYS D 42 3.44 -22.22 21.36
CA LYS D 42 2.22 -21.76 22.09
C LYS D 42 0.99 -21.90 21.17
N GLU D 43 1.05 -21.52 19.89
CA GLU D 43 -0.10 -21.67 18.95
C GLU D 43 -0.36 -23.16 18.67
N GLU D 44 0.69 -23.92 18.40
CA GLU D 44 0.61 -25.39 18.24
C GLU D 44 -0.26 -25.95 19.38
N ILE D 45 0.12 -25.65 20.62
CA ILE D 45 -0.56 -26.13 21.86
C ILE D 45 -2.02 -25.69 21.81
N ARG D 46 -2.27 -24.40 21.58
CA ARG D 46 -3.64 -23.82 21.46
C ARG D 46 -4.43 -24.62 20.42
N GLN D 47 -3.82 -24.91 19.28
CA GLN D 47 -4.48 -25.63 18.17
C GLN D 47 -4.71 -27.09 18.56
N LEU D 48 -3.79 -27.69 19.31
CA LEU D 48 -3.91 -29.10 19.79
C LEU D 48 -5.16 -29.21 20.67
N PHE D 49 -5.24 -28.35 21.69
CA PHE D 49 -6.37 -28.31 22.65
C PHE D 49 -7.69 -28.22 21.90
N GLN D 50 -7.77 -27.34 20.90
CA GLN D 50 -9.02 -27.08 20.13
C GLN D 50 -9.37 -28.31 19.29
N ARG D 51 -8.39 -28.97 18.67
CA ARG D 51 -8.66 -30.14 17.81
C ARG D 51 -9.16 -31.30 18.66
N TYR D 52 -8.43 -31.64 19.73
CA TYR D 52 -8.59 -32.90 20.48
C TYR D 52 -9.67 -32.79 21.57
N SER D 53 -9.85 -31.63 22.24
CA SER D 53 -10.63 -31.54 23.50
C SER D 53 -11.68 -30.43 23.47
N TYR D 54 -11.31 -29.20 23.12
CA TYR D 54 -12.13 -27.99 23.42
C TYR D 54 -13.12 -27.68 22.27
N GLY D 55 -12.72 -27.82 21.01
CA GLY D 55 -13.44 -27.24 19.87
C GLY D 55 -12.78 -25.92 19.45
N THR D 56 -13.19 -25.34 18.32
CA THR D 56 -12.58 -24.09 17.77
C THR D 56 -12.92 -22.89 18.65
N PHE D 57 -11.90 -22.15 19.11
CA PHE D 57 -11.98 -20.83 19.77
C PHE D 57 -12.00 -19.76 18.68
N PRO D 58 -13.16 -19.18 18.30
CA PRO D 58 -13.24 -18.33 17.13
C PRO D 58 -12.50 -17.02 17.39
N PRO D 59 -12.10 -16.29 16.32
CA PRO D 59 -11.55 -14.95 16.44
C PRO D 59 -12.66 -13.91 16.70
N ARG D 60 -12.29 -12.68 17.04
CA ARG D 60 -13.28 -11.61 17.31
C ARG D 60 -14.10 -11.38 16.05
N PRO D 61 -15.45 -11.34 16.15
CA PRO D 61 -16.34 -11.19 14.99
C PRO D 61 -16.20 -9.81 14.33
N GLU D 62 -16.81 -9.62 13.15
CA GLU D 62 -16.57 -8.41 12.32
C GLU D 62 -16.96 -7.17 13.14
N SER D 63 -18.09 -7.21 13.85
CA SER D 63 -18.53 -6.11 14.76
C SER D 63 -18.58 -6.60 16.21
N VAL D 64 -18.01 -5.80 17.12
CA VAL D 64 -18.31 -5.83 18.58
C VAL D 64 -18.67 -4.41 19.00
N THR D 65 -19.84 -4.22 19.62
CA THR D 65 -20.32 -2.93 20.20
C THR D 65 -20.85 -3.18 21.61
N ALA D 66 -20.71 -2.18 22.48
CA ALA D 66 -21.05 -2.25 23.92
C ALA D 66 -21.82 -0.99 24.31
N ALA D 67 -22.52 -1.03 25.46
CA ALA D 67 -23.44 0.03 25.93
C ALA D 67 -23.78 -0.21 27.39
N MET D 68 -23.30 0.66 28.28
CA MET D 68 -23.75 0.72 29.70
C MET D 68 -25.24 1.09 29.74
N SER D 69 -26.03 0.43 30.58
CA SER D 69 -27.51 0.60 30.73
C SER D 69 -27.89 0.27 32.18
N GLY D 70 -27.80 1.26 33.06
CA GLY D 70 -27.75 1.03 34.52
C GLY D 70 -26.43 0.38 34.88
N ASN D 71 -26.46 -0.74 35.61
CA ASN D 71 -25.25 -1.52 35.98
C ASN D 71 -24.89 -2.52 34.87
N ALA D 72 -25.84 -2.82 33.98
CA ALA D 72 -25.65 -3.78 32.86
C ALA D 72 -24.70 -3.18 31.81
N LEU D 73 -23.66 -3.92 31.44
CA LEU D 73 -22.86 -3.70 30.19
C LEU D 73 -23.39 -4.66 29.12
N LYS D 74 -24.18 -4.15 28.17
CA LYS D 74 -24.84 -4.97 27.12
C LYS D 74 -23.95 -5.02 25.88
N ILE D 75 -23.42 -6.20 25.56
CA ILE D 75 -22.43 -6.43 24.46
C ILE D 75 -23.16 -7.07 23.29
N THR D 76 -23.21 -6.37 22.16
CA THR D 76 -23.77 -6.85 20.87
C THR D 76 -22.61 -7.20 19.94
N VAL D 77 -22.72 -8.31 19.21
CA VAL D 77 -21.75 -8.70 18.15
C VAL D 77 -22.56 -9.06 16.90
N SER D 78 -21.94 -9.00 15.73
CA SER D 78 -22.56 -9.44 14.45
C SER D 78 -21.49 -9.86 13.45
N GLU D 79 -21.92 -10.62 12.43
CA GLU D 79 -21.11 -11.00 11.24
C GLU D 79 -22.09 -11.27 10.10
N GLY D 80 -22.05 -10.47 9.02
CA GLY D 80 -23.16 -10.40 8.06
C GLY D 80 -24.44 -10.08 8.80
N SER D 81 -25.56 -10.72 8.44
CA SER D 81 -26.93 -10.40 8.95
C SER D 81 -27.13 -10.98 10.36
N LYS D 82 -26.23 -11.88 10.80
CA LYS D 82 -26.36 -12.57 12.11
C LYS D 82 -25.82 -11.67 13.23
N SER D 83 -26.53 -11.68 14.37
CA SER D 83 -26.33 -10.74 15.51
C SER D 83 -26.77 -11.46 16.80
N MET D 84 -26.07 -11.21 17.90
CA MET D 84 -26.39 -11.75 19.26
C MET D 84 -26.02 -10.69 20.30
N SER D 85 -26.77 -10.61 21.40
CA SER D 85 -26.47 -9.71 22.53
C SER D 85 -26.39 -10.54 23.81
N PHE D 86 -25.43 -10.22 24.68
CA PHE D 86 -25.31 -10.82 26.04
C PHE D 86 -24.87 -9.70 26.98
N SER D 87 -25.38 -9.75 28.20
CA SER D 87 -25.27 -8.66 29.21
C SER D 87 -24.46 -9.20 30.40
N VAL D 88 -23.55 -8.40 30.94
CA VAL D 88 -22.80 -8.75 32.18
C VAL D 88 -23.07 -7.64 33.21
N ASN D 89 -23.32 -8.02 34.45
CA ASN D 89 -23.50 -7.08 35.58
C ASN D 89 -22.12 -6.63 36.04
N ILE D 90 -21.90 -5.32 36.18
CA ILE D 90 -20.67 -4.76 36.81
C ILE D 90 -21.11 -4.12 38.13
N LYS D 91 -20.53 -4.59 39.23
CA LYS D 91 -20.66 -3.97 40.57
C LYS D 91 -19.34 -3.28 40.88
N LEU D 92 -19.28 -1.96 40.70
CA LEU D 92 -18.06 -1.15 40.93
C LEU D 92 -17.65 -1.32 42.39
N PRO D 93 -16.35 -1.18 42.74
CA PRO D 93 -15.91 -1.32 44.14
C PRO D 93 -16.17 -0.01 44.90
N SER D 94 -15.71 0.11 46.14
CA SER D 94 -15.96 1.29 47.02
C SER D 94 -14.65 1.86 47.55
N SER D 95 -13.56 1.70 46.80
CA SER D 95 -12.19 2.14 47.21
C SER D 95 -11.28 2.20 45.98
N GLY D 96 -10.42 3.22 45.93
CA GLY D 96 -9.57 3.56 44.76
C GLY D 96 -10.35 4.39 43.75
N ALA D 97 -9.72 4.72 42.62
CA ALA D 97 -10.28 5.60 41.57
C ALA D 97 -10.35 4.86 40.23
N ALA D 98 -11.39 5.15 39.44
CA ALA D 98 -11.53 4.71 38.04
C ALA D 98 -10.28 5.07 37.23
N PRO D 99 -9.98 4.38 36.12
CA PRO D 99 -10.66 3.14 35.77
C PRO D 99 -10.21 2.04 36.75
N TYR D 100 -11.12 1.15 37.13
CA TYR D 100 -11.00 0.17 38.25
C TYR D 100 -10.45 -1.16 37.75
N PRO D 101 -9.67 -1.89 38.59
CA PRO D 101 -9.36 -3.29 38.32
C PRO D 101 -10.60 -4.14 38.62
N ALA D 102 -10.82 -5.19 37.84
CA ALA D 102 -12.03 -6.06 37.90
C ALA D 102 -11.63 -7.53 37.97
N ILE D 103 -12.60 -8.36 38.36
CA ILE D 103 -12.56 -9.85 38.25
C ILE D 103 -13.88 -10.29 37.60
N ILE D 104 -13.79 -10.96 36.44
CA ILE D 104 -14.94 -11.66 35.80
C ILE D 104 -15.14 -12.96 36.57
N ALA D 105 -16.33 -13.15 37.14
CA ALA D 105 -16.71 -14.38 37.86
C ALA D 105 -17.58 -15.24 36.93
N TYR D 106 -17.17 -16.50 36.69
CA TYR D 106 -18.01 -17.49 35.99
C TYR D 106 -19.16 -17.85 36.95
N GLY D 107 -20.35 -17.31 36.69
CA GLY D 107 -21.56 -17.46 37.53
C GLY D 107 -21.48 -16.65 38.81
N SER D 108 -20.48 -16.91 39.65
CA SER D 108 -20.23 -16.22 40.94
C SER D 108 -18.81 -16.54 41.43
N ALA D 109 -18.22 -15.66 42.22
CA ALA D 109 -16.93 -15.92 42.89
C ALA D 109 -17.23 -16.76 44.14
N SER D 110 -16.28 -17.61 44.54
CA SER D 110 -16.21 -18.22 45.89
C SER D 110 -14.87 -17.85 46.55
N LEU D 111 -14.15 -16.90 45.96
CA LEU D 111 -13.00 -16.22 46.59
C LEU D 111 -13.50 -14.91 47.20
N PRO D 112 -12.87 -14.43 48.29
CA PRO D 112 -13.05 -13.06 48.72
C PRO D 112 -12.40 -12.07 47.75
N ILE D 113 -13.24 -11.34 46.99
CA ILE D 113 -12.85 -10.20 46.12
C ILE D 113 -12.78 -8.94 46.98
N PRO D 114 -11.60 -8.27 47.10
CA PRO D 114 -11.51 -7.07 47.94
C PRO D 114 -12.47 -5.95 47.48
N ASN D 115 -12.61 -4.91 48.30
CA ASN D 115 -13.48 -3.72 48.01
C ASN D 115 -12.74 -2.75 47.07
N THR D 116 -11.51 -3.09 46.63
CA THR D 116 -10.67 -2.30 45.69
C THR D 116 -10.86 -2.80 44.25
N VAL D 117 -11.55 -3.93 44.07
CA VAL D 117 -11.66 -4.64 42.77
C VAL D 117 -13.14 -4.84 42.42
N ALA D 118 -13.54 -4.49 41.19
CA ALA D 118 -14.92 -4.62 40.69
C ALA D 118 -15.24 -6.10 40.50
N THR D 119 -16.54 -6.44 40.53
CA THR D 119 -17.07 -7.81 40.32
C THR D 119 -17.92 -7.80 39.05
N ILE D 120 -17.36 -8.27 37.93
CA ILE D 120 -18.14 -8.50 36.70
C ILE D 120 -18.72 -9.91 36.81
N THR D 121 -20.04 -10.02 36.80
CA THR D 121 -20.80 -11.30 36.93
C THR D 121 -21.17 -11.79 35.53
N TYR D 122 -20.45 -12.80 35.04
CA TYR D 122 -20.57 -13.37 33.68
C TYR D 122 -21.51 -14.57 33.76
N GLN D 123 -22.54 -14.59 32.92
CA GLN D 123 -23.50 -15.71 32.79
C GLN D 123 -22.92 -16.66 31.74
N ASN D 124 -21.96 -17.49 32.18
CA ASN D 124 -21.14 -18.37 31.29
C ASN D 124 -21.98 -19.55 30.79
N PHE D 125 -22.91 -20.07 31.59
CA PHE D 125 -23.82 -21.19 31.19
C PHE D 125 -24.92 -20.62 30.28
N GLU D 126 -25.21 -19.32 30.41
CA GLU D 126 -26.13 -18.58 29.53
C GLU D 126 -25.48 -18.45 28.14
N MET D 127 -24.17 -18.22 28.10
CA MET D 127 -23.36 -18.08 26.86
C MET D 127 -23.32 -19.42 26.13
N ALA D 128 -22.92 -20.48 26.84
CA ALA D 128 -22.89 -21.88 26.37
C ALA D 128 -23.17 -22.82 27.56
N ALA D 129 -24.20 -23.67 27.44
CA ALA D 129 -24.85 -24.37 28.57
C ALA D 129 -23.93 -25.43 29.18
N ASP D 130 -24.18 -25.70 30.47
CA ASP D 130 -23.53 -26.73 31.32
C ASP D 130 -23.71 -28.11 30.67
N ASN D 131 -24.95 -28.58 30.53
CA ASN D 131 -25.29 -29.91 29.94
C ASN D 131 -26.36 -29.74 28.85
N GLY D 132 -25.98 -29.12 27.75
CA GLY D 132 -26.78 -28.99 26.52
C GLY D 132 -25.88 -28.76 25.33
N ARG D 133 -25.70 -29.79 24.49
CA ARG D 133 -24.91 -29.69 23.25
C ARG D 133 -25.54 -28.60 22.39
N GLY D 134 -24.75 -27.57 22.04
CA GLY D 134 -25.15 -26.51 21.09
C GLY D 134 -26.21 -25.55 21.63
N LYS D 135 -26.28 -25.36 22.94
CA LYS D 135 -27.26 -24.46 23.62
C LYS D 135 -26.51 -23.28 24.23
N GLY D 136 -26.98 -22.07 23.96
CA GLY D 136 -26.40 -20.83 24.52
C GLY D 136 -26.31 -19.73 23.46
N LYS D 137 -26.03 -18.51 23.91
CA LYS D 137 -25.88 -17.31 23.04
C LYS D 137 -24.85 -17.61 21.95
N PHE D 138 -23.68 -18.11 22.35
CA PHE D 138 -22.57 -18.48 21.44
C PHE D 138 -23.11 -19.24 20.22
N TYR D 139 -23.98 -20.22 20.45
CA TYR D 139 -24.47 -21.16 19.42
C TYR D 139 -25.63 -20.53 18.64
N GLU D 140 -26.44 -19.66 19.28
CA GLU D 140 -27.46 -18.82 18.57
C GLU D 140 -26.73 -17.98 17.51
N PHE D 141 -25.54 -17.49 17.84
CA PHE D 141 -24.72 -16.60 16.96
C PHE D 141 -23.99 -17.43 15.89
N TYR D 142 -23.23 -18.45 16.30
CA TYR D 142 -22.26 -19.19 15.44
C TYR D 142 -22.89 -20.44 14.81
N GLY D 143 -24.00 -20.93 15.36
CA GLY D 143 -24.67 -22.18 14.93
C GLY D 143 -24.60 -23.27 16.00
N SER D 144 -25.67 -24.05 16.15
CA SER D 144 -25.75 -25.19 17.12
C SER D 144 -24.76 -26.29 16.73
N ASN D 145 -24.46 -26.43 15.45
CA ASN D 145 -23.55 -27.47 14.91
C ASN D 145 -22.08 -27.04 15.03
N HIS D 146 -21.81 -25.82 15.53
CA HIS D 146 -20.42 -25.35 15.77
C HIS D 146 -19.76 -26.27 16.80
N ASN D 147 -18.53 -26.71 16.51
CA ASN D 147 -17.86 -27.84 17.22
C ASN D 147 -17.30 -27.36 18.56
N ALA D 148 -17.35 -26.07 18.88
CA ALA D 148 -16.86 -25.52 20.16
C ALA D 148 -17.65 -26.18 21.31
N GLY D 149 -16.94 -26.52 22.38
CA GLY D 149 -17.55 -26.97 23.65
C GLY D 149 -17.92 -25.77 24.49
N GLY D 150 -18.80 -25.97 25.48
CA GLY D 150 -19.29 -24.91 26.37
C GLY D 150 -18.20 -24.22 27.18
N MET D 151 -16.99 -24.81 27.25
CA MET D 151 -15.86 -24.24 28.04
C MET D 151 -15.14 -23.19 27.18
N ILE D 152 -14.87 -23.53 25.92
CA ILE D 152 -14.12 -22.65 24.98
C ILE D 152 -15.05 -21.56 24.42
N ALA D 153 -16.36 -21.84 24.34
CA ALA D 153 -17.38 -20.85 23.91
C ALA D 153 -17.57 -19.80 25.00
N ALA D 154 -17.53 -20.21 26.28
CA ALA D 154 -17.57 -19.28 27.43
C ALA D 154 -16.33 -18.39 27.39
N ALA D 155 -15.16 -18.96 27.10
CA ALA D 155 -13.86 -18.25 27.05
C ALA D 155 -13.89 -17.20 25.93
N TRP D 156 -14.57 -17.48 24.82
CA TRP D 156 -14.77 -16.54 23.68
C TRP D 156 -15.57 -15.34 24.17
N GLY D 157 -16.58 -15.57 25.02
CA GLY D 157 -17.37 -14.52 25.66
C GLY D 157 -16.51 -13.62 26.52
N VAL D 158 -15.44 -14.15 27.12
CA VAL D 158 -14.54 -13.36 28.00
C VAL D 158 -13.67 -12.47 27.10
N ASP D 159 -13.29 -12.96 25.90
CA ASP D 159 -12.54 -12.16 24.89
C ASP D 159 -13.45 -10.97 24.51
N ARG D 160 -14.74 -11.22 24.26
CA ARG D 160 -15.73 -10.19 23.88
C ARG D 160 -15.99 -9.25 25.06
N ILE D 161 -16.03 -9.77 26.29
CA ILE D 161 -16.24 -8.90 27.50
C ILE D 161 -15.14 -7.84 27.49
N ILE D 162 -13.90 -8.22 27.21
CA ILE D 162 -12.74 -7.30 27.33
C ILE D 162 -12.74 -6.36 26.12
N ASP D 163 -13.04 -6.84 24.91
CA ASP D 163 -13.25 -5.96 23.72
C ASP D 163 -14.17 -4.81 24.13
N ALA D 164 -15.27 -5.12 24.80
CA ALA D 164 -16.37 -4.18 25.18
C ALA D 164 -15.92 -3.22 26.30
N LEU D 165 -15.00 -3.64 27.18
CA LEU D 165 -14.43 -2.77 28.24
C LEU D 165 -13.41 -1.79 27.63
N GLU D 166 -12.76 -2.14 26.52
CA GLU D 166 -11.80 -1.27 25.78
C GLU D 166 -12.58 -0.17 25.04
N MET D 167 -13.84 -0.45 24.67
CA MET D 167 -14.70 0.44 23.84
C MET D 167 -15.50 1.39 24.71
N THR D 168 -15.71 1.03 25.98
CA THR D 168 -16.71 1.65 26.87
C THR D 168 -16.03 2.03 28.19
N PRO D 169 -15.27 3.15 28.21
CA PRO D 169 -14.66 3.61 29.46
C PRO D 169 -15.77 3.94 30.47
N ALA D 170 -16.96 4.27 29.96
CA ALA D 170 -18.23 4.45 30.71
C ALA D 170 -18.40 3.38 31.81
N ALA D 171 -17.99 2.13 31.54
CA ALA D 171 -18.07 1.00 32.50
C ALA D 171 -17.18 1.25 33.73
N LYS D 172 -16.09 1.99 33.53
CA LYS D 172 -15.14 2.49 34.59
C LYS D 172 -14.13 1.41 34.94
N ILE D 173 -13.81 0.52 34.00
CA ILE D 173 -12.95 -0.68 34.22
C ILE D 173 -11.70 -0.59 33.35
N ASP D 174 -10.52 -0.68 33.96
CA ASP D 174 -9.22 -0.75 33.24
C ASP D 174 -9.17 -2.09 32.51
N PRO D 175 -9.27 -2.10 31.16
CA PRO D 175 -9.23 -3.34 30.39
C PRO D 175 -7.96 -4.19 30.58
N LYS D 176 -6.85 -3.57 30.96
CA LYS D 176 -5.53 -4.25 31.07
C LYS D 176 -5.42 -4.99 32.41
N ARG D 177 -6.42 -4.85 33.29
CA ARG D 177 -6.39 -5.36 34.70
C ARG D 177 -7.73 -6.04 35.02
N VAL D 178 -8.18 -6.92 34.13
CA VAL D 178 -9.41 -7.73 34.30
C VAL D 178 -8.98 -9.16 34.64
N GLY D 179 -9.28 -9.60 35.87
CA GLY D 179 -9.06 -10.99 36.32
C GLY D 179 -10.23 -11.87 35.96
N VAL D 180 -10.13 -13.16 36.30
CA VAL D 180 -11.19 -14.18 36.10
C VAL D 180 -11.04 -15.26 37.18
N THR D 181 -12.17 -15.78 37.66
CA THR D 181 -12.27 -16.81 38.73
C THR D 181 -13.59 -17.57 38.63
N GLY D 182 -13.59 -18.75 39.22
CA GLY D 182 -14.75 -19.65 39.36
C GLY D 182 -14.36 -20.87 40.18
N CYS D 183 -15.36 -21.58 40.68
CA CYS D 183 -15.15 -22.79 41.52
C CYS D 183 -15.79 -23.99 40.84
N SER D 184 -15.21 -25.18 41.06
CA SER D 184 -15.70 -26.46 40.50
C SER D 184 -15.74 -26.33 38.97
N ARG D 185 -16.89 -26.57 38.33
CA ARG D 185 -17.10 -26.46 36.86
C ARG D 185 -16.45 -25.17 36.36
N ASN D 186 -16.52 -24.11 37.17
CA ASN D 186 -16.11 -22.73 36.80
C ASN D 186 -14.64 -22.50 37.19
N GLY D 187 -14.07 -23.38 38.01
CA GLY D 187 -12.61 -23.54 38.11
C GLY D 187 -12.06 -23.90 36.75
N LYS D 188 -12.72 -24.87 36.09
CA LYS D 188 -12.35 -25.36 34.73
C LYS D 188 -12.48 -24.20 33.75
N GLY D 189 -13.69 -23.64 33.62
CA GLY D 189 -14.01 -22.54 32.70
C GLY D 189 -13.01 -21.40 32.83
N SER D 190 -12.84 -20.90 34.06
CA SER D 190 -11.93 -19.77 34.41
C SER D 190 -10.50 -20.13 34.00
N MET D 191 -10.06 -21.35 34.28
CA MET D 191 -8.69 -21.82 33.89
C MET D 191 -8.53 -21.69 32.37
N ILE D 192 -9.56 -22.07 31.62
CA ILE D 192 -9.51 -22.14 30.12
C ILE D 192 -9.62 -20.71 29.57
N ALA D 193 -10.51 -19.90 30.13
CA ALA D 193 -10.68 -18.47 29.80
C ALA D 193 -9.32 -17.80 29.85
N GLY D 194 -8.59 -17.99 30.95
CA GLY D 194 -7.29 -17.33 31.18
C GLY D 194 -6.23 -17.86 30.24
N ALA D 195 -6.34 -19.12 29.84
CA ALA D 195 -5.37 -19.79 28.94
C ALA D 195 -5.51 -19.25 27.52
N PHE D 196 -6.72 -18.91 27.07
CA PHE D 196 -6.99 -18.55 25.65
C PHE D 196 -7.16 -17.04 25.44
N VAL D 197 -7.57 -16.30 26.46
CA VAL D 197 -7.69 -14.82 26.43
C VAL D 197 -6.41 -14.21 27.03
N ASP D 198 -5.52 -13.73 26.17
CA ASP D 198 -4.14 -13.31 26.51
C ASP D 198 -4.18 -12.00 27.30
N ARG D 199 -5.28 -11.24 27.19
CA ARG D 199 -5.41 -9.90 27.82
C ARG D 199 -5.85 -10.02 29.29
N ILE D 200 -6.30 -11.20 29.73
CA ILE D 200 -6.64 -11.44 31.17
C ILE D 200 -5.36 -11.26 31.99
N ALA D 201 -5.45 -10.49 33.07
CA ALA D 201 -4.31 -10.06 33.92
C ALA D 201 -3.96 -11.19 34.90
N LEU D 202 -5.00 -11.87 35.39
CA LEU D 202 -4.91 -12.86 36.49
C LEU D 202 -6.10 -13.82 36.45
N ALA D 203 -5.82 -15.13 36.41
CA ALA D 203 -6.83 -16.20 36.55
C ALA D 203 -6.72 -16.76 37.96
N LEU D 204 -7.88 -17.00 38.59
CA LEU D 204 -7.99 -17.70 39.90
C LEU D 204 -8.95 -18.86 39.73
N PRO D 205 -8.50 -20.03 39.19
CA PRO D 205 -9.32 -21.23 39.17
C PRO D 205 -9.27 -21.84 40.58
N GLN D 206 -10.45 -22.18 41.12
CA GLN D 206 -10.64 -22.76 42.47
C GLN D 206 -11.31 -24.13 42.33
N GLU D 207 -10.67 -25.18 42.82
CA GLU D 207 -11.21 -26.57 42.89
C GLU D 207 -11.80 -26.97 41.52
N GLY D 208 -11.10 -26.61 40.44
CA GLY D 208 -11.43 -27.01 39.07
C GLY D 208 -11.02 -28.44 38.80
N GLY D 209 -9.99 -28.91 39.51
CA GLY D 209 -9.50 -30.30 39.46
C GLY D 209 -9.08 -30.68 38.06
N GLN D 210 -9.37 -31.93 37.68
CA GLN D 210 -9.00 -32.51 36.36
C GLN D 210 -9.62 -31.67 35.25
N SER D 211 -8.95 -31.61 34.10
CA SER D 211 -9.24 -30.74 32.91
C SER D 211 -8.62 -29.35 33.11
N ALA D 212 -8.51 -28.90 34.36
CA ALA D 212 -8.06 -27.56 34.78
C ALA D 212 -6.65 -27.66 35.34
N ALA D 213 -6.50 -27.95 36.64
CA ALA D 213 -5.21 -28.02 37.38
C ALA D 213 -4.53 -29.37 37.12
N GLY D 214 -5.33 -30.43 36.96
CA GLY D 214 -4.85 -31.81 36.85
C GLY D 214 -4.66 -32.26 35.40
N CYS D 215 -3.79 -33.25 35.23
CA CYS D 215 -3.40 -33.87 33.93
C CYS D 215 -4.22 -35.14 33.73
N TRP D 216 -4.57 -35.47 32.49
CA TRP D 216 -5.40 -36.65 32.13
C TRP D 216 -4.67 -37.97 32.48
N ARG D 217 -3.36 -38.02 32.26
CA ARG D 217 -2.55 -39.26 32.46
C ARG D 217 -2.57 -39.67 33.94
N ILE D 218 -2.48 -38.67 34.83
CA ILE D 218 -2.36 -38.89 36.30
C ILE D 218 -3.76 -39.24 36.84
N ALA D 219 -4.80 -38.64 36.31
CA ALA D 219 -6.20 -39.02 36.60
C ALA D 219 -6.39 -40.50 36.24
N ASP D 220 -5.87 -40.91 35.09
CA ASP D 220 -5.99 -42.31 34.59
C ASP D 220 -5.31 -43.25 35.60
N GLU D 221 -4.14 -42.85 36.13
CA GLU D 221 -3.37 -43.66 37.11
C GLU D 221 -4.03 -43.62 38.49
N ILE D 222 -4.65 -42.50 38.88
CA ILE D 222 -5.40 -42.41 40.16
C ILE D 222 -6.55 -43.42 40.11
N GLN D 223 -7.30 -43.43 39.00
CA GLN D 223 -8.41 -44.39 38.75
C GLN D 223 -7.85 -45.81 38.87
N LYS D 224 -6.74 -46.11 38.19
CA LYS D 224 -6.12 -47.46 38.06
C LYS D 224 -5.75 -47.99 39.45
N ASN D 225 -5.47 -47.09 40.40
CA ASN D 225 -5.03 -47.38 41.78
C ASN D 225 -6.21 -47.58 42.74
N GLY D 226 -7.45 -47.42 42.27
CA GLY D 226 -8.66 -47.77 43.03
C GLY D 226 -9.51 -46.58 43.49
N THR D 227 -8.98 -45.36 43.51
CA THR D 227 -9.72 -44.16 44.01
C THR D 227 -10.51 -43.51 42.85
N LYS D 228 -11.79 -43.27 43.12
CA LYS D 228 -12.77 -42.68 42.17
C LYS D 228 -12.38 -41.22 41.92
N VAL D 229 -12.15 -40.84 40.65
CA VAL D 229 -11.64 -39.50 40.27
C VAL D 229 -12.26 -39.11 38.92
N GLU D 230 -12.22 -37.81 38.59
CA GLU D 230 -12.74 -37.25 37.32
C GLU D 230 -11.74 -37.55 36.20
N THR D 231 -11.83 -38.72 35.58
CA THR D 231 -10.99 -39.11 34.41
C THR D 231 -11.62 -38.59 33.12
N ALA D 232 -10.87 -38.62 32.03
CA ALA D 232 -11.34 -38.25 30.67
C ALA D 232 -12.58 -39.09 30.34
N HIS D 233 -12.53 -40.40 30.63
CA HIS D 233 -13.63 -41.35 30.37
C HIS D 233 -14.91 -40.85 31.04
N GLN D 234 -14.79 -40.33 32.27
CA GLN D 234 -15.93 -39.88 33.13
C GLN D 234 -16.47 -38.54 32.64
N ILE D 235 -15.58 -37.59 32.33
CA ILE D 235 -15.92 -36.14 32.24
C ILE D 235 -16.79 -35.86 31.02
N VAL D 236 -16.77 -36.70 30.00
CA VAL D 236 -17.54 -36.43 28.75
C VAL D 236 -18.99 -36.92 28.89
N ASN D 237 -19.51 -37.08 30.12
CA ASN D 237 -20.82 -37.75 30.33
C ASN D 237 -21.88 -36.78 30.86
N GLY D 238 -21.64 -36.08 31.97
CA GLY D 238 -22.69 -35.25 32.61
C GLY D 238 -22.86 -33.85 32.01
N ASP D 239 -22.25 -33.57 30.85
CA ASP D 239 -22.02 -32.16 30.42
C ASP D 239 -21.78 -32.05 28.91
N SER D 240 -21.70 -30.81 28.42
CA SER D 240 -21.27 -30.43 27.05
C SER D 240 -20.08 -29.48 27.16
N TRP D 241 -19.23 -29.67 28.16
CA TRP D 241 -18.04 -28.82 28.46
C TRP D 241 -17.00 -28.90 27.32
N PHE D 242 -16.80 -30.09 26.78
CA PHE D 242 -15.80 -30.38 25.72
C PHE D 242 -16.52 -30.66 24.41
N SER D 243 -15.78 -30.53 23.30
CA SER D 243 -16.27 -30.82 21.94
C SER D 243 -16.72 -32.29 21.87
N THR D 244 -17.64 -32.62 20.97
CA THR D 244 -18.11 -34.03 20.76
C THR D 244 -16.91 -34.87 20.31
N ASP D 245 -15.90 -34.24 19.73
CA ASP D 245 -14.65 -34.93 19.28
C ASP D 245 -13.90 -35.50 20.49
N PHE D 246 -13.93 -34.85 21.66
CA PHE D 246 -13.07 -35.22 22.82
C PHE D 246 -13.31 -36.67 23.19
N SER D 247 -14.54 -37.18 23.01
CA SER D 247 -14.94 -38.51 23.54
C SER D 247 -14.39 -39.65 22.67
N LYS D 248 -13.77 -39.38 21.52
CA LYS D 248 -13.07 -40.47 20.79
C LYS D 248 -11.70 -40.71 21.42
N TYR D 249 -11.12 -39.74 22.12
CA TYR D 249 -9.72 -39.81 22.63
C TYR D 249 -9.67 -40.20 24.12
N VAL D 250 -10.78 -40.12 24.86
CA VAL D 250 -10.77 -40.22 26.37
C VAL D 250 -10.15 -41.55 26.78
N ASP D 251 -10.28 -42.56 25.94
CA ASP D 251 -9.89 -43.97 26.25
C ASP D 251 -8.46 -44.23 25.76
N THR D 252 -7.79 -43.25 25.14
CA THR D 252 -6.44 -43.42 24.55
C THR D 252 -5.53 -42.24 24.95
N VAL D 253 -5.70 -41.77 26.18
CA VAL D 253 -4.97 -40.58 26.75
C VAL D 253 -3.48 -40.66 26.40
N PRO D 254 -2.78 -41.81 26.59
CA PRO D 254 -1.35 -41.85 26.32
C PRO D 254 -0.97 -41.42 24.90
N THR D 255 -1.88 -41.52 23.92
CA THR D 255 -1.58 -41.19 22.50
C THR D 255 -1.87 -39.71 22.20
N LEU D 256 -2.29 -38.93 23.19
CA LEU D 256 -2.57 -37.47 23.02
C LEU D 256 -1.25 -36.72 23.05
N PRO D 257 -0.93 -35.92 21.99
CA PRO D 257 0.34 -35.20 21.91
C PRO D 257 0.34 -33.94 22.79
N TRP D 258 -0.27 -34.05 23.98
CA TRP D 258 -0.50 -32.94 24.94
C TRP D 258 -1.03 -33.49 26.27
N ASP D 259 -0.94 -32.67 27.31
CA ASP D 259 -1.71 -32.84 28.57
C ASP D 259 -1.90 -31.45 29.17
N ASN D 260 -2.69 -31.36 30.25
CA ASN D 260 -3.20 -30.07 30.81
C ASN D 260 -2.05 -29.24 31.40
N HIS D 261 -0.86 -29.81 31.59
CA HIS D 261 0.35 -29.03 32.00
C HIS D 261 0.66 -28.00 30.92
N MET D 262 0.31 -28.31 29.67
CA MET D 262 0.54 -27.40 28.51
C MET D 262 -0.56 -26.31 28.44
N LEU D 263 -1.72 -26.53 29.08
CA LEU D 263 -2.73 -25.46 29.26
C LEU D 263 -2.16 -24.36 30.16
N HIS D 264 -1.48 -24.74 31.25
CA HIS D 264 -0.81 -23.79 32.17
C HIS D 264 0.28 -23.02 31.41
N ALA D 265 0.97 -23.68 30.47
CA ALA D 265 2.09 -23.11 29.70
C ALA D 265 1.61 -21.92 28.86
N LEU D 266 0.33 -21.87 28.50
CA LEU D 266 -0.25 -20.75 27.70
C LEU D 266 -0.16 -19.43 28.50
N TYR D 267 -0.04 -19.49 29.83
CA TYR D 267 0.01 -18.32 30.73
C TYR D 267 1.43 -17.70 30.82
N ALA D 268 2.46 -18.34 30.24
CA ALA D 268 3.88 -17.95 30.38
C ALA D 268 4.25 -16.89 29.33
N TYR D 269 3.41 -16.69 28.32
CA TYR D 269 3.61 -15.72 27.21
C TYR D 269 2.27 -15.41 26.53
N PRO D 270 1.78 -14.14 26.52
CA PRO D 270 2.41 -13.05 27.25
C PRO D 270 2.22 -13.33 28.74
N PRO D 271 3.25 -13.09 29.58
CA PRO D 271 3.20 -13.48 30.98
C PRO D 271 2.00 -12.84 31.70
N ARG D 272 1.20 -13.67 32.39
CA ARG D 272 0.03 -13.22 33.19
C ARG D 272 -0.12 -14.12 34.42
N GLY D 273 -0.71 -13.57 35.49
CA GLY D 273 -0.91 -14.24 36.78
C GLY D 273 -1.83 -15.46 36.68
N LEU D 274 -1.42 -16.57 37.27
CA LEU D 274 -2.24 -17.80 37.44
C LEU D 274 -2.01 -18.33 38.84
N LEU D 275 -2.97 -18.13 39.73
CA LEU D 275 -2.96 -18.83 41.04
C LEU D 275 -4.02 -19.93 40.95
N ILE D 276 -3.57 -21.18 41.07
CA ILE D 276 -4.45 -22.36 41.21
C ILE D 276 -4.69 -22.57 42.71
N ILE D 277 -5.95 -22.46 43.13
CA ILE D 277 -6.39 -22.77 44.52
C ILE D 277 -7.12 -24.11 44.48
N GLU D 278 -6.62 -25.08 45.24
CA GLU D 278 -7.09 -26.49 45.18
C GLU D 278 -7.30 -27.03 46.60
N ASN D 279 -7.89 -28.22 46.66
CA ASN D 279 -8.39 -28.87 47.89
C ASN D 279 -7.89 -30.31 47.90
N THR D 280 -6.98 -30.64 48.82
CA THR D 280 -6.39 -31.99 49.00
C THR D 280 -7.45 -32.98 49.51
N ALA D 281 -8.53 -32.48 50.11
CA ALA D 281 -9.49 -33.30 50.86
C ALA D 281 -10.44 -34.06 49.92
N ILE D 282 -10.82 -33.49 48.76
CA ILE D 282 -11.85 -34.09 47.86
C ILE D 282 -11.16 -34.97 46.81
N ASP D 283 -11.39 -36.28 46.84
CA ASP D 283 -10.71 -37.27 45.98
C ASP D 283 -10.98 -36.97 44.50
N TYR D 284 -12.21 -36.57 44.14
CA TYR D 284 -12.71 -36.45 42.74
C TYR D 284 -11.96 -35.36 41.96
N LEU D 285 -11.31 -34.43 42.69
CA LEU D 285 -10.43 -33.39 42.11
C LEU D 285 -9.11 -34.01 41.64
N GLY D 286 -8.69 -35.10 42.28
CA GLY D 286 -7.40 -35.76 42.05
C GLY D 286 -6.23 -34.95 42.62
N PRO D 287 -6.14 -34.79 43.95
CA PRO D 287 -5.12 -33.94 44.57
C PRO D 287 -3.69 -34.13 44.04
N THR D 288 -3.21 -35.35 43.87
CA THR D 288 -1.81 -35.63 43.43
C THR D 288 -1.66 -35.32 41.93
N SER D 289 -2.71 -35.45 41.14
CA SER D 289 -2.72 -35.03 39.72
C SER D 289 -2.52 -33.51 39.64
N ASN D 290 -3.41 -32.75 40.25
CA ASN D 290 -3.35 -31.27 40.31
C ASN D 290 -1.92 -30.83 40.58
N TYR D 291 -1.28 -31.37 41.63
CA TYR D 291 0.04 -30.89 42.10
C TYR D 291 1.12 -31.21 41.06
N HIS D 292 1.17 -32.46 40.60
CA HIS D 292 2.24 -32.97 39.68
C HIS D 292 2.07 -32.34 38.30
N CYS D 293 0.83 -32.15 37.87
CA CYS D 293 0.42 -31.54 36.57
C CYS D 293 0.85 -30.08 36.53
N ALA D 294 0.46 -29.31 37.56
CA ALA D 294 0.84 -27.89 37.73
C ALA D 294 2.36 -27.76 37.70
N THR D 295 3.06 -28.59 38.48
CA THR D 295 4.52 -28.54 38.67
C THR D 295 5.23 -28.72 37.32
N ALA D 296 4.63 -29.51 36.43
CA ALA D 296 5.10 -29.76 35.05
C ALA D 296 4.83 -28.53 34.17
N GLY D 297 3.63 -27.95 34.31
CA GLY D 297 3.24 -26.73 33.58
C GLY D 297 4.20 -25.59 33.86
N ARG D 298 4.67 -25.46 35.11
CA ARG D 298 5.50 -24.33 35.60
C ARG D 298 6.91 -24.40 34.99
N LYS D 299 7.27 -25.55 34.42
CA LYS D 299 8.58 -25.76 33.76
C LYS D 299 8.72 -24.77 32.59
N VAL D 300 7.62 -24.46 31.90
CA VAL D 300 7.61 -23.53 30.74
C VAL D 300 7.82 -22.11 31.29
N HIS D 301 7.07 -21.74 32.32
CA HIS D 301 7.28 -20.48 33.10
C HIS D 301 8.77 -20.37 33.51
N GLU D 302 9.36 -21.48 34.00
CA GLU D 302 10.77 -21.53 34.50
C GLU D 302 11.75 -21.21 33.36
N ALA D 303 11.60 -21.88 32.22
CA ALA D 303 12.42 -21.68 31.00
C ALA D 303 12.39 -20.20 30.61
N LEU D 304 11.20 -19.61 30.51
CA LEU D 304 10.95 -18.21 30.05
C LEU D 304 11.15 -17.21 31.20
N GLY D 305 11.68 -17.65 32.36
CA GLY D 305 12.08 -16.78 33.48
C GLY D 305 10.92 -16.05 34.15
N VAL D 306 9.68 -16.56 33.99
CA VAL D 306 8.44 -15.98 34.58
C VAL D 306 7.81 -17.00 35.54
N LYS D 307 8.67 -17.77 36.22
CA LYS D 307 8.30 -18.83 37.19
C LYS D 307 7.25 -18.28 38.17
N ASP D 308 7.49 -17.11 38.74
CA ASP D 308 6.70 -16.58 39.89
C ASP D 308 5.33 -16.04 39.44
N TYR D 309 5.01 -16.08 38.15
CA TYR D 309 3.67 -15.66 37.62
C TYR D 309 2.68 -16.82 37.77
N PHE D 310 3.16 -18.02 38.09
CA PHE D 310 2.33 -19.24 38.30
C PHE D 310 2.43 -19.67 39.78
N GLY D 311 1.32 -19.51 40.51
CA GLY D 311 1.18 -19.93 41.91
C GLY D 311 0.31 -21.17 42.05
N PHE D 312 0.59 -21.99 43.07
CA PHE D 312 -0.15 -23.24 43.42
C PHE D 312 -0.32 -23.34 44.94
N SER D 313 -1.57 -23.48 45.37
CA SER D 313 -1.95 -23.64 46.78
C SER D 313 -3.03 -24.72 46.91
N GLN D 314 -2.68 -25.80 47.62
CA GLN D 314 -3.55 -26.95 47.97
C GLN D 314 -3.70 -27.00 49.48
N ASN D 315 -4.95 -26.97 49.95
CA ASN D 315 -5.29 -26.90 51.39
C ASN D 315 -6.42 -27.92 51.63
N SER D 316 -6.40 -28.60 52.76
CA SER D 316 -7.41 -29.62 53.13
C SER D 316 -8.61 -28.93 53.79
N HIS D 317 -9.81 -29.14 53.24
CA HIS D 317 -11.08 -28.69 53.86
C HIS D 317 -12.25 -29.51 53.32
N SER D 318 -13.17 -29.88 54.22
CA SER D 318 -14.31 -30.80 53.95
C SER D 318 -15.26 -30.17 52.93
N ASP D 319 -15.48 -28.85 53.02
CA ASP D 319 -16.51 -28.10 52.25
C ASP D 319 -15.94 -27.78 50.87
N HIS D 320 -16.64 -28.21 49.82
CA HIS D 320 -16.35 -27.84 48.42
C HIS D 320 -16.59 -26.34 48.27
N CYS D 321 -15.58 -25.59 47.81
CA CYS D 321 -15.67 -24.18 47.32
C CYS D 321 -15.64 -23.20 48.49
N GLY D 322 -15.48 -23.65 49.72
CA GLY D 322 -15.33 -22.75 50.89
C GLY D 322 -13.90 -22.29 51.01
N PHE D 323 -13.62 -21.03 50.66
CA PHE D 323 -12.22 -20.50 50.71
C PHE D 323 -11.75 -20.48 52.17
N PRO D 324 -10.66 -21.21 52.51
CA PRO D 324 -10.08 -21.13 53.84
C PRO D 324 -9.25 -19.86 54.02
N LYS D 325 -9.11 -19.41 55.27
CA LYS D 325 -8.32 -18.21 55.66
C LYS D 325 -6.83 -18.52 55.49
N ALA D 326 -6.46 -19.80 55.51
CA ALA D 326 -5.04 -20.21 55.38
C ALA D 326 -4.49 -19.81 54.00
N GLN D 327 -5.36 -19.73 52.99
CA GLN D 327 -4.94 -19.49 51.58
C GLN D 327 -5.00 -17.99 51.24
N GLN D 328 -5.42 -17.14 52.19
CA GLN D 328 -5.66 -15.68 51.96
C GLN D 328 -4.36 -14.98 51.58
N PRO D 329 -3.24 -15.10 52.34
CA PRO D 329 -2.01 -14.36 52.02
C PRO D 329 -1.61 -14.50 50.53
N GLU D 330 -1.75 -15.72 49.99
CA GLU D 330 -1.39 -16.12 48.61
C GLU D 330 -2.34 -15.42 47.61
N LEU D 331 -3.65 -15.44 47.88
CA LEU D 331 -4.68 -14.80 47.03
C LEU D 331 -4.50 -13.28 47.05
N THR D 332 -4.27 -12.72 48.23
CA THR D 332 -4.06 -11.26 48.43
C THR D 332 -2.87 -10.83 47.55
N ALA D 333 -1.74 -11.55 47.64
CA ALA D 333 -0.47 -11.26 46.93
C ALA D 333 -0.69 -11.23 45.41
N PHE D 334 -1.44 -12.18 44.85
CA PHE D 334 -1.68 -12.29 43.39
C PHE D 334 -2.64 -11.18 42.93
N ILE D 335 -3.66 -10.88 43.73
CA ILE D 335 -4.58 -9.74 43.47
C ILE D 335 -3.76 -8.45 43.53
N GLU D 336 -2.88 -8.32 44.53
CA GLU D 336 -2.01 -7.13 44.72
C GLU D 336 -1.14 -6.91 43.48
N ARG D 337 -0.35 -7.91 43.07
CA ARG D 337 0.62 -7.78 41.96
C ARG D 337 -0.11 -7.47 40.65
N PHE D 338 -1.11 -8.27 40.28
CA PHE D 338 -1.63 -8.35 38.90
C PHE D 338 -2.93 -7.55 38.70
N LEU D 339 -3.59 -7.09 39.76
CA LEU D 339 -4.84 -6.28 39.64
C LEU D 339 -4.66 -4.91 40.29
N LEU D 340 -4.14 -4.84 41.52
CA LEU D 340 -3.96 -3.56 42.26
C LEU D 340 -2.62 -2.92 41.90
N ALA D 341 -1.92 -3.46 40.89
CA ALA D 341 -0.68 -2.90 40.31
C ALA D 341 0.36 -2.62 41.42
N LYS D 342 0.34 -3.38 42.51
CA LYS D 342 1.33 -3.27 43.61
C LYS D 342 2.55 -4.12 43.25
N ASP D 343 3.58 -4.08 44.09
CA ASP D 343 4.94 -4.57 43.75
C ASP D 343 5.34 -5.71 44.69
N THR D 344 4.39 -6.58 45.03
CA THR D 344 4.53 -7.64 46.07
C THR D 344 4.94 -8.96 45.41
N LYS D 345 5.76 -9.76 46.10
CA LYS D 345 6.31 -11.07 45.63
C LYS D 345 5.18 -12.10 45.57
N THR D 346 5.29 -13.04 44.63
CA THR D 346 4.25 -14.08 44.33
C THR D 346 4.88 -15.44 44.01
N ASP D 347 5.96 -15.79 44.71
CA ASP D 347 6.56 -17.16 44.68
C ASP D 347 5.82 -18.02 45.71
N VAL D 348 4.68 -18.57 45.29
CA VAL D 348 3.78 -19.42 46.13
C VAL D 348 3.63 -20.78 45.44
N TRP D 349 4.14 -21.84 46.06
CA TRP D 349 4.08 -23.23 45.55
C TRP D 349 4.08 -24.20 46.75
N LYS D 350 2.88 -24.57 47.20
CA LYS D 350 2.67 -25.34 48.46
C LYS D 350 1.48 -26.28 48.32
N THR D 351 1.59 -27.47 48.92
CA THR D 351 0.48 -28.39 49.25
C THR D 351 0.64 -28.84 50.70
N ASP D 352 -0.47 -29.10 51.39
CA ASP D 352 -0.48 -29.74 52.73
C ASP D 352 -0.85 -31.22 52.56
N GLY D 353 -0.80 -31.72 51.33
CA GLY D 353 -1.14 -33.12 50.97
C GLY D 353 -0.11 -34.12 51.48
N LYS D 354 -0.59 -35.31 51.86
CA LYS D 354 0.20 -36.44 52.45
C LYS D 354 0.54 -37.49 51.39
N PHE D 355 0.16 -37.27 50.12
CA PHE D 355 0.54 -38.16 48.99
C PHE D 355 2.04 -37.96 48.67
N THR D 356 2.57 -38.82 47.82
CA THR D 356 4.01 -38.92 47.50
C THR D 356 4.36 -37.85 46.45
N ILE D 357 5.44 -37.13 46.64
CA ILE D 357 5.79 -36.09 45.64
C ILE D 357 7.01 -36.57 44.88
N ASP D 358 6.79 -37.18 43.73
CA ASP D 358 7.85 -37.61 42.79
C ASP D 358 7.60 -37.01 41.39
N GLU D 359 8.36 -35.99 41.03
CA GLU D 359 8.31 -35.32 39.69
C GLU D 359 8.72 -36.32 38.59
N ARG D 360 9.91 -36.93 38.73
CA ARG D 360 10.56 -37.75 37.67
C ARG D 360 9.57 -38.82 37.18
N ARG D 361 8.56 -39.15 37.97
CA ARG D 361 7.49 -40.13 37.63
C ARG D 361 6.73 -39.70 36.38
N TRP D 362 6.59 -38.39 36.16
CA TRP D 362 5.73 -37.77 35.12
C TRP D 362 6.54 -36.93 34.12
N ILE D 363 7.75 -36.52 34.52
CA ILE D 363 8.61 -35.54 33.78
C ILE D 363 9.98 -36.19 33.50
N ASP D 364 10.15 -36.70 32.28
CA ASP D 364 11.42 -37.30 31.75
C ASP D 364 12.05 -36.32 30.74
N TRP D 365 11.91 -35.01 30.95
CA TRP D 365 12.45 -33.94 30.06
C TRP D 365 12.98 -32.76 30.88
N ALA D 366 14.02 -32.09 30.36
CA ALA D 366 14.78 -31.02 31.07
C ALA D 366 14.32 -29.63 30.60
N VAL D 367 14.36 -28.65 31.51
CA VAL D 367 14.05 -27.22 31.23
C VAL D 367 15.18 -26.66 30.38
N PRO D 368 14.96 -26.33 29.10
CA PRO D 368 16.03 -25.82 28.24
C PRO D 368 16.32 -24.36 28.58
N SER D 369 17.57 -23.93 28.38
CA SER D 369 17.97 -22.49 28.40
C SER D 369 17.58 -21.90 27.04
N LEU D 370 16.61 -20.99 27.06
CA LEU D 370 16.08 -20.33 25.84
C LEU D 370 16.85 -19.02 25.62
N SER D 371 17.57 -18.90 24.50
CA SER D 371 18.42 -17.75 24.11
C SER D 371 17.64 -16.81 23.17
N GLY D 372 17.76 -15.50 23.41
CA GLY D 372 16.82 -14.46 22.97
C GLY D 372 16.40 -13.62 24.17
N LEU D 373 16.51 -14.21 25.37
CA LEU D 373 16.35 -13.58 26.72
C LEU D 373 17.70 -13.68 27.47
#